data_2RQW
#
_entry.id   2RQW
#
loop_
_entity.id
_entity.type
_entity.pdbx_description
1 polymer 'Bud emergence protein 1'
2 polymer '24-meric peptide from Serine/threonine-protein kinase STE20'
#
loop_
_entity_poly.entity_id
_entity_poly.type
_entity_poly.pdbx_seq_one_letter_code
_entity_poly.pdbx_strand_id
1 'polypeptide(L)'
;GSLYAIVLYDFKAEKADELTTYVGENLFICAHHNCEWFIAKPIGRLGGPGLVPVGFVSIIDIATGYATGNDVIEDIKSVN
LPTVQEWKSNIARYKASNISLGSVE
;
A
2 'polypeptide(L)' SSSANGKFIPSRPAPKPPSSASAS B
#
# COMPACT_ATOMS: atom_id res chain seq x y z
N GLY A 1 4.79 -0.48 16.10
CA GLY A 1 3.76 -0.03 15.16
C GLY A 1 4.22 -0.26 13.71
N SER A 2 3.71 0.57 12.82
CA SER A 2 4.04 0.46 11.42
C SER A 2 3.61 1.73 10.67
N LEU A 3 4.60 2.49 10.25
CA LEU A 3 4.33 3.73 9.53
C LEU A 3 4.97 3.66 8.14
N TYR A 4 5.67 2.56 7.90
CA TYR A 4 6.33 2.35 6.64
C TYR A 4 6.19 0.90 6.17
N ALA A 5 6.69 0.64 4.97
CA ALA A 5 6.61 -0.70 4.40
C ALA A 5 8.01 -1.12 3.93
N ILE A 6 8.17 -2.41 3.76
CA ILE A 6 9.45 -2.96 3.31
C ILE A 6 9.19 -4.17 2.41
N VAL A 7 9.74 -4.09 1.21
CA VAL A 7 9.59 -5.16 0.24
C VAL A 7 10.63 -6.25 0.52
N LEU A 8 10.13 -7.47 0.65
CA LEU A 8 11.01 -8.61 0.92
C LEU A 8 11.29 -9.35 -0.38
N TYR A 9 10.65 -8.87 -1.45
CA TYR A 9 10.83 -9.48 -2.76
C TYR A 9 10.61 -8.45 -3.87
N ASP A 10 11.18 -8.76 -5.03
CA ASP A 10 11.05 -7.87 -6.18
C ASP A 10 9.96 -8.41 -7.12
N PHE A 11 9.24 -7.48 -7.71
CA PHE A 11 8.16 -7.84 -8.63
C PHE A 11 8.13 -6.89 -9.82
N LYS A 12 8.09 -7.48 -11.01
CA LYS A 12 8.05 -6.69 -12.24
C LYS A 12 6.69 -5.99 -12.34
N ALA A 13 6.77 -4.69 -12.62
CA ALA A 13 5.57 -3.89 -12.75
C ALA A 13 5.35 -3.51 -14.22
N GLU A 14 4.10 -3.57 -14.65
CA GLU A 14 3.77 -3.25 -16.02
C GLU A 14 2.40 -2.56 -16.07
N LYS A 15 1.96 -2.09 -14.91
CA LYS A 15 0.67 -1.42 -14.81
C LYS A 15 0.89 0.10 -14.93
N ALA A 16 -0.20 0.83 -14.77
CA ALA A 16 -0.14 2.28 -14.84
C ALA A 16 0.77 2.81 -13.74
N ASP A 17 0.80 2.08 -12.64
CA ASP A 17 1.63 2.46 -11.50
C ASP A 17 2.85 1.56 -11.46
N GLU A 18 3.11 0.88 -12.56
CA GLU A 18 4.24 -0.01 -12.65
C GLU A 18 5.43 0.55 -11.88
N LEU A 19 5.72 -0.07 -10.75
CA LEU A 19 6.83 0.35 -9.91
C LEU A 19 7.85 -0.78 -9.79
N THR A 20 8.99 -0.57 -10.40
CA THR A 20 10.05 -1.56 -10.37
C THR A 20 10.91 -1.40 -9.11
N THR A 21 10.74 -2.36 -8.20
CA THR A 21 11.48 -2.33 -6.96
C THR A 21 12.37 -3.57 -6.84
N TYR A 22 13.12 -3.62 -5.75
CA TYR A 22 14.01 -4.75 -5.50
C TYR A 22 13.67 -5.43 -4.18
N VAL A 23 14.18 -6.65 -4.04
CA VAL A 23 13.93 -7.44 -2.84
C VAL A 23 14.59 -6.74 -1.65
N GLY A 24 13.96 -6.88 -0.49
CA GLY A 24 14.47 -6.27 0.72
C GLY A 24 14.71 -4.77 0.53
N GLU A 25 13.63 -4.06 0.25
CA GLU A 25 13.71 -2.62 0.03
C GLU A 25 12.72 -1.90 0.94
N ASN A 26 12.97 -0.61 1.11
CA ASN A 26 12.10 0.21 1.95
C ASN A 26 11.16 1.03 1.06
N LEU A 27 9.93 1.16 1.53
CA LEU A 27 8.93 1.91 0.79
C LEU A 27 7.80 2.33 1.73
N PHE A 28 7.31 3.54 1.53
CA PHE A 28 6.24 4.06 2.36
C PHE A 28 4.92 4.08 1.59
N ILE A 29 3.91 3.47 2.20
CA ILE A 29 2.59 3.40 1.60
C ILE A 29 2.04 4.81 1.44
N CYS A 30 1.15 4.97 0.47
CA CYS A 30 0.54 6.26 0.20
C CYS A 30 -0.96 6.05 -0.02
N ALA A 31 -1.26 5.07 -0.86
CA ALA A 31 -2.65 4.75 -1.17
C ALA A 31 -2.87 3.25 -1.01
N HIS A 32 -4.13 2.87 -1.07
CA HIS A 32 -4.49 1.46 -0.93
C HIS A 32 -5.78 1.19 -1.72
N HIS A 33 -5.85 -0.03 -2.24
CA HIS A 33 -7.01 -0.44 -3.01
C HIS A 33 -7.19 -1.95 -2.92
N ASN A 34 -8.44 -2.36 -2.78
CA ASN A 34 -8.77 -3.77 -2.67
C ASN A 34 -7.93 -4.39 -1.55
N CYS A 35 -7.49 -3.54 -0.64
CA CYS A 35 -6.68 -3.99 0.48
C CYS A 35 -5.69 -5.04 -0.03
N GLU A 36 -5.33 -4.90 -1.31
CA GLU A 36 -4.39 -5.83 -1.93
C GLU A 36 -3.25 -5.06 -2.59
N TRP A 37 -3.62 -3.95 -3.22
CA TRP A 37 -2.63 -3.12 -3.90
C TRP A 37 -2.48 -1.83 -3.10
N PHE A 38 -1.23 -1.47 -2.86
CA PHE A 38 -0.93 -0.26 -2.11
C PHE A 38 0.01 0.66 -2.89
N ILE A 39 -0.33 1.94 -2.91
CA ILE A 39 0.48 2.92 -3.61
C ILE A 39 1.49 3.54 -2.64
N ALA A 40 2.67 2.95 -2.61
CA ALA A 40 3.73 3.43 -1.74
C ALA A 40 4.66 4.34 -2.54
N LYS A 41 5.76 4.72 -1.89
CA LYS A 41 6.74 5.59 -2.51
C LYS A 41 8.11 5.37 -1.87
N PRO A 42 9.16 5.38 -2.73
CA PRO A 42 10.52 5.19 -2.25
C PRO A 42 11.03 6.43 -1.53
N ILE A 43 12.26 6.32 -1.02
CA ILE A 43 12.87 7.43 -0.30
C ILE A 43 14.07 7.93 -1.10
N GLY A 44 13.98 7.78 -2.41
CA GLY A 44 15.05 8.22 -3.29
C GLY A 44 14.81 9.65 -3.78
N ARG A 45 14.71 9.78 -5.10
CA ARG A 45 14.48 11.09 -5.70
C ARG A 45 13.48 10.98 -6.85
N LEU A 46 12.55 11.92 -6.89
CA LEU A 46 11.53 11.92 -7.93
C LEU A 46 10.96 10.52 -8.09
N GLY A 47 10.92 9.80 -6.97
CA GLY A 47 10.39 8.45 -6.98
C GLY A 47 8.92 8.42 -6.53
N GLY A 48 8.31 7.26 -6.68
CA GLY A 48 6.92 7.10 -6.30
C GLY A 48 6.05 8.18 -6.94
N PRO A 49 4.71 8.06 -6.69
CA PRO A 49 4.19 6.98 -5.88
C PRO A 49 4.20 5.66 -6.66
N GLY A 50 4.87 4.68 -6.07
CA GLY A 50 4.96 3.36 -6.69
C GLY A 50 3.92 2.41 -6.11
N LEU A 51 3.47 1.49 -6.95
CA LEU A 51 2.48 0.50 -6.53
C LEU A 51 3.19 -0.71 -5.92
N VAL A 52 2.54 -1.30 -4.93
CA VAL A 52 3.10 -2.47 -4.27
C VAL A 52 1.98 -3.21 -3.53
N PRO A 53 1.90 -4.53 -3.81
CA PRO A 53 0.89 -5.37 -3.18
C PRO A 53 1.24 -5.66 -1.73
N VAL A 54 0.35 -6.37 -1.06
CA VAL A 54 0.55 -6.74 0.33
C VAL A 54 1.14 -8.14 0.41
N GLY A 55 1.43 -8.70 -0.76
CA GLY A 55 1.99 -10.03 -0.83
C GLY A 55 3.47 -9.99 -1.24
N PHE A 56 3.96 -8.77 -1.43
CA PHE A 56 5.34 -8.58 -1.82
C PHE A 56 6.01 -7.51 -0.95
N VAL A 57 5.29 -7.11 0.09
CA VAL A 57 5.80 -6.09 1.00
C VAL A 57 5.18 -6.30 2.39
N SER A 58 5.90 -5.84 3.39
CA SER A 58 5.44 -5.97 4.76
C SER A 58 5.37 -4.59 5.43
N ILE A 59 4.40 -4.45 6.32
CA ILE A 59 4.21 -3.20 7.04
C ILE A 59 5.03 -3.23 8.33
N ILE A 60 5.81 -2.18 8.53
CA ILE A 60 6.63 -2.08 9.72
C ILE A 60 6.87 -0.60 10.04
N ASP A 61 7.65 -0.37 11.10
CA ASP A 61 7.96 0.98 11.52
C ASP A 61 9.48 1.14 11.64
N ILE A 62 10.19 0.20 11.04
CA ILE A 62 11.64 0.22 11.08
C ILE A 62 12.10 0.54 12.50
N ALA A 63 11.28 0.15 13.46
CA ALA A 63 11.60 0.38 14.87
C ALA A 63 11.91 -0.95 15.54
N THR A 64 10.87 -1.76 15.69
CA THR A 64 11.02 -3.06 16.32
C THR A 64 9.88 -3.98 15.91
N GLY A 65 10.12 -5.28 16.08
CA GLY A 65 9.13 -6.28 15.73
C GLY A 65 8.66 -6.09 14.29
N TYR A 66 7.65 -6.88 13.92
CA TYR A 66 7.10 -6.82 12.58
C TYR A 66 5.59 -6.56 12.61
N ALA A 67 5.20 -5.41 12.09
CA ALA A 67 3.80 -5.04 12.04
C ALA A 67 3.24 -5.05 13.48
N THR A 68 4.14 -4.87 14.43
CA THR A 68 3.75 -4.84 15.83
C THR A 68 2.80 -6.01 16.14
N GLY A 69 2.92 -7.05 15.34
CA GLY A 69 2.08 -8.23 15.51
C GLY A 69 0.64 -7.94 15.09
N ASN A 70 0.51 -7.19 14.00
CA ASN A 70 -0.79 -6.84 13.48
C ASN A 70 -0.83 -7.12 11.97
N ASP A 71 -2.04 -7.19 11.45
CA ASP A 71 -2.23 -7.44 10.03
C ASP A 71 -2.25 -6.11 9.27
N VAL A 72 -1.72 -6.14 8.06
CA VAL A 72 -1.66 -4.96 7.23
C VAL A 72 -3.06 -4.36 7.10
N ILE A 73 -4.04 -5.26 6.95
CA ILE A 73 -5.42 -4.84 6.82
C ILE A 73 -5.91 -4.27 8.15
N GLU A 74 -5.35 -4.80 9.23
CA GLU A 74 -5.72 -4.36 10.55
C GLU A 74 -5.01 -3.05 10.89
N ASP A 75 -3.93 -2.79 10.18
CA ASP A 75 -3.17 -1.57 10.39
C ASP A 75 -3.73 -0.46 9.50
N ILE A 76 -4.53 -0.87 8.52
CA ILE A 76 -5.13 0.07 7.60
C ILE A 76 -6.24 0.85 8.32
N LYS A 77 -7.31 0.14 8.62
CA LYS A 77 -8.44 0.74 9.32
C LYS A 77 -7.93 1.52 10.53
N SER A 78 -6.84 1.02 11.09
CA SER A 78 -6.24 1.65 12.26
C SER A 78 -6.11 3.17 12.03
N VAL A 79 -5.54 3.50 10.88
CA VAL A 79 -5.36 4.90 10.54
C VAL A 79 -6.57 5.40 9.74
N ASN A 80 -7.36 4.44 9.29
CA ASN A 80 -8.55 4.76 8.53
C ASN A 80 -8.16 5.58 7.29
N LEU A 81 -7.15 5.08 6.59
CA LEU A 81 -6.68 5.75 5.39
C LEU A 81 -7.72 5.60 4.28
N PRO A 82 -7.85 6.68 3.47
CA PRO A 82 -8.80 6.69 2.37
C PRO A 82 -8.28 5.85 1.20
N THR A 83 -9.22 5.35 0.41
CA THR A 83 -8.88 4.52 -0.74
C THR A 83 -7.97 5.31 -1.70
N VAL A 84 -7.53 4.62 -2.73
CA VAL A 84 -6.66 5.23 -3.72
C VAL A 84 -7.51 6.11 -4.65
N GLN A 85 -8.56 5.52 -5.18
CA GLN A 85 -9.45 6.24 -6.08
C GLN A 85 -10.27 7.27 -5.31
N GLU A 86 -10.26 7.12 -3.99
CA GLU A 86 -10.99 8.04 -3.13
C GLU A 86 -10.09 9.18 -2.68
N TRP A 87 -8.88 8.82 -2.29
CA TRP A 87 -7.90 9.81 -1.83
C TRP A 87 -7.47 10.63 -3.04
N LYS A 88 -7.04 9.93 -4.08
CA LYS A 88 -6.60 10.59 -5.29
C LYS A 88 -7.78 11.34 -5.92
N SER A 89 -8.98 10.90 -5.57
CA SER A 89 -10.19 11.53 -6.08
C SER A 89 -10.02 13.05 -6.10
N ASN A 90 -9.23 13.54 -5.14
CA ASN A 90 -8.98 14.97 -5.05
C ASN A 90 -7.96 15.23 -3.94
N ILE A 91 -6.76 15.61 -4.36
CA ILE A 91 -5.70 15.89 -3.42
C ILE A 91 -6.17 16.94 -2.41
N ALA A 92 -6.73 18.01 -2.95
CA ALA A 92 -7.23 19.09 -2.10
C ALA A 92 -8.02 18.50 -0.94
N ARG A 93 -7.34 18.38 0.19
CA ARG A 93 -7.97 17.84 1.39
C ARG A 93 -6.99 17.89 2.57
N TYR A 94 -7.35 17.16 3.62
CA TYR A 94 -6.52 17.11 4.81
C TYR A 94 -7.05 16.08 5.81
N LYS A 95 -6.15 15.22 6.25
CA LYS A 95 -6.52 14.18 7.20
C LYS A 95 -5.94 14.53 8.58
N ALA A 96 -6.74 14.28 9.61
CA ALA A 96 -6.32 14.56 10.97
C ALA A 96 -6.04 13.25 11.69
N SER A 97 -5.31 13.36 12.79
CA SER A 97 -4.96 12.20 13.58
C SER A 97 -5.05 12.53 15.07
N ASN A 98 -5.52 11.55 15.83
CA ASN A 98 -5.67 11.72 17.26
C ASN A 98 -4.30 11.68 17.92
N ILE A 99 -4.17 12.40 19.02
CA ILE A 99 -2.92 12.46 19.75
C ILE A 99 -2.81 11.22 20.66
N SER A 100 -1.73 10.49 20.47
CA SER A 100 -1.48 9.29 21.26
C SER A 100 0.02 8.97 21.28
N LEU A 101 0.53 8.83 22.50
CA LEU A 101 1.93 8.53 22.67
C LEU A 101 2.08 7.22 23.46
N GLY A 102 3.00 6.39 22.99
CA GLY A 102 3.23 5.10 23.62
C GLY A 102 4.39 5.20 24.61
N SER A 103 4.44 4.23 25.52
CA SER A 103 5.49 4.19 26.53
C SER A 103 6.62 3.27 26.07
N VAL A 104 7.09 3.52 24.86
CA VAL A 104 8.16 2.72 24.30
C VAL A 104 8.81 3.49 23.14
N GLU A 105 10.10 3.74 23.29
CA GLU A 105 10.85 4.47 22.28
C GLU A 105 10.75 3.74 20.93
N SER B 1 -18.99 -4.41 -12.83
CA SER B 1 -19.50 -3.50 -13.84
C SER B 1 -19.29 -2.05 -13.40
N SER B 2 -18.12 -1.80 -12.86
CA SER B 2 -17.79 -0.46 -12.39
C SER B 2 -16.48 0.02 -13.05
N SER B 3 -16.40 1.32 -13.23
CA SER B 3 -15.22 1.92 -13.85
C SER B 3 -14.22 2.32 -12.77
N ALA B 4 -13.14 2.96 -13.21
CA ALA B 4 -12.10 3.40 -12.30
C ALA B 4 -11.97 4.91 -12.39
N ASN B 5 -11.55 5.50 -11.27
CA ASN B 5 -11.37 6.94 -11.20
C ASN B 5 -9.89 7.26 -11.00
N GLY B 6 -9.25 6.45 -10.17
CA GLY B 6 -7.84 6.63 -9.87
C GLY B 6 -6.99 6.37 -11.12
N LYS B 7 -5.74 6.81 -11.05
CA LYS B 7 -4.82 6.62 -12.16
C LYS B 7 -3.75 5.60 -11.76
N PHE B 8 -3.68 5.35 -10.46
CA PHE B 8 -2.71 4.39 -9.95
C PHE B 8 -3.35 3.02 -9.74
N ILE B 9 -4.53 2.85 -10.33
CA ILE B 9 -5.24 1.60 -10.21
C ILE B 9 -4.51 0.52 -11.01
N PRO B 10 -4.47 -0.70 -10.41
CA PRO B 10 -3.80 -1.83 -11.05
C PRO B 10 -4.64 -2.38 -12.21
N SER B 11 -3.96 -3.02 -13.14
CA SER B 11 -4.62 -3.60 -14.29
C SER B 11 -4.87 -5.09 -14.07
N ARG B 12 -3.83 -5.77 -13.62
CA ARG B 12 -3.92 -7.20 -13.36
C ARG B 12 -4.27 -7.44 -11.88
N PRO B 13 -4.69 -8.70 -11.59
CA PRO B 13 -5.05 -9.08 -10.24
C PRO B 13 -3.81 -9.26 -9.37
N ALA B 14 -4.01 -9.86 -8.21
CA ALA B 14 -2.93 -10.09 -7.27
C ALA B 14 -1.92 -11.07 -7.90
N PRO B 15 -0.62 -10.71 -7.78
CA PRO B 15 0.44 -11.55 -8.32
C PRO B 15 0.66 -12.78 -7.46
N LYS B 16 1.81 -13.40 -7.66
CA LYS B 16 2.16 -14.60 -6.90
C LYS B 16 3.60 -14.48 -6.38
N PRO B 17 3.71 -13.91 -5.15
CA PRO B 17 5.02 -13.72 -4.55
C PRO B 17 5.58 -15.05 -4.02
N PRO B 18 6.93 -15.13 -3.99
CA PRO B 18 7.61 -16.34 -3.52
C PRO B 18 7.52 -16.45 -1.99
N SER B 19 7.92 -17.62 -1.50
CA SER B 19 7.90 -17.87 -0.07
C SER B 19 6.52 -17.50 0.50
N SER B 20 5.49 -17.91 -0.22
CA SER B 20 4.12 -17.64 0.20
C SER B 20 3.46 -18.93 0.68
N ALA B 21 2.21 -18.79 1.11
CA ALA B 21 1.46 -19.92 1.59
C ALA B 21 0.23 -20.13 0.70
N SER B 22 0.50 -20.30 -0.59
CA SER B 22 -0.57 -20.52 -1.56
C SER B 22 -0.19 -21.66 -2.50
N ALA B 23 -1.16 -22.51 -2.78
CA ALA B 23 -0.94 -23.64 -3.66
C ALA B 23 -1.57 -23.34 -5.03
N SER B 24 -1.02 -23.96 -6.05
CA SER B 24 -1.50 -23.78 -7.41
C SER B 24 -1.98 -25.11 -7.98
N GLY A 1 1.05 10.91 12.34
CA GLY A 1 1.49 9.53 12.36
C GLY A 1 2.48 9.25 11.23
N SER A 2 2.91 8.00 11.16
CA SER A 2 3.86 7.59 10.13
C SER A 2 3.56 6.15 9.69
N LEU A 3 4.11 5.80 8.54
CA LEU A 3 3.93 4.46 8.00
C LEU A 3 5.07 4.13 7.05
N TYR A 4 5.79 3.06 7.38
CA TYR A 4 6.92 2.63 6.56
C TYR A 4 6.74 1.18 6.11
N ALA A 5 7.10 0.93 4.85
CA ALA A 5 6.99 -0.41 4.30
C ALA A 5 8.37 -0.89 3.87
N ILE A 6 8.57 -2.19 3.96
CA ILE A 6 9.84 -2.79 3.59
C ILE A 6 9.59 -3.93 2.60
N VAL A 7 10.35 -3.92 1.51
CA VAL A 7 10.22 -4.94 0.49
C VAL A 7 11.11 -6.13 0.85
N LEU A 8 10.54 -7.32 0.74
CA LEU A 8 11.27 -8.54 1.05
C LEU A 8 11.37 -9.40 -0.21
N TYR A 9 10.75 -8.92 -1.28
CA TYR A 9 10.77 -9.63 -2.54
C TYR A 9 10.95 -8.66 -3.71
N ASP A 10 11.06 -9.24 -4.90
CA ASP A 10 11.24 -8.44 -6.10
C ASP A 10 10.40 -9.05 -7.24
N PHE A 11 9.89 -8.16 -8.08
CA PHE A 11 9.08 -8.59 -9.20
C PHE A 11 9.01 -7.50 -10.28
N LYS A 12 8.54 -7.89 -11.45
CA LYS A 12 8.42 -6.97 -12.56
C LYS A 12 6.96 -6.50 -12.67
N ALA A 13 6.81 -5.19 -12.77
CA ALA A 13 5.49 -4.59 -12.88
C ALA A 13 5.22 -4.24 -14.34
N GLU A 14 3.93 -4.13 -14.66
CA GLU A 14 3.52 -3.80 -16.02
C GLU A 14 2.12 -3.19 -16.01
N LYS A 15 1.77 -2.61 -14.87
CA LYS A 15 0.46 -1.98 -14.72
C LYS A 15 0.60 -0.47 -14.91
N ALA A 16 -0.52 0.21 -14.74
CA ALA A 16 -0.53 1.67 -14.87
C ALA A 16 0.45 2.28 -13.87
N ASP A 17 0.64 1.56 -12.77
CA ASP A 17 1.55 2.03 -11.73
C ASP A 17 2.77 1.10 -11.67
N GLU A 18 3.00 0.41 -12.78
CA GLU A 18 4.12 -0.51 -12.87
C GLU A 18 5.32 0.06 -12.11
N LEU A 19 5.65 -0.62 -11.01
CA LEU A 19 6.78 -0.19 -10.20
C LEU A 19 7.65 -1.40 -9.87
N THR A 20 8.83 -1.42 -10.49
CA THR A 20 9.77 -2.51 -10.27
C THR A 20 10.64 -2.23 -9.05
N THR A 21 10.77 -3.26 -8.21
CA THR A 21 11.57 -3.14 -7.00
C THR A 21 12.33 -4.44 -6.74
N TYR A 22 13.31 -4.35 -5.85
CA TYR A 22 14.11 -5.51 -5.50
C TYR A 22 13.83 -5.96 -4.06
N VAL A 23 14.26 -7.17 -3.77
CA VAL A 23 14.07 -7.73 -2.44
C VAL A 23 14.80 -6.86 -1.42
N GLY A 24 14.38 -6.98 -0.17
CA GLY A 24 14.98 -6.21 0.91
C GLY A 24 15.18 -4.75 0.50
N GLU A 25 14.06 -4.05 0.40
CA GLU A 25 14.08 -2.64 0.02
C GLU A 25 13.22 -1.82 0.98
N ASN A 26 13.27 -0.51 0.78
CA ASN A 26 12.49 0.40 1.62
C ASN A 26 11.50 1.16 0.74
N LEU A 27 10.27 1.27 1.23
CA LEU A 27 9.23 1.97 0.51
C LEU A 27 8.15 2.43 1.49
N PHE A 28 7.58 3.58 1.19
CA PHE A 28 6.53 4.14 2.03
C PHE A 28 5.19 4.17 1.30
N ILE A 29 4.20 3.54 1.92
CA ILE A 29 2.87 3.48 1.34
C ILE A 29 2.29 4.90 1.29
N CYS A 30 1.39 5.10 0.34
CA CYS A 30 0.75 6.39 0.16
C CYS A 30 -0.75 6.15 -0.07
N ALA A 31 -1.04 5.23 -0.96
CA ALA A 31 -2.42 4.90 -1.27
C ALA A 31 -2.63 3.39 -1.11
N HIS A 32 -3.90 3.00 -1.12
CA HIS A 32 -4.25 1.60 -0.97
C HIS A 32 -5.55 1.31 -1.75
N HIS A 33 -5.61 0.11 -2.29
CA HIS A 33 -6.79 -0.30 -3.04
C HIS A 33 -6.98 -1.82 -2.91
N ASN A 34 -8.24 -2.22 -2.82
CA ASN A 34 -8.57 -3.62 -2.70
C ASN A 34 -7.76 -4.23 -1.55
N CYS A 35 -7.31 -3.37 -0.66
CA CYS A 35 -6.51 -3.81 0.48
C CYS A 35 -5.51 -4.86 -0.01
N GLU A 36 -5.15 -4.74 -1.28
CA GLU A 36 -4.21 -5.67 -1.88
C GLU A 36 -3.07 -4.90 -2.56
N TRP A 37 -3.45 -3.82 -3.23
CA TRP A 37 -2.46 -3.00 -3.92
C TRP A 37 -2.29 -1.71 -3.13
N PHE A 38 -1.03 -1.37 -2.90
CA PHE A 38 -0.71 -0.16 -2.15
C PHE A 38 0.24 0.74 -2.95
N ILE A 39 -0.12 2.01 -3.03
CA ILE A 39 0.68 2.98 -3.76
C ILE A 39 1.70 3.60 -2.81
N ALA A 40 2.90 3.05 -2.85
CA ALA A 40 3.98 3.53 -2.00
C ALA A 40 4.95 4.36 -2.84
N LYS A 41 6.04 4.77 -2.20
CA LYS A 41 7.06 5.56 -2.87
C LYS A 41 8.42 5.27 -2.23
N PRO A 42 9.46 5.21 -3.11
CA PRO A 42 10.81 4.95 -2.65
C PRO A 42 11.41 6.18 -1.99
N ILE A 43 12.35 5.93 -1.08
CA ILE A 43 13.01 7.01 -0.37
C ILE A 43 13.68 7.95 -1.37
N GLY A 44 13.18 9.17 -1.42
CA GLY A 44 13.72 10.16 -2.34
C GLY A 44 12.64 10.70 -3.27
N ARG A 45 12.51 12.02 -3.29
CA ARG A 45 11.52 12.66 -4.14
C ARG A 45 11.52 12.04 -5.54
N LEU A 46 12.72 11.80 -6.04
CA LEU A 46 12.87 11.21 -7.36
C LEU A 46 12.49 9.73 -7.29
N GLY A 47 11.18 9.49 -7.32
CA GLY A 47 10.68 8.13 -7.27
C GLY A 47 9.25 8.10 -6.71
N GLY A 48 8.48 7.15 -7.20
CA GLY A 48 7.10 7.00 -6.77
C GLY A 48 6.23 8.13 -7.33
N PRO A 49 4.91 8.06 -6.99
CA PRO A 49 4.40 6.98 -6.16
C PRO A 49 4.30 5.68 -6.95
N GLY A 50 4.99 4.66 -6.44
CA GLY A 50 4.98 3.36 -7.10
C GLY A 50 3.98 2.42 -6.43
N LEU A 51 3.49 1.48 -7.21
CA LEU A 51 2.54 0.51 -6.71
C LEU A 51 3.28 -0.67 -6.08
N VAL A 52 2.67 -1.23 -5.04
CA VAL A 52 3.27 -2.36 -4.35
C VAL A 52 2.18 -3.13 -3.60
N PRO A 53 2.13 -4.45 -3.87
CA PRO A 53 1.13 -5.31 -3.23
C PRO A 53 1.51 -5.58 -1.77
N VAL A 54 0.60 -6.25 -1.08
CA VAL A 54 0.82 -6.57 0.33
C VAL A 54 1.45 -7.96 0.43
N GLY A 55 1.75 -8.53 -0.73
CA GLY A 55 2.35 -9.85 -0.78
C GLY A 55 3.82 -9.77 -1.22
N PHE A 56 4.29 -8.53 -1.37
CA PHE A 56 5.66 -8.30 -1.78
C PHE A 56 6.32 -7.23 -0.92
N VAL A 57 5.61 -6.84 0.13
CA VAL A 57 6.11 -5.82 1.04
C VAL A 57 5.52 -6.06 2.43
N SER A 58 6.16 -5.45 3.42
CA SER A 58 5.72 -5.59 4.80
C SER A 58 5.57 -4.20 5.44
N ILE A 59 4.45 -4.02 6.12
CA ILE A 59 4.17 -2.75 6.77
C ILE A 59 4.90 -2.71 8.11
N ILE A 60 5.34 -1.51 8.47
CA ILE A 60 6.05 -1.32 9.72
C ILE A 60 6.11 0.17 10.05
N ASP A 61 6.33 0.45 11.33
CA ASP A 61 6.40 1.83 11.78
C ASP A 61 4.99 2.41 11.87
N ILE A 62 4.15 1.73 12.62
CA ILE A 62 2.77 2.16 12.79
C ILE A 62 2.32 1.89 14.23
N ALA A 63 2.21 2.97 14.99
CA ALA A 63 1.80 2.88 16.37
C ALA A 63 2.95 2.32 17.20
N THR A 64 4.16 2.54 16.71
CA THR A 64 5.35 2.07 17.40
C THR A 64 5.37 0.54 17.43
N GLY A 65 5.40 -0.05 16.25
CA GLY A 65 5.43 -1.50 16.14
C GLY A 65 5.21 -1.94 14.69
N TYR A 66 5.17 -3.25 14.51
CA TYR A 66 4.98 -3.82 13.18
C TYR A 66 3.50 -4.03 12.89
N ALA A 67 3.05 -3.45 11.78
CA ALA A 67 1.66 -3.56 11.39
C ALA A 67 0.76 -3.11 12.54
N THR A 68 1.31 -2.22 13.35
CA THR A 68 0.58 -1.70 14.50
C THR A 68 -0.07 -2.85 15.29
N GLY A 69 0.55 -4.01 15.18
CA GLY A 69 0.05 -5.19 15.87
C GLY A 69 -1.01 -5.92 15.04
N ASN A 70 -1.99 -5.15 14.59
CA ASN A 70 -3.07 -5.70 13.79
C ASN A 70 -2.53 -6.06 12.41
N ASP A 71 -3.40 -6.67 11.61
CA ASP A 71 -3.02 -7.07 10.26
C ASP A 71 -3.01 -5.85 9.36
N VAL A 72 -2.14 -5.90 8.35
CA VAL A 72 -2.03 -4.81 7.41
C VAL A 72 -3.42 -4.27 7.08
N ILE A 73 -4.28 -5.17 6.63
CA ILE A 73 -5.64 -4.80 6.29
C ILE A 73 -6.31 -4.12 7.48
N GLU A 74 -6.07 -4.69 8.65
CA GLU A 74 -6.63 -4.16 9.88
C GLU A 74 -6.00 -2.79 10.21
N ASP A 75 -4.90 -2.52 9.53
CA ASP A 75 -4.19 -1.26 9.73
C ASP A 75 -4.75 -0.20 8.79
N ILE A 76 -5.44 -0.68 7.76
CA ILE A 76 -6.03 0.21 6.78
C ILE A 76 -7.18 0.98 7.43
N LYS A 77 -8.25 0.26 7.74
CA LYS A 77 -9.41 0.86 8.36
C LYS A 77 -9.00 1.48 9.70
N SER A 78 -7.92 0.95 10.26
CA SER A 78 -7.42 1.44 11.53
C SER A 78 -7.32 2.97 11.50
N VAL A 79 -6.56 3.46 10.54
CA VAL A 79 -6.38 4.90 10.39
C VAL A 79 -7.41 5.43 9.39
N ASN A 80 -8.53 4.72 9.30
CA ASN A 80 -9.60 5.11 8.39
C ASN A 80 -9.00 5.59 7.07
N LEU A 81 -7.84 5.00 6.74
CA LEU A 81 -7.16 5.36 5.51
C LEU A 81 -8.08 5.07 4.32
N PRO A 82 -8.35 6.15 3.53
CA PRO A 82 -9.21 6.03 2.36
C PRO A 82 -8.48 5.33 1.21
N THR A 83 -9.25 4.82 0.28
CA THR A 83 -8.70 4.14 -0.86
C THR A 83 -7.80 5.08 -1.66
N VAL A 84 -7.25 4.54 -2.75
CA VAL A 84 -6.37 5.32 -3.61
C VAL A 84 -7.20 6.36 -4.36
N GLN A 85 -8.42 5.97 -4.70
CA GLN A 85 -9.32 6.85 -5.43
C GLN A 85 -10.07 7.77 -4.45
N GLU A 86 -10.06 7.36 -3.19
CA GLU A 86 -10.74 8.13 -2.15
C GLU A 86 -9.82 9.23 -1.63
N TRP A 87 -8.58 8.85 -1.37
CA TRP A 87 -7.59 9.79 -0.86
C TRP A 87 -7.30 10.80 -1.98
N LYS A 88 -6.91 10.27 -3.13
CA LYS A 88 -6.59 11.12 -4.27
C LYS A 88 -7.84 11.89 -4.68
N SER A 89 -8.99 11.39 -4.23
CA SER A 89 -10.26 12.02 -4.56
C SER A 89 -10.16 13.54 -4.35
N ASN A 90 -9.99 13.92 -3.10
CA ASN A 90 -9.88 15.33 -2.75
C ASN A 90 -8.70 15.52 -1.79
N ILE A 91 -7.69 16.20 -2.28
CA ILE A 91 -6.50 16.47 -1.49
C ILE A 91 -6.91 16.80 -0.05
N ALA A 92 -7.64 17.91 0.06
CA ALA A 92 -8.11 18.35 1.36
C ALA A 92 -9.33 19.26 1.19
N ARG A 93 -10.48 18.72 1.54
CA ARG A 93 -11.73 19.46 1.43
C ARG A 93 -12.40 19.59 2.79
N TYR A 94 -11.79 18.95 3.78
CA TYR A 94 -12.33 18.98 5.13
C TYR A 94 -11.38 18.27 6.11
N LYS A 95 -11.70 18.39 7.38
CA LYS A 95 -10.90 17.76 8.43
C LYS A 95 -9.42 17.93 8.08
N ALA A 96 -9.10 19.09 7.54
CA ALA A 96 -7.72 19.39 7.16
C ALA A 96 -6.78 18.87 8.24
N SER A 97 -7.28 18.84 9.47
CA SER A 97 -6.49 18.37 10.59
C SER A 97 -6.19 16.88 10.42
N ASN A 98 -5.53 16.33 11.43
CA ASN A 98 -5.18 14.92 11.41
C ASN A 98 -5.92 14.20 12.54
N ILE A 99 -6.25 12.94 12.28
CA ILE A 99 -6.95 12.14 13.26
C ILE A 99 -6.20 10.81 13.46
N SER A 100 -6.09 10.41 14.71
CA SER A 100 -5.40 9.17 15.05
C SER A 100 -6.07 8.53 16.27
N LEU A 101 -5.94 7.21 16.34
CA LEU A 101 -6.51 6.46 17.44
C LEU A 101 -5.40 5.94 18.35
N GLY A 102 -5.80 5.23 19.39
CA GLY A 102 -4.85 4.68 20.34
C GLY A 102 -4.11 3.48 19.73
N SER A 103 -3.97 2.44 20.53
CA SER A 103 -3.30 1.23 20.10
C SER A 103 -4.01 0.00 20.66
N VAL A 104 -3.41 -1.16 20.41
CA VAL A 104 -3.98 -2.41 20.88
C VAL A 104 -2.91 -3.19 21.64
N GLU A 105 -3.29 -4.38 22.09
CA GLU A 105 -2.37 -5.23 22.83
C GLU A 105 -1.27 -5.77 21.90
N SER B 1 -21.51 0.10 -7.44
CA SER B 1 -21.36 0.19 -8.88
C SER B 1 -20.97 1.62 -9.28
N SER B 2 -19.66 1.84 -9.36
CA SER B 2 -19.15 3.15 -9.73
C SER B 2 -17.93 3.00 -10.65
N SER B 3 -17.40 4.14 -11.06
CA SER B 3 -16.24 4.14 -11.94
C SER B 3 -14.97 4.37 -11.11
N ALA B 4 -13.86 4.47 -11.83
CA ALA B 4 -12.57 4.68 -11.18
C ALA B 4 -12.04 6.06 -11.55
N ASN B 5 -11.99 6.32 -12.85
CA ASN B 5 -11.51 7.59 -13.34
C ASN B 5 -10.13 7.87 -12.76
N GLY B 6 -9.41 6.79 -12.48
CA GLY B 6 -8.08 6.92 -11.91
C GLY B 6 -7.03 6.29 -12.85
N LYS B 7 -5.79 6.69 -12.65
CA LYS B 7 -4.70 6.18 -13.46
C LYS B 7 -3.69 5.47 -12.56
N PHE B 8 -4.08 5.30 -11.30
CA PHE B 8 -3.22 4.65 -10.33
C PHE B 8 -3.75 3.24 -10.00
N ILE B 9 -4.71 2.81 -10.80
CA ILE B 9 -5.31 1.49 -10.60
C ILE B 9 -4.44 0.44 -11.28
N PRO B 10 -4.33 -0.74 -10.62
CA PRO B 10 -3.54 -1.83 -11.16
C PRO B 10 -4.27 -2.52 -12.31
N SER B 11 -3.66 -3.59 -12.81
CA SER B 11 -4.23 -4.33 -13.90
C SER B 11 -4.33 -5.82 -13.54
N ARG B 12 -4.01 -6.10 -12.28
CA ARG B 12 -4.06 -7.46 -11.79
C ARG B 12 -4.58 -7.49 -10.35
N PRO B 13 -5.12 -8.68 -9.95
CA PRO B 13 -5.66 -8.85 -8.61
C PRO B 13 -4.53 -8.99 -7.58
N ALA B 14 -3.39 -9.46 -8.07
CA ALA B 14 -2.24 -9.65 -7.21
C ALA B 14 -1.24 -10.58 -7.89
N PRO B 15 0.07 -10.22 -7.74
CA PRO B 15 1.14 -11.02 -8.35
C PRO B 15 1.36 -12.31 -7.56
N LYS B 16 2.50 -12.92 -7.82
CA LYS B 16 2.85 -14.17 -7.15
C LYS B 16 4.24 -14.03 -6.53
N PRO B 17 4.27 -13.58 -5.25
CA PRO B 17 5.53 -13.41 -4.54
C PRO B 17 6.10 -14.76 -4.12
N PRO B 18 7.46 -14.83 -4.09
CA PRO B 18 8.14 -16.04 -3.71
C PRO B 18 8.08 -16.25 -2.19
N SER B 19 7.45 -17.34 -1.79
CA SER B 19 7.31 -17.67 -0.39
C SER B 19 6.11 -18.59 -0.17
N SER B 20 6.36 -19.67 0.54
CA SER B 20 5.32 -20.65 0.82
C SER B 20 4.85 -20.50 2.27
N ALA B 21 3.87 -19.64 2.46
CA ALA B 21 3.32 -19.40 3.79
C ALA B 21 2.90 -20.74 4.41
N SER B 22 2.44 -21.64 3.54
CA SER B 22 2.01 -22.95 3.99
C SER B 22 3.03 -23.53 4.97
N ALA B 23 4.29 -23.46 4.58
CA ALA B 23 5.37 -23.97 5.41
C ALA B 23 5.16 -23.51 6.86
N SER B 24 5.11 -24.48 7.76
CA SER B 24 4.93 -24.18 9.16
C SER B 24 6.28 -24.04 9.86
N GLY A 1 5.03 5.71 13.79
CA GLY A 1 5.44 7.01 13.29
C GLY A 1 5.81 6.94 11.81
N SER A 2 6.98 6.36 11.57
CA SER A 2 7.47 6.21 10.20
C SER A 2 6.92 4.93 9.58
N LEU A 3 5.61 4.77 9.71
CA LEU A 3 4.95 3.60 9.16
C LEU A 3 5.28 3.48 7.67
N TYR A 4 5.86 2.34 7.31
CA TYR A 4 6.23 2.09 5.93
C TYR A 4 6.18 0.60 5.61
N ALA A 5 6.52 0.28 4.37
CA ALA A 5 6.53 -1.10 3.93
C ALA A 5 7.95 -1.52 3.57
N ILE A 6 8.20 -2.81 3.69
CA ILE A 6 9.52 -3.35 3.39
C ILE A 6 9.38 -4.50 2.39
N VAL A 7 10.03 -4.34 1.24
CA VAL A 7 9.97 -5.35 0.21
C VAL A 7 10.86 -6.54 0.61
N LEU A 8 10.23 -7.70 0.69
CA LEU A 8 10.94 -8.91 1.07
C LEU A 8 11.27 -9.71 -0.19
N TYR A 9 10.65 -9.31 -1.29
CA TYR A 9 10.87 -9.99 -2.56
C TYR A 9 10.69 -9.02 -3.73
N ASP A 10 11.35 -9.34 -4.83
CA ASP A 10 11.26 -8.51 -6.02
C ASP A 10 9.91 -8.72 -6.69
N PHE A 11 9.52 -7.75 -7.50
CA PHE A 11 8.26 -7.81 -8.21
C PHE A 11 8.30 -6.97 -9.49
N LYS A 12 7.87 -7.60 -10.57
CA LYS A 12 7.84 -6.92 -11.86
C LYS A 12 6.51 -6.20 -12.03
N ALA A 13 6.59 -4.92 -12.33
CA ALA A 13 5.40 -4.10 -12.53
C ALA A 13 5.33 -3.66 -13.98
N GLU A 14 4.10 -3.46 -14.45
CA GLU A 14 3.88 -3.03 -15.82
C GLU A 14 2.53 -2.32 -15.93
N LYS A 15 2.08 -1.77 -14.82
CA LYS A 15 0.82 -1.07 -14.78
C LYS A 15 1.09 0.45 -14.81
N ALA A 16 0.00 1.21 -14.69
CA ALA A 16 0.11 2.65 -14.70
C ALA A 16 1.00 3.11 -13.54
N ASP A 17 1.02 2.28 -12.51
CA ASP A 17 1.83 2.59 -11.33
C ASP A 17 3.02 1.63 -11.26
N GLU A 18 3.27 0.97 -12.40
CA GLU A 18 4.38 0.03 -12.48
C GLU A 18 5.56 0.53 -11.65
N LEU A 19 5.81 -0.17 -10.56
CA LEU A 19 6.91 0.19 -9.68
C LEU A 19 7.77 -1.06 -9.41
N THR A 20 8.91 -1.10 -10.07
CA THR A 20 9.83 -2.21 -9.91
C THR A 20 10.79 -1.97 -8.75
N THR A 21 11.08 -3.03 -8.03
CA THR A 21 11.98 -2.94 -6.89
C THR A 21 12.64 -4.30 -6.61
N TYR A 22 13.72 -4.26 -5.85
CA TYR A 22 14.45 -5.46 -5.51
C TYR A 22 14.06 -5.96 -4.12
N VAL A 23 14.41 -7.21 -3.85
CA VAL A 23 14.11 -7.82 -2.56
C VAL A 23 14.75 -6.98 -1.46
N GLY A 24 14.22 -7.13 -0.25
CA GLY A 24 14.72 -6.41 0.90
C GLY A 24 14.85 -4.91 0.58
N GLU A 25 13.71 -4.27 0.41
CA GLU A 25 13.68 -2.85 0.11
C GLU A 25 12.75 -2.12 1.08
N ASN A 26 12.84 -0.80 1.05
CA ASN A 26 12.02 0.02 1.93
C ASN A 26 11.24 1.03 1.07
N LEU A 27 9.94 1.12 1.36
CA LEU A 27 9.08 2.03 0.64
C LEU A 27 8.05 2.63 1.59
N PHE A 28 7.51 3.78 1.20
CA PHE A 28 6.52 4.45 2.02
C PHE A 28 5.16 4.48 1.31
N ILE A 29 4.20 3.77 1.87
CA ILE A 29 2.86 3.72 1.31
C ILE A 29 2.22 5.10 1.40
N CYS A 30 1.21 5.30 0.56
CA CYS A 30 0.50 6.56 0.54
C CYS A 30 -0.97 6.29 0.21
N ALA A 31 -1.17 5.42 -0.78
CA ALA A 31 -2.50 5.07 -1.20
C ALA A 31 -2.70 3.56 -1.05
N HIS A 32 -3.96 3.15 -1.09
CA HIS A 32 -4.30 1.74 -0.96
C HIS A 32 -5.63 1.46 -1.65
N HIS A 33 -5.68 0.33 -2.33
CA HIS A 33 -6.89 -0.07 -3.03
C HIS A 33 -7.10 -1.57 -2.90
N ASN A 34 -8.36 -1.96 -2.76
CA ASN A 34 -8.70 -3.37 -2.63
C ASN A 34 -7.84 -4.00 -1.53
N CYS A 35 -7.33 -3.14 -0.65
CA CYS A 35 -6.50 -3.59 0.44
C CYS A 35 -5.53 -4.65 -0.10
N GLU A 36 -5.24 -4.54 -1.38
CA GLU A 36 -4.33 -5.47 -2.03
C GLU A 36 -3.19 -4.71 -2.72
N TRP A 37 -3.53 -3.56 -3.27
CA TRP A 37 -2.56 -2.74 -3.96
C TRP A 37 -2.32 -1.49 -3.11
N PHE A 38 -1.04 -1.23 -2.85
CA PHE A 38 -0.67 -0.07 -2.06
C PHE A 38 0.28 0.84 -2.84
N ILE A 39 -0.10 2.12 -2.91
CA ILE A 39 0.70 3.10 -3.62
C ILE A 39 1.72 3.71 -2.66
N ALA A 40 2.97 3.30 -2.84
CA ALA A 40 4.04 3.80 -2.00
C ALA A 40 5.04 4.58 -2.86
N LYS A 41 6.03 5.16 -2.19
CA LYS A 41 7.05 5.93 -2.88
C LYS A 41 8.38 5.79 -2.14
N PRO A 42 9.47 6.20 -2.84
CA PRO A 42 10.80 6.14 -2.25
C PRO A 42 11.00 7.23 -1.21
N ILE A 43 12.18 7.22 -0.60
CA ILE A 43 12.52 8.20 0.41
C ILE A 43 13.49 9.23 -0.18
N GLY A 44 12.98 10.02 -1.11
CA GLY A 44 13.78 11.04 -1.76
C GLY A 44 13.14 11.49 -3.07
N ARG A 45 12.89 12.79 -3.15
CA ARG A 45 12.29 13.36 -4.35
C ARG A 45 12.82 12.66 -5.60
N LEU A 46 12.05 11.70 -6.07
CA LEU A 46 12.42 10.95 -7.25
C LEU A 46 11.41 9.81 -7.48
N GLY A 47 11.04 9.64 -8.73
CA GLY A 47 10.09 8.59 -9.09
C GLY A 47 8.88 8.61 -8.15
N GLY A 48 8.21 7.47 -8.08
CA GLY A 48 7.04 7.34 -7.24
C GLY A 48 6.02 8.45 -7.54
N PRO A 49 4.81 8.31 -6.93
CA PRO A 49 4.54 7.18 -6.06
C PRO A 49 4.32 5.90 -6.88
N GLY A 50 5.04 4.85 -6.49
CA GLY A 50 4.93 3.59 -7.18
C GLY A 50 3.89 2.68 -6.50
N LEU A 51 3.47 1.66 -7.23
CA LEU A 51 2.49 0.73 -6.71
C LEU A 51 3.21 -0.51 -6.16
N VAL A 52 2.64 -1.06 -5.10
CA VAL A 52 3.22 -2.24 -4.47
C VAL A 52 2.11 -3.03 -3.76
N PRO A 53 2.03 -4.34 -4.08
CA PRO A 53 1.02 -5.20 -3.49
C PRO A 53 1.39 -5.55 -2.04
N VAL A 54 0.47 -6.24 -1.38
CA VAL A 54 0.69 -6.64 -0.01
C VAL A 54 1.21 -8.08 0.03
N GLY A 55 1.49 -8.60 -1.16
CA GLY A 55 1.99 -9.96 -1.28
C GLY A 55 3.48 -9.97 -1.63
N PHE A 56 4.02 -8.78 -1.78
CA PHE A 56 5.42 -8.63 -2.12
C PHE A 56 6.11 -7.58 -1.23
N VAL A 57 5.42 -7.25 -0.14
CA VAL A 57 5.94 -6.27 0.79
C VAL A 57 5.39 -6.55 2.19
N SER A 58 6.10 -6.06 3.19
CA SER A 58 5.68 -6.26 4.57
C SER A 58 5.65 -4.91 5.30
N ILE A 59 4.47 -4.57 5.79
CA ILE A 59 4.29 -3.33 6.51
C ILE A 59 5.12 -3.36 7.79
N ILE A 60 5.49 -2.17 8.24
CA ILE A 60 6.30 -2.05 9.46
C ILE A 60 6.66 -0.58 9.68
N ASP A 61 6.75 -0.21 10.95
CA ASP A 61 7.08 1.15 11.30
C ASP A 61 8.33 1.15 12.21
N ILE A 62 8.19 0.48 13.34
CA ILE A 62 9.29 0.39 14.28
C ILE A 62 8.95 -0.67 15.35
N ALA A 63 9.60 -1.81 15.22
CA ALA A 63 9.40 -2.90 16.16
C ALA A 63 10.36 -4.03 15.84
N THR A 64 10.25 -5.11 16.62
CA THR A 64 11.11 -6.26 16.43
C THR A 64 10.35 -7.38 15.71
N GLY A 65 9.38 -6.97 14.91
CA GLY A 65 8.58 -7.92 14.16
C GLY A 65 8.24 -7.38 12.78
N TYR A 66 7.12 -7.85 12.25
CA TYR A 66 6.67 -7.42 10.93
C TYR A 66 5.21 -6.96 10.98
N ALA A 67 4.98 -5.78 10.39
CA ALA A 67 3.65 -5.22 10.36
C ALA A 67 3.23 -4.80 11.78
N THR A 68 4.22 -4.72 12.65
CA THR A 68 3.98 -4.35 14.03
C THR A 68 3.26 -5.47 14.77
N GLY A 69 3.10 -6.58 14.08
CA GLY A 69 2.43 -7.74 14.65
C GLY A 69 0.98 -7.83 14.17
N ASN A 70 0.38 -6.67 13.94
CA ASN A 70 -0.99 -6.61 13.47
C ASN A 70 -1.04 -6.93 11.98
N ASP A 71 -2.25 -6.99 11.45
CA ASP A 71 -2.44 -7.29 10.05
C ASP A 71 -2.53 -5.97 9.26
N VAL A 72 -1.87 -5.97 8.11
CA VAL A 72 -1.87 -4.80 7.26
C VAL A 72 -3.31 -4.30 7.06
N ILE A 73 -4.20 -5.26 6.89
CA ILE A 73 -5.61 -4.94 6.69
C ILE A 73 -6.17 -4.34 7.99
N GLU A 74 -5.66 -4.84 9.11
CA GLU A 74 -6.09 -4.36 10.41
C GLU A 74 -5.37 -3.05 10.77
N ASP A 75 -4.29 -2.80 10.07
CA ASP A 75 -3.51 -1.60 10.30
C ASP A 75 -4.05 -0.47 9.42
N ILE A 76 -4.84 -0.85 8.44
CA ILE A 76 -5.44 0.12 7.53
C ILE A 76 -6.51 0.92 8.27
N LYS A 77 -7.59 0.23 8.59
CA LYS A 77 -8.69 0.87 9.29
C LYS A 77 -8.18 1.46 10.61
N SER A 78 -7.04 0.94 11.05
CA SER A 78 -6.44 1.41 12.28
C SER A 78 -6.19 2.93 12.21
N VAL A 79 -6.20 3.43 10.98
CA VAL A 79 -5.98 4.84 10.75
C VAL A 79 -7.04 5.37 9.79
N ASN A 80 -8.15 4.65 9.72
CA ASN A 80 -9.24 5.03 8.85
C ASN A 80 -8.68 5.52 7.51
N LEU A 81 -7.61 4.86 7.08
CA LEU A 81 -6.97 5.22 5.83
C LEU A 81 -7.92 4.92 4.67
N PRO A 82 -8.25 5.99 3.91
CA PRO A 82 -9.15 5.85 2.77
C PRO A 82 -8.44 5.20 1.58
N THR A 83 -9.23 4.78 0.61
CA THR A 83 -8.69 4.15 -0.57
C THR A 83 -7.90 5.16 -1.41
N VAL A 84 -7.26 4.64 -2.44
CA VAL A 84 -6.46 5.48 -3.32
C VAL A 84 -7.38 6.39 -4.12
N GLN A 85 -8.40 5.78 -4.71
CA GLN A 85 -9.36 6.53 -5.50
C GLN A 85 -10.26 7.37 -4.59
N GLU A 86 -10.23 7.04 -3.31
CA GLU A 86 -11.04 7.74 -2.32
C GLU A 86 -10.26 8.93 -1.76
N TRP A 87 -8.96 8.72 -1.59
CA TRP A 87 -8.09 9.76 -1.06
C TRP A 87 -7.76 10.73 -2.19
N LYS A 88 -7.23 10.17 -3.26
CA LYS A 88 -6.86 10.96 -4.43
C LYS A 88 -8.09 11.71 -4.94
N SER A 89 -9.26 11.25 -4.50
CA SER A 89 -10.51 11.86 -4.90
C SER A 89 -10.34 13.39 -4.97
N ASN A 90 -9.71 13.92 -3.93
CA ASN A 90 -9.48 15.36 -3.87
C ASN A 90 -9.04 15.87 -5.23
N ILE A 91 -8.05 15.20 -5.79
CA ILE A 91 -7.53 15.58 -7.09
C ILE A 91 -8.68 15.60 -8.11
N ALA A 92 -9.53 14.58 -8.01
CA ALA A 92 -10.66 14.48 -8.91
C ALA A 92 -11.93 14.93 -8.18
N ARG A 93 -12.20 16.23 -8.28
CA ARG A 93 -13.36 16.81 -7.64
C ARG A 93 -14.59 15.92 -7.87
N TYR A 94 -15.39 15.77 -6.82
CA TYR A 94 -16.59 14.96 -6.89
C TYR A 94 -17.71 15.56 -6.07
N LYS A 95 -18.83 14.86 -6.03
CA LYS A 95 -19.99 15.31 -5.28
C LYS A 95 -19.55 15.73 -3.88
N ALA A 96 -20.25 16.73 -3.35
CA ALA A 96 -19.94 17.25 -2.04
C ALA A 96 -20.58 16.33 -0.98
N SER A 97 -21.88 16.19 -1.07
CA SER A 97 -22.62 15.36 -0.15
C SER A 97 -22.12 13.92 -0.23
N ASN A 98 -21.48 13.48 0.86
CA ASN A 98 -20.95 12.13 0.91
C ASN A 98 -21.70 11.34 1.98
N ILE A 99 -22.62 12.02 2.64
CA ILE A 99 -23.41 11.40 3.70
C ILE A 99 -24.61 10.69 3.07
N SER A 100 -24.57 9.36 3.15
CA SER A 100 -25.65 8.56 2.59
C SER A 100 -25.64 7.17 3.24
N LEU A 101 -26.68 6.93 4.03
CA LEU A 101 -26.81 5.66 4.72
C LEU A 101 -28.21 5.55 5.32
N GLY A 102 -28.82 4.38 5.13
CA GLY A 102 -30.14 4.13 5.66
C GLY A 102 -30.69 2.80 5.18
N SER A 103 -30.47 1.77 5.98
CA SER A 103 -30.92 0.44 5.64
C SER A 103 -31.60 -0.21 6.84
N VAL A 104 -30.82 -0.38 7.92
CA VAL A 104 -31.33 -0.98 9.13
C VAL A 104 -30.29 -0.85 10.24
N GLU A 105 -30.77 -0.72 11.46
CA GLU A 105 -29.89 -0.61 12.61
C GLU A 105 -30.64 -0.93 13.90
N SER B 1 -16.26 -6.12 -10.28
CA SER B 1 -15.64 -4.80 -10.36
C SER B 1 -15.48 -4.21 -8.96
N SER B 2 -14.24 -4.23 -8.50
CA SER B 2 -13.93 -3.70 -7.17
C SER B 2 -13.58 -2.21 -7.27
N SER B 3 -13.81 -1.66 -8.46
CA SER B 3 -13.51 -0.26 -8.70
C SER B 3 -14.18 0.19 -10.00
N ALA B 4 -13.94 1.45 -10.34
CA ALA B 4 -14.50 2.02 -11.56
C ALA B 4 -13.37 2.41 -12.51
N ASN B 5 -12.62 3.43 -12.09
CA ASN B 5 -11.51 3.91 -12.89
C ASN B 5 -10.66 4.88 -12.05
N GLY B 6 -9.36 4.64 -12.07
CA GLY B 6 -8.44 5.47 -11.32
C GLY B 6 -7.15 5.71 -12.11
N LYS B 7 -6.24 6.45 -11.48
CA LYS B 7 -4.97 6.77 -12.12
C LYS B 7 -3.87 5.94 -11.45
N PHE B 8 -4.19 5.41 -10.28
CA PHE B 8 -3.23 4.60 -9.53
C PHE B 8 -3.68 3.14 -9.48
N ILE B 9 -4.86 2.89 -10.06
CA ILE B 9 -5.40 1.55 -10.09
C ILE B 9 -4.57 0.68 -11.04
N PRO B 10 -4.39 -0.60 -10.65
CA PRO B 10 -3.63 -1.54 -11.46
C PRO B 10 -4.44 -1.99 -12.68
N SER B 11 -3.72 -2.53 -13.65
CA SER B 11 -4.35 -3.00 -14.88
C SER B 11 -4.55 -4.51 -14.81
N ARG B 12 -3.68 -5.15 -14.05
CA ARG B 12 -3.74 -6.60 -13.89
C ARG B 12 -4.17 -6.96 -12.47
N PRO B 13 -4.46 -8.28 -12.27
CA PRO B 13 -4.89 -8.77 -10.97
C PRO B 13 -3.69 -8.85 -10.01
N ALA B 14 -3.94 -9.50 -8.88
CA ALA B 14 -2.90 -9.66 -7.87
C ALA B 14 -1.87 -10.68 -8.37
N PRO B 15 -0.57 -10.32 -8.18
CA PRO B 15 0.51 -11.20 -8.59
C PRO B 15 0.67 -12.37 -7.63
N LYS B 16 1.51 -13.32 -8.04
CA LYS B 16 1.75 -14.49 -7.21
C LYS B 16 3.20 -14.48 -6.73
N PRO B 17 3.37 -13.94 -5.48
CA PRO B 17 4.69 -13.86 -4.89
C PRO B 17 5.16 -15.23 -4.40
N PRO B 18 6.48 -15.30 -4.05
CA PRO B 18 7.07 -16.54 -3.57
C PRO B 18 6.63 -16.83 -2.14
N SER B 19 7.42 -16.33 -1.20
CA SER B 19 7.13 -16.53 0.21
C SER B 19 6.18 -15.44 0.71
N SER B 20 4.91 -15.80 0.81
CA SER B 20 3.90 -14.87 1.28
C SER B 20 2.92 -15.57 2.22
N ALA B 21 2.42 -16.72 1.75
CA ALA B 21 1.47 -17.50 2.53
C ALA B 21 2.18 -18.75 3.06
N SER B 22 2.15 -18.91 4.37
CA SER B 22 2.77 -20.05 5.01
C SER B 22 2.15 -21.35 4.47
N ALA B 23 3.01 -22.16 3.86
CA ALA B 23 2.56 -23.43 3.29
C ALA B 23 1.42 -23.16 2.31
N SER B 24 1.66 -22.23 1.39
CA SER B 24 0.66 -21.88 0.40
C SER B 24 0.10 -23.16 -0.24
N GLY A 1 2.25 7.20 13.26
CA GLY A 1 2.38 7.93 12.01
C GLY A 1 3.78 7.75 11.41
N SER A 2 4.52 6.81 11.98
CA SER A 2 5.86 6.52 11.53
C SER A 2 5.97 5.06 11.08
N LEU A 3 5.05 4.66 10.21
CA LEU A 3 5.03 3.30 9.72
C LEU A 3 5.55 3.27 8.29
N TYR A 4 6.27 2.21 7.96
CA TYR A 4 6.83 2.05 6.63
C TYR A 4 6.66 0.62 6.12
N ALA A 5 6.89 0.45 4.83
CA ALA A 5 6.76 -0.85 4.21
C ALA A 5 8.14 -1.33 3.74
N ILE A 6 8.35 -2.63 3.89
CA ILE A 6 9.62 -3.22 3.48
C ILE A 6 9.35 -4.41 2.56
N VAL A 7 9.90 -4.33 1.37
CA VAL A 7 9.73 -5.39 0.39
C VAL A 7 10.75 -6.49 0.64
N LEU A 8 10.24 -7.70 0.77
CA LEU A 8 11.10 -8.85 1.02
C LEU A 8 11.35 -9.60 -0.29
N TYR A 9 10.72 -9.09 -1.35
CA TYR A 9 10.87 -9.70 -2.67
C TYR A 9 10.61 -8.67 -3.77
N ASP A 10 11.19 -8.95 -4.93
CA ASP A 10 11.05 -8.06 -6.07
C ASP A 10 9.91 -8.57 -6.96
N PHE A 11 9.32 -7.65 -7.70
CA PHE A 11 8.22 -8.00 -8.60
C PHE A 11 8.22 -7.10 -9.83
N LYS A 12 7.99 -7.73 -10.98
CA LYS A 12 7.96 -7.00 -12.24
C LYS A 12 6.64 -6.23 -12.34
N ALA A 13 6.77 -4.94 -12.64
CA ALA A 13 5.60 -4.09 -12.78
C ALA A 13 5.43 -3.69 -14.25
N GLU A 14 4.18 -3.64 -14.68
CA GLU A 14 3.88 -3.27 -16.05
C GLU A 14 2.53 -2.55 -16.12
N LYS A 15 2.11 -2.04 -14.97
CA LYS A 15 0.84 -1.32 -14.89
C LYS A 15 1.13 0.18 -14.89
N ALA A 16 0.06 0.94 -14.74
CA ALA A 16 0.17 2.39 -14.72
C ALA A 16 1.07 2.82 -13.57
N ASP A 17 1.04 2.02 -12.51
CA ASP A 17 1.85 2.29 -11.34
C ASP A 17 3.08 1.39 -11.34
N GLU A 18 3.31 0.75 -12.48
CA GLU A 18 4.44 -0.15 -12.63
C GLU A 18 5.62 0.37 -11.82
N LEU A 19 5.88 -0.30 -10.71
CA LEU A 19 6.98 0.06 -9.84
C LEU A 19 7.96 -1.10 -9.73
N THR A 20 9.10 -0.94 -10.39
CA THR A 20 10.13 -1.97 -10.37
C THR A 20 11.01 -1.82 -9.13
N THR A 21 10.72 -2.63 -8.13
CA THR A 21 11.47 -2.60 -6.89
C THR A 21 12.36 -3.83 -6.78
N TYR A 22 13.16 -3.86 -5.72
CA TYR A 22 14.06 -4.98 -5.49
C TYR A 22 13.77 -5.65 -4.15
N VAL A 23 14.22 -6.89 -4.03
CA VAL A 23 14.01 -7.65 -2.80
C VAL A 23 14.71 -6.94 -1.64
N GLY A 24 14.10 -7.05 -0.47
CA GLY A 24 14.65 -6.44 0.72
C GLY A 24 14.86 -4.93 0.51
N GLU A 25 13.74 -4.22 0.35
CA GLU A 25 13.78 -2.79 0.13
C GLU A 25 12.77 -2.09 1.04
N ASN A 26 12.89 -0.77 1.09
CA ASN A 26 11.99 0.03 1.91
C ASN A 26 11.18 0.97 1.02
N LEU A 27 9.95 1.21 1.43
CA LEU A 27 9.06 2.09 0.69
C LEU A 27 7.95 2.60 1.61
N PHE A 28 7.45 3.78 1.28
CA PHE A 28 6.39 4.39 2.06
C PHE A 28 5.06 4.37 1.31
N ILE A 29 4.08 3.70 1.91
CA ILE A 29 2.77 3.59 1.30
C ILE A 29 2.14 4.98 1.23
N CYS A 30 1.20 5.13 0.30
CA CYS A 30 0.52 6.39 0.11
C CYS A 30 -0.96 6.10 -0.13
N ALA A 31 -1.22 5.21 -1.08
CA ALA A 31 -2.57 4.83 -1.42
C ALA A 31 -2.75 3.33 -1.20
N HIS A 32 -4.01 2.92 -1.21
CA HIS A 32 -4.34 1.51 -1.01
C HIS A 32 -5.65 1.18 -1.72
N HIS A 33 -5.68 0.00 -2.32
CA HIS A 33 -6.86 -0.44 -3.03
C HIS A 33 -7.06 -1.95 -2.82
N ASN A 34 -8.31 -2.33 -2.67
CA ASN A 34 -8.64 -3.73 -2.45
C ASN A 34 -7.74 -4.31 -1.37
N CYS A 35 -7.27 -3.43 -0.51
CA CYS A 35 -6.39 -3.83 0.58
C CYS A 35 -5.44 -4.90 0.05
N GLU A 36 -5.13 -4.79 -1.23
CA GLU A 36 -4.24 -5.75 -1.87
C GLU A 36 -3.10 -5.00 -2.56
N TRP A 37 -3.43 -3.87 -3.15
CA TRP A 37 -2.45 -3.06 -3.85
C TRP A 37 -2.26 -1.77 -3.06
N PHE A 38 -1.00 -1.41 -2.84
CA PHE A 38 -0.66 -0.21 -2.11
C PHE A 38 0.27 0.68 -2.93
N ILE A 39 -0.12 1.95 -3.03
CA ILE A 39 0.67 2.92 -3.77
C ILE A 39 1.67 3.60 -2.83
N ALA A 40 2.89 3.10 -2.84
CA ALA A 40 3.93 3.65 -1.99
C ALA A 40 4.87 4.50 -2.83
N LYS A 41 5.92 4.99 -2.19
CA LYS A 41 6.90 5.83 -2.87
C LYS A 41 8.22 5.77 -2.11
N PRO A 42 9.32 6.11 -2.84
CA PRO A 42 10.65 6.10 -2.24
C PRO A 42 10.84 7.31 -1.32
N ILE A 43 11.69 7.11 -0.31
CA ILE A 43 11.96 8.17 0.64
C ILE A 43 12.71 9.30 -0.07
N GLY A 44 13.82 8.94 -0.68
CA GLY A 44 14.63 9.92 -1.40
C GLY A 44 13.95 10.34 -2.70
N ARG A 45 14.62 10.06 -3.81
CA ARG A 45 14.09 10.40 -5.11
C ARG A 45 14.27 9.24 -6.09
N LEU A 46 13.96 8.05 -5.59
CA LEU A 46 14.09 6.85 -6.41
C LEU A 46 12.90 6.76 -7.37
N GLY A 47 12.02 7.75 -7.25
CA GLY A 47 10.84 7.79 -8.11
C GLY A 47 9.55 7.82 -7.26
N GLY A 48 8.56 7.10 -7.76
CA GLY A 48 7.28 7.03 -7.07
C GLY A 48 6.30 8.08 -7.62
N PRO A 49 5.02 7.94 -7.20
CA PRO A 49 4.64 6.86 -6.30
C PRO A 49 4.58 5.53 -7.03
N GLY A 50 5.18 4.52 -6.42
CA GLY A 50 5.20 3.19 -7.00
C GLY A 50 4.15 2.29 -6.37
N LEU A 51 3.67 1.34 -7.15
CA LEU A 51 2.66 0.41 -6.67
C LEU A 51 3.35 -0.81 -6.06
N VAL A 52 2.74 -1.34 -5.01
CA VAL A 52 3.28 -2.50 -4.33
C VAL A 52 2.15 -3.21 -3.57
N PRO A 53 2.03 -4.54 -3.83
CA PRO A 53 1.01 -5.34 -3.18
C PRO A 53 1.38 -5.62 -1.72
N VAL A 54 0.48 -6.34 -1.05
CA VAL A 54 0.70 -6.68 0.35
C VAL A 54 1.25 -8.10 0.45
N GLY A 55 1.51 -8.67 -0.71
CA GLY A 55 2.04 -10.03 -0.78
C GLY A 55 3.51 -10.02 -1.18
N PHE A 56 4.03 -8.82 -1.36
CA PHE A 56 5.43 -8.66 -1.75
C PHE A 56 6.13 -7.63 -0.85
N VAL A 57 5.40 -7.20 0.17
CA VAL A 57 5.95 -6.23 1.11
C VAL A 57 5.30 -6.43 2.47
N SER A 58 6.02 -6.03 3.50
CA SER A 58 5.54 -6.16 4.86
C SER A 58 5.49 -4.80 5.54
N ILE A 59 4.42 -4.57 6.28
CA ILE A 59 4.24 -3.31 7.00
C ILE A 59 4.92 -3.39 8.36
N ILE A 60 5.83 -2.45 8.59
CA ILE A 60 6.55 -2.40 9.85
C ILE A 60 7.09 -0.99 10.07
N ASP A 61 7.61 -0.77 11.27
CA ASP A 61 8.16 0.53 11.63
C ASP A 61 9.51 0.32 12.32
N ILE A 62 9.51 -0.59 13.28
CA ILE A 62 10.72 -0.88 14.03
C ILE A 62 10.90 -2.40 14.15
N ALA A 63 11.94 -2.78 14.86
CA ALA A 63 12.23 -4.20 15.06
C ALA A 63 11.40 -4.72 16.23
N THR A 64 11.60 -6.00 16.53
CA THR A 64 10.88 -6.63 17.63
C THR A 64 9.39 -6.74 17.30
N GLY A 65 9.10 -7.45 16.22
CA GLY A 65 7.73 -7.65 15.79
C GLY A 65 7.43 -6.82 14.54
N TYR A 66 6.14 -6.64 14.28
CA TYR A 66 5.71 -5.88 13.13
C TYR A 66 5.51 -4.41 13.49
N ALA A 67 4.97 -3.66 12.53
CA ALA A 67 4.72 -2.24 12.73
C ALA A 67 4.15 -2.02 14.13
N THR A 68 2.88 -2.40 14.28
CA THR A 68 2.21 -2.25 15.55
C THR A 68 1.73 -3.62 16.07
N GLY A 69 1.91 -4.63 15.23
CA GLY A 69 1.51 -5.96 15.58
C GLY A 69 0.09 -6.26 15.07
N ASN A 70 -0.35 -5.45 14.12
CA ASN A 70 -1.66 -5.62 13.54
C ASN A 70 -1.53 -6.07 12.09
N ASP A 71 -2.65 -6.51 11.53
CA ASP A 71 -2.67 -6.98 10.15
C ASP A 71 -2.69 -5.77 9.22
N VAL A 72 -2.10 -5.96 8.05
CA VAL A 72 -2.05 -4.89 7.06
C VAL A 72 -3.44 -4.30 6.88
N ILE A 73 -4.41 -5.19 6.69
CA ILE A 73 -5.78 -4.76 6.52
C ILE A 73 -6.24 -3.97 7.73
N GLU A 74 -5.65 -4.31 8.88
CA GLU A 74 -5.98 -3.64 10.12
C GLU A 74 -5.23 -2.31 10.23
N ASP A 75 -4.22 -2.18 9.38
CA ASP A 75 -3.40 -0.97 9.37
C ASP A 75 -4.05 0.07 8.46
N ILE A 76 -4.99 -0.41 7.64
CA ILE A 76 -5.70 0.47 6.72
C ILE A 76 -6.68 1.35 7.51
N LYS A 77 -7.71 0.69 8.03
CA LYS A 77 -8.72 1.40 8.80
C LYS A 77 -8.08 2.01 10.04
N SER A 78 -6.89 1.50 10.36
CA SER A 78 -6.17 1.99 11.53
C SER A 78 -6.05 3.52 11.46
N VAL A 79 -5.81 4.01 10.26
CA VAL A 79 -5.67 5.44 10.05
C VAL A 79 -6.79 5.93 9.13
N ASN A 80 -7.89 5.21 9.16
CA ASN A 80 -9.04 5.56 8.33
C ASN A 80 -8.55 5.99 6.95
N LEU A 81 -7.52 5.30 6.49
CA LEU A 81 -6.95 5.60 5.18
C LEU A 81 -7.93 5.15 4.09
N PRO A 82 -8.36 6.14 3.27
CA PRO A 82 -9.29 5.86 2.19
C PRO A 82 -8.59 5.17 1.03
N THR A 83 -9.39 4.60 0.14
CA THR A 83 -8.85 3.90 -1.02
C THR A 83 -8.02 4.85 -1.88
N VAL A 84 -7.54 4.32 -2.99
CA VAL A 84 -6.72 5.11 -3.90
C VAL A 84 -7.61 6.11 -4.64
N GLN A 85 -8.82 5.68 -4.92
CA GLN A 85 -9.78 6.53 -5.61
C GLN A 85 -10.52 7.42 -4.61
N GLU A 86 -10.45 7.03 -3.35
CA GLU A 86 -11.10 7.79 -2.30
C GLU A 86 -10.20 8.92 -1.82
N TRP A 87 -8.92 8.61 -1.68
CA TRP A 87 -7.95 9.59 -1.23
C TRP A 87 -7.70 10.57 -2.39
N LYS A 88 -7.23 10.03 -3.50
CA LYS A 88 -6.96 10.84 -4.67
C LYS A 88 -8.23 11.57 -5.08
N SER A 89 -9.36 11.04 -4.63
CA SER A 89 -10.64 11.63 -4.95
C SER A 89 -10.56 13.15 -4.84
N ASN A 90 -10.40 13.63 -3.62
CA ASN A 90 -10.30 15.06 -3.37
C ASN A 90 -9.15 15.32 -2.41
N ILE A 91 -8.02 15.75 -2.97
CA ILE A 91 -6.84 16.03 -2.18
C ILE A 91 -7.20 17.06 -1.11
N ALA A 92 -8.31 17.76 -1.34
CA ALA A 92 -8.76 18.77 -0.40
C ALA A 92 -9.77 18.14 0.56
N ARG A 93 -9.61 16.84 0.76
CA ARG A 93 -10.50 16.11 1.65
C ARG A 93 -10.64 16.85 2.99
N TYR A 94 -11.87 16.86 3.49
CA TYR A 94 -12.15 17.53 4.75
C TYR A 94 -12.85 16.58 5.73
N LYS A 95 -13.86 15.89 5.22
CA LYS A 95 -14.61 14.96 6.02
C LYS A 95 -14.72 13.62 5.29
N ALA A 96 -14.39 12.56 6.00
CA ALA A 96 -14.43 11.22 5.43
C ALA A 96 -15.87 10.70 5.51
N SER A 97 -16.07 9.52 4.92
CA SER A 97 -17.39 8.90 4.93
C SER A 97 -17.31 7.50 5.52
N ASN A 98 -18.47 6.87 5.63
CA ASN A 98 -18.54 5.54 6.19
C ASN A 98 -18.10 4.52 5.13
N ILE A 99 -17.74 5.05 3.98
CA ILE A 99 -17.30 4.21 2.86
C ILE A 99 -15.96 3.55 3.24
N SER A 100 -15.91 2.25 3.02
CA SER A 100 -14.70 1.49 3.32
C SER A 100 -14.87 0.03 2.88
N LEU A 101 -13.76 -0.55 2.45
CA LEU A 101 -13.78 -1.93 2.00
C LEU A 101 -14.18 -2.84 3.17
N GLY A 102 -13.23 -3.04 4.07
CA GLY A 102 -13.47 -3.87 5.24
C GLY A 102 -12.33 -4.88 5.44
N SER A 103 -12.67 -5.98 6.09
CA SER A 103 -11.69 -7.02 6.35
C SER A 103 -12.16 -8.35 5.74
N VAL A 104 -11.64 -8.64 4.56
CA VAL A 104 -12.00 -9.86 3.87
C VAL A 104 -10.72 -10.61 3.49
N GLU A 105 -10.49 -11.71 4.20
CA GLU A 105 -9.31 -12.53 3.94
C GLU A 105 -9.19 -12.85 2.45
N SER B 1 -19.07 12.30 -19.37
CA SER B 1 -18.60 11.19 -18.54
C SER B 1 -17.42 10.50 -19.23
N SER B 2 -16.69 11.28 -20.02
CA SER B 2 -15.54 10.77 -20.74
C SER B 2 -14.25 11.23 -20.06
N SER B 3 -14.08 10.81 -18.82
CA SER B 3 -12.90 11.19 -18.06
C SER B 3 -12.02 9.95 -17.83
N ALA B 4 -10.92 10.18 -17.12
CA ALA B 4 -9.99 9.11 -16.81
C ALA B 4 -10.71 8.04 -15.99
N ASN B 5 -9.99 6.94 -15.77
CA ASN B 5 -10.54 5.83 -14.99
C ASN B 5 -9.72 5.65 -13.72
N GLY B 6 -8.41 5.78 -13.87
CA GLY B 6 -7.50 5.64 -12.75
C GLY B 6 -6.05 5.56 -13.22
N LYS B 7 -5.20 6.28 -12.52
CA LYS B 7 -3.77 6.29 -12.86
C LYS B 7 -3.01 5.45 -11.84
N PHE B 8 -3.60 5.33 -10.66
CA PHE B 8 -2.99 4.55 -9.60
C PHE B 8 -3.65 3.19 -9.45
N ILE B 9 -4.08 2.64 -10.58
CA ILE B 9 -4.74 1.35 -10.61
C ILE B 9 -3.73 0.29 -11.05
N PRO B 10 -3.80 -0.89 -10.37
CA PRO B 10 -2.90 -1.99 -10.68
C PRO B 10 -3.32 -2.68 -11.98
N SER B 11 -4.62 -2.94 -12.08
CA SER B 11 -5.16 -3.59 -13.26
C SER B 11 -4.94 -5.11 -13.16
N ARG B 12 -4.43 -5.53 -12.02
CA ARG B 12 -4.17 -6.94 -11.78
C ARG B 12 -4.73 -7.37 -10.42
N PRO B 13 -4.97 -8.69 -10.30
CA PRO B 13 -5.50 -9.25 -9.06
C PRO B 13 -4.42 -9.31 -7.99
N ALA B 14 -3.27 -9.85 -8.38
CA ALA B 14 -2.15 -9.98 -7.46
C ALA B 14 -1.15 -10.99 -8.03
N PRO B 15 0.16 -10.62 -7.92
CA PRO B 15 1.22 -11.48 -8.42
C PRO B 15 1.44 -12.67 -7.48
N LYS B 16 2.44 -13.47 -7.83
CA LYS B 16 2.77 -14.64 -7.04
C LYS B 16 4.16 -14.46 -6.43
N PRO B 17 4.18 -13.91 -5.19
CA PRO B 17 5.43 -13.67 -4.49
C PRO B 17 6.01 -14.99 -3.95
N PRO B 18 7.35 -15.02 -3.83
CA PRO B 18 8.04 -16.20 -3.33
C PRO B 18 7.88 -16.33 -1.81
N SER B 19 8.09 -17.54 -1.33
CA SER B 19 7.96 -17.81 0.10
C SER B 19 6.74 -17.09 0.66
N SER B 20 5.62 -17.27 -0.04
CA SER B 20 4.37 -16.65 0.39
C SER B 20 3.64 -17.56 1.38
N ALA B 21 3.20 -16.96 2.47
CA ALA B 21 2.48 -17.70 3.49
C ALA B 21 0.98 -17.47 3.33
N SER B 22 0.65 -16.38 2.66
CA SER B 22 -0.74 -16.03 2.44
C SER B 22 -1.52 -17.28 2.01
N ALA B 23 -0.81 -18.20 1.39
CA ALA B 23 -1.42 -19.44 0.93
C ALA B 23 -0.37 -20.54 0.89
N SER B 24 -0.84 -21.78 0.97
CA SER B 24 0.04 -22.93 0.94
C SER B 24 -0.27 -23.81 -0.27
N GLY A 1 2.13 9.55 13.61
CA GLY A 1 1.65 8.33 12.98
C GLY A 1 2.17 8.21 11.54
N SER A 2 3.37 7.66 11.41
CA SER A 2 3.97 7.50 10.10
C SER A 2 3.95 6.02 9.69
N LEU A 3 3.39 5.77 8.52
CA LEU A 3 3.29 4.42 8.00
C LEU A 3 4.39 4.19 6.97
N TYR A 4 5.14 3.12 7.16
CA TYR A 4 6.22 2.78 6.27
C TYR A 4 6.13 1.32 5.83
N ALA A 5 6.38 1.10 4.54
CA ALA A 5 6.34 -0.24 3.99
C ALA A 5 7.75 -0.68 3.62
N ILE A 6 7.98 -1.98 3.75
CA ILE A 6 9.29 -2.55 3.43
C ILE A 6 9.11 -3.74 2.49
N VAL A 7 9.89 -3.73 1.42
CA VAL A 7 9.83 -4.81 0.44
C VAL A 7 10.79 -5.93 0.85
N LEU A 8 10.24 -7.12 0.94
CA LEU A 8 11.04 -8.28 1.33
C LEU A 8 11.39 -9.09 0.07
N TYR A 9 10.70 -8.76 -1.01
CA TYR A 9 10.93 -9.45 -2.27
C TYR A 9 10.69 -8.51 -3.46
N ASP A 10 11.31 -8.85 -4.57
CA ASP A 10 11.17 -8.04 -5.78
C ASP A 10 10.27 -8.78 -6.77
N PHE A 11 9.74 -8.02 -7.72
CA PHE A 11 8.87 -8.58 -8.73
C PHE A 11 8.79 -7.67 -9.96
N LYS A 12 8.29 -8.23 -11.04
CA LYS A 12 8.16 -7.48 -12.29
C LYS A 12 6.78 -6.80 -12.32
N ALA A 13 6.81 -5.51 -12.62
CA ALA A 13 5.59 -4.74 -12.70
C ALA A 13 5.22 -4.49 -14.16
N GLU A 14 3.92 -4.56 -14.43
CA GLU A 14 3.43 -4.35 -15.79
C GLU A 14 2.01 -3.78 -15.75
N LYS A 15 1.67 -3.18 -14.62
CA LYS A 15 0.36 -2.60 -14.45
C LYS A 15 0.42 -1.10 -14.72
N ALA A 16 -0.71 -0.43 -14.51
CA ALA A 16 -0.78 1.00 -14.72
C ALA A 16 0.25 1.70 -13.84
N ASP A 17 0.53 1.07 -12.70
CA ASP A 17 1.50 1.62 -11.77
C ASP A 17 2.75 0.75 -11.76
N GLU A 18 2.93 0.02 -12.85
CA GLU A 18 4.08 -0.86 -12.99
C GLU A 18 5.32 -0.20 -12.36
N LEU A 19 5.71 -0.71 -11.21
CA LEU A 19 6.87 -0.19 -10.51
C LEU A 19 7.83 -1.35 -10.19
N THR A 20 9.04 -1.22 -10.70
CA THR A 20 10.05 -2.24 -10.47
C THR A 20 10.81 -1.96 -9.18
N THR A 21 10.72 -2.89 -8.25
CA THR A 21 11.39 -2.77 -6.98
C THR A 21 12.36 -3.92 -6.76
N TYR A 22 13.10 -3.84 -5.66
CA TYR A 22 14.06 -4.87 -5.32
C TYR A 22 13.85 -5.38 -3.91
N VAL A 23 14.26 -6.63 -3.69
CA VAL A 23 14.11 -7.25 -2.39
C VAL A 23 14.72 -6.33 -1.31
N GLY A 24 14.23 -6.49 -0.11
CA GLY A 24 14.70 -5.69 1.01
C GLY A 24 14.83 -4.22 0.61
N GLU A 25 13.68 -3.57 0.49
CA GLU A 25 13.65 -2.17 0.12
C GLU A 25 12.73 -1.39 1.06
N ASN A 26 12.90 -0.07 1.05
CA ASN A 26 12.09 0.79 1.90
C ASN A 26 11.21 1.68 1.01
N LEU A 27 9.90 1.55 1.22
CA LEU A 27 8.94 2.33 0.45
C LEU A 27 7.86 2.86 1.39
N PHE A 28 7.40 4.07 1.10
CA PHE A 28 6.38 4.70 1.91
C PHE A 28 5.03 4.67 1.18
N ILE A 29 4.11 3.87 1.72
CA ILE A 29 2.78 3.75 1.15
C ILE A 29 2.17 5.15 1.02
N CYS A 30 1.10 5.21 0.22
CA CYS A 30 0.41 6.46 0.00
C CYS A 30 -1.06 6.16 -0.32
N ALA A 31 -1.25 5.18 -1.19
CA ALA A 31 -2.59 4.78 -1.58
C ALA A 31 -2.75 3.28 -1.36
N HIS A 32 -3.97 2.81 -1.58
CA HIS A 32 -4.28 1.40 -1.40
C HIS A 32 -5.48 1.02 -2.26
N HIS A 33 -5.53 -0.25 -2.64
CA HIS A 33 -6.62 -0.74 -3.45
C HIS A 33 -6.98 -2.17 -3.02
N ASN A 34 -8.23 -2.34 -2.62
CA ASN A 34 -8.71 -3.63 -2.18
C ASN A 34 -7.76 -4.20 -1.12
N CYS A 35 -7.20 -3.28 -0.34
CA CYS A 35 -6.28 -3.66 0.71
C CYS A 35 -5.36 -4.77 0.18
N GLU A 36 -5.14 -4.72 -1.12
CA GLU A 36 -4.28 -5.70 -1.77
C GLU A 36 -3.11 -5.00 -2.47
N TRP A 37 -3.41 -3.86 -3.05
CA TRP A 37 -2.39 -3.09 -3.75
C TRP A 37 -2.16 -1.79 -2.98
N PHE A 38 -0.90 -1.43 -2.85
CA PHE A 38 -0.54 -0.21 -2.14
C PHE A 38 0.34 0.69 -3.01
N ILE A 39 0.01 1.98 -2.99
CA ILE A 39 0.76 2.95 -3.77
C ILE A 39 1.73 3.69 -2.85
N ALA A 40 2.97 3.20 -2.83
CA ALA A 40 3.99 3.81 -2.01
C ALA A 40 4.87 4.73 -2.86
N LYS A 41 5.85 5.33 -2.22
CA LYS A 41 6.75 6.24 -2.92
C LYS A 41 8.11 6.22 -2.22
N PRO A 42 9.14 6.72 -2.96
CA PRO A 42 10.49 6.77 -2.43
C PRO A 42 10.64 7.90 -1.40
N ILE A 43 11.83 7.98 -0.82
CA ILE A 43 12.11 9.01 0.17
C ILE A 43 13.08 10.03 -0.42
N GLY A 44 13.22 9.97 -1.73
CA GLY A 44 14.11 10.89 -2.42
C GLY A 44 13.92 10.80 -3.94
N ARG A 45 13.83 9.57 -4.42
CA ARG A 45 13.65 9.33 -5.84
C ARG A 45 12.36 10.01 -6.33
N LEU A 46 12.18 9.99 -7.64
CA LEU A 46 11.01 10.60 -8.24
C LEU A 46 10.15 9.50 -8.88
N GLY A 47 10.72 8.31 -8.96
CA GLY A 47 10.02 7.18 -9.54
C GLY A 47 8.56 7.13 -9.06
N GLY A 48 8.40 7.15 -7.75
CA GLY A 48 7.08 7.11 -7.16
C GLY A 48 6.11 8.02 -7.91
N PRO A 49 4.80 7.85 -7.61
CA PRO A 49 4.38 6.85 -6.63
C PRO A 49 4.47 5.43 -7.22
N GLY A 50 5.14 4.56 -6.48
CA GLY A 50 5.30 3.19 -6.91
C GLY A 50 4.25 2.28 -6.29
N LEU A 51 3.78 1.34 -7.09
CA LEU A 51 2.77 0.40 -6.62
C LEU A 51 3.45 -0.83 -6.02
N VAL A 52 2.80 -1.40 -5.02
CA VAL A 52 3.34 -2.58 -4.36
C VAL A 52 2.21 -3.29 -3.60
N PRO A 53 2.09 -4.62 -3.84
CA PRO A 53 1.07 -5.42 -3.19
C PRO A 53 1.44 -5.69 -1.73
N VAL A 54 0.56 -6.41 -1.05
CA VAL A 54 0.77 -6.74 0.34
C VAL A 54 1.39 -8.15 0.43
N GLY A 55 1.66 -8.71 -0.73
CA GLY A 55 2.25 -10.04 -0.79
C GLY A 55 3.74 -9.95 -1.15
N PHE A 56 4.18 -8.75 -1.44
CA PHE A 56 5.57 -8.52 -1.80
C PHE A 56 6.19 -7.43 -0.92
N VAL A 57 5.39 -6.94 0.00
CA VAL A 57 5.85 -5.91 0.91
C VAL A 57 5.28 -6.16 2.31
N SER A 58 5.81 -5.44 3.28
CA SER A 58 5.36 -5.58 4.65
C SER A 58 5.20 -4.20 5.29
N ILE A 59 4.07 -4.01 5.96
CA ILE A 59 3.78 -2.75 6.62
C ILE A 59 4.59 -2.67 7.92
N ILE A 60 5.02 -1.46 8.23
CA ILE A 60 5.81 -1.23 9.43
C ILE A 60 5.66 0.23 9.86
N ASP A 61 5.84 0.46 11.15
CA ASP A 61 5.73 1.81 11.69
C ASP A 61 6.52 1.89 13.01
N ILE A 62 6.59 3.09 13.55
CA ILE A 62 7.30 3.32 14.79
C ILE A 62 6.39 2.95 15.97
N ALA A 63 5.89 1.72 15.93
CA ALA A 63 5.01 1.23 16.97
C ALA A 63 5.69 0.06 17.69
N THR A 64 6.99 -0.06 17.48
CA THR A 64 7.76 -1.12 18.10
C THR A 64 7.16 -2.48 17.78
N GLY A 65 7.00 -2.73 16.49
CA GLY A 65 6.43 -3.98 16.04
C GLY A 65 6.23 -3.99 14.52
N TYR A 66 5.60 -5.05 14.04
CA TYR A 66 5.34 -5.18 12.61
C TYR A 66 3.84 -5.27 12.34
N ALA A 67 3.42 -4.59 11.28
CA ALA A 67 2.01 -4.59 10.90
C ALA A 67 1.16 -4.19 12.10
N THR A 68 1.78 -3.44 13.01
CA THR A 68 1.09 -2.98 14.21
C THR A 68 0.37 -4.15 14.88
N GLY A 69 0.92 -5.34 14.68
CA GLY A 69 0.34 -6.54 15.26
C GLY A 69 -0.82 -7.06 14.41
N ASN A 70 -1.74 -6.15 14.10
CA ASN A 70 -2.89 -6.51 13.30
C ASN A 70 -2.43 -6.82 11.86
N ASP A 71 -3.36 -7.35 11.09
CA ASP A 71 -3.07 -7.70 9.70
C ASP A 71 -2.98 -6.42 8.87
N VAL A 72 -2.13 -6.47 7.87
CA VAL A 72 -1.94 -5.33 6.99
C VAL A 72 -3.30 -4.68 6.71
N ILE A 73 -4.21 -5.49 6.20
CA ILE A 73 -5.55 -5.00 5.89
C ILE A 73 -6.17 -4.39 7.14
N GLU A 74 -5.96 -5.07 8.26
CA GLU A 74 -6.50 -4.60 9.52
C GLU A 74 -5.81 -3.30 9.94
N ASP A 75 -4.71 -3.01 9.27
CA ASP A 75 -3.96 -1.80 9.56
C ASP A 75 -4.50 -0.64 8.70
N ILE A 76 -5.14 -1.02 7.60
CA ILE A 76 -5.71 -0.03 6.70
C ILE A 76 -6.81 0.74 7.42
N LYS A 77 -7.90 0.04 7.70
CA LYS A 77 -9.04 0.64 8.38
C LYS A 77 -8.56 1.23 9.70
N SER A 78 -7.55 0.60 10.27
CA SER A 78 -6.99 1.05 11.54
C SER A 78 -6.63 2.54 11.45
N VAL A 79 -5.90 2.88 10.41
CA VAL A 79 -5.49 4.26 10.20
C VAL A 79 -6.55 4.98 9.37
N ASN A 80 -7.73 4.37 9.29
CA ASN A 80 -8.83 4.93 8.53
C ASN A 80 -8.29 5.53 7.23
N LEU A 81 -7.41 4.76 6.59
CA LEU A 81 -6.82 5.20 5.34
C LEU A 81 -7.79 4.89 4.18
N PRO A 82 -8.19 5.97 3.48
CA PRO A 82 -9.11 5.82 2.35
C PRO A 82 -8.39 5.24 1.13
N THR A 83 -9.18 4.77 0.18
CA THR A 83 -8.63 4.20 -1.04
C THR A 83 -7.76 5.24 -1.77
N VAL A 84 -7.29 4.84 -2.94
CA VAL A 84 -6.45 5.71 -3.75
C VAL A 84 -7.32 6.81 -4.37
N GLN A 85 -8.53 6.41 -4.75
CA GLN A 85 -9.46 7.34 -5.36
C GLN A 85 -10.18 8.15 -4.29
N GLU A 86 -10.13 7.64 -3.07
CA GLU A 86 -10.78 8.32 -1.95
C GLU A 86 -9.83 9.34 -1.34
N TRP A 87 -8.55 8.98 -1.28
CA TRP A 87 -7.54 9.85 -0.72
C TRP A 87 -7.19 10.90 -1.76
N LYS A 88 -6.69 10.42 -2.89
CA LYS A 88 -6.31 11.31 -3.98
C LYS A 88 -7.50 12.20 -4.34
N SER A 89 -8.67 11.74 -3.96
CA SER A 89 -9.89 12.48 -4.24
C SER A 89 -9.64 13.98 -4.05
N ASN A 90 -9.03 14.32 -2.93
CA ASN A 90 -8.73 15.71 -2.62
C ASN A 90 -7.63 15.76 -1.55
N ILE A 91 -6.49 16.27 -1.96
CA ILE A 91 -5.35 16.39 -1.05
C ILE A 91 -5.84 16.92 0.30
N ALA A 92 -6.91 17.69 0.24
CA ALA A 92 -7.48 18.27 1.44
C ALA A 92 -8.73 17.47 1.84
N ARG A 93 -8.50 16.24 2.27
CA ARG A 93 -9.59 15.37 2.68
C ARG A 93 -10.53 16.11 3.63
N TYR A 94 -11.67 16.49 3.10
CA TYR A 94 -12.67 17.21 3.89
C TYR A 94 -13.39 16.27 4.84
N LYS A 95 -14.27 16.85 5.66
CA LYS A 95 -15.03 16.07 6.62
C LYS A 95 -15.56 14.81 5.95
N ALA A 96 -15.54 13.72 6.71
CA ALA A 96 -16.01 12.45 6.19
C ALA A 96 -16.37 11.53 7.37
N SER A 97 -16.80 10.33 7.03
CA SER A 97 -17.20 9.37 8.04
C SER A 97 -16.23 8.17 8.02
N ASN A 98 -16.39 7.29 8.99
CA ASN A 98 -15.56 6.12 9.09
C ASN A 98 -16.38 4.87 8.79
N ILE A 99 -15.70 3.78 8.50
CA ILE A 99 -16.36 2.53 8.19
C ILE A 99 -15.58 1.38 8.81
N SER A 100 -16.28 0.26 9.00
CA SER A 100 -15.66 -0.92 9.59
C SER A 100 -16.26 -2.18 8.96
N LEU A 101 -15.35 -3.05 8.53
CA LEU A 101 -15.77 -4.30 7.91
C LEU A 101 -14.85 -5.43 8.37
N GLY A 102 -15.38 -6.28 9.24
CA GLY A 102 -14.63 -7.39 9.76
C GLY A 102 -13.73 -8.01 8.68
N SER A 103 -12.44 -8.07 8.99
CA SER A 103 -11.48 -8.63 8.07
C SER A 103 -10.69 -9.76 8.73
N VAL A 104 -10.35 -10.76 7.94
CA VAL A 104 -9.60 -11.90 8.44
C VAL A 104 -8.28 -11.42 9.03
N GLU A 105 -8.17 -11.56 10.35
CA GLU A 105 -6.97 -11.15 11.06
C GLU A 105 -5.72 -11.58 10.27
N SER B 1 -22.20 6.64 -7.64
CA SER B 1 -21.98 6.93 -9.05
C SER B 1 -20.51 7.29 -9.29
N SER B 2 -19.99 6.79 -10.39
CA SER B 2 -18.60 7.04 -10.74
C SER B 2 -18.40 8.53 -11.03
N SER B 3 -17.45 9.12 -10.31
CA SER B 3 -17.15 10.53 -10.48
C SER B 3 -15.66 10.72 -10.77
N ALA B 4 -15.00 9.61 -11.06
CA ALA B 4 -13.58 9.64 -11.35
C ALA B 4 -13.21 8.41 -12.19
N ASN B 5 -11.99 8.44 -12.72
CA ASN B 5 -11.51 7.34 -13.54
C ASN B 5 -10.37 6.63 -12.81
N GLY B 6 -9.37 7.41 -12.44
CA GLY B 6 -8.22 6.88 -11.74
C GLY B 6 -7.32 6.06 -12.69
N LYS B 7 -6.05 6.45 -12.72
CA LYS B 7 -5.10 5.78 -13.58
C LYS B 7 -4.10 5.01 -12.71
N PHE B 8 -4.13 5.31 -11.42
CA PHE B 8 -3.24 4.66 -10.48
C PHE B 8 -3.84 3.35 -9.97
N ILE B 9 -4.87 2.89 -10.67
CA ILE B 9 -5.54 1.66 -10.29
C ILE B 9 -4.80 0.48 -10.92
N PRO B 10 -4.69 -0.62 -10.12
CA PRO B 10 -4.01 -1.82 -10.60
C PRO B 10 -4.88 -2.58 -11.59
N SER B 11 -4.27 -2.93 -12.72
CA SER B 11 -4.97 -3.66 -13.76
C SER B 11 -5.05 -5.14 -13.38
N ARG B 12 -3.92 -5.81 -13.49
CA ARG B 12 -3.84 -7.22 -13.17
C ARG B 12 -4.12 -7.45 -11.68
N PRO B 13 -4.50 -8.71 -11.35
CA PRO B 13 -4.80 -9.07 -9.97
C PRO B 13 -3.52 -9.20 -9.15
N ALA B 14 -3.67 -9.78 -7.97
CA ALA B 14 -2.53 -9.97 -7.08
C ALA B 14 -1.52 -10.90 -7.74
N PRO B 15 -0.22 -10.54 -7.58
CA PRO B 15 0.85 -11.34 -8.16
C PRO B 15 1.07 -12.62 -7.36
N LYS B 16 2.23 -13.23 -7.57
CA LYS B 16 2.58 -14.46 -6.88
C LYS B 16 4.02 -14.37 -6.39
N PRO B 17 4.18 -13.86 -5.15
CA PRO B 17 5.50 -13.73 -4.55
C PRO B 17 6.05 -15.09 -4.10
N PRO B 18 7.37 -15.09 -3.77
CA PRO B 18 8.02 -16.32 -3.33
C PRO B 18 7.61 -16.67 -1.90
N SER B 19 7.62 -15.65 -1.06
CA SER B 19 7.27 -15.84 0.35
C SER B 19 6.10 -16.82 0.46
N SER B 20 5.26 -16.82 -0.58
CA SER B 20 4.10 -17.70 -0.61
C SER B 20 4.50 -19.07 -1.15
N ALA B 21 4.54 -20.05 -0.26
CA ALA B 21 4.90 -21.40 -0.64
C ALA B 21 3.64 -22.25 -0.77
N SER B 22 2.52 -21.56 -0.97
CA SER B 22 1.25 -22.24 -1.10
C SER B 22 0.58 -21.84 -2.42
N ALA B 23 1.36 -21.93 -3.49
CA ALA B 23 0.86 -21.59 -4.81
C ALA B 23 0.63 -22.87 -5.61
N SER B 24 -0.62 -23.27 -5.67
CA SER B 24 -0.98 -24.48 -6.39
C SER B 24 -0.07 -25.63 -5.99
N GLY A 1 10.29 7.94 10.70
CA GLY A 1 9.38 7.16 9.87
C GLY A 1 8.21 6.63 10.70
N SER A 2 7.11 7.36 10.65
CA SER A 2 5.92 6.98 11.38
C SER A 2 5.55 5.53 11.05
N LEU A 3 5.43 5.26 9.77
CA LEU A 3 5.08 3.92 9.32
C LEU A 3 5.22 3.85 7.79
N TYR A 4 5.67 2.69 7.34
CA TYR A 4 5.87 2.47 5.91
C TYR A 4 5.82 0.98 5.57
N ALA A 5 6.02 0.70 4.29
CA ALA A 5 6.01 -0.67 3.82
C ALA A 5 7.44 -1.09 3.44
N ILE A 6 7.72 -2.37 3.65
CA ILE A 6 9.04 -2.91 3.33
C ILE A 6 8.89 -4.03 2.29
N VAL A 7 9.75 -3.99 1.30
CA VAL A 7 9.74 -4.99 0.24
C VAL A 7 10.71 -6.12 0.61
N LEU A 8 10.16 -7.31 0.70
CA LEU A 8 10.96 -8.48 1.03
C LEU A 8 11.26 -9.27 -0.25
N TYR A 9 10.56 -8.90 -1.30
CA TYR A 9 10.74 -9.56 -2.59
C TYR A 9 10.60 -8.57 -3.74
N ASP A 10 11.13 -8.97 -4.89
CA ASP A 10 11.08 -8.13 -6.08
C ASP A 10 10.08 -8.73 -7.07
N PHE A 11 9.59 -7.88 -7.95
CA PHE A 11 8.63 -8.31 -8.95
C PHE A 11 8.57 -7.31 -10.12
N LYS A 12 8.55 -7.86 -11.32
CA LYS A 12 8.50 -7.05 -12.53
C LYS A 12 7.15 -6.33 -12.59
N ALA A 13 7.21 -5.01 -12.65
CA ALA A 13 6.00 -4.21 -12.71
C ALA A 13 5.62 -3.99 -14.18
N GLU A 14 4.33 -4.04 -14.44
CA GLU A 14 3.82 -3.86 -15.79
C GLU A 14 2.40 -3.30 -15.75
N LYS A 15 2.06 -2.70 -14.61
CA LYS A 15 0.74 -2.12 -14.44
C LYS A 15 0.80 -0.62 -14.70
N ALA A 16 -0.34 0.03 -14.50
CA ALA A 16 -0.43 1.47 -14.72
C ALA A 16 0.56 2.18 -13.79
N ASP A 17 0.89 1.51 -12.70
CA ASP A 17 1.81 2.06 -11.73
C ASP A 17 3.09 1.22 -11.71
N GLU A 18 3.29 0.48 -12.79
CA GLU A 18 4.46 -0.37 -12.91
C GLU A 18 5.68 0.30 -12.28
N LEU A 19 5.99 -0.12 -11.07
CA LEU A 19 7.12 0.43 -10.34
C LEU A 19 7.96 -0.71 -9.77
N THR A 20 9.01 -1.07 -10.51
CA THR A 20 9.89 -2.14 -10.09
C THR A 20 10.53 -1.80 -8.74
N THR A 21 10.79 -2.85 -7.97
CA THR A 21 11.39 -2.68 -6.65
C THR A 21 12.13 -3.95 -6.24
N TYR A 22 13.44 -3.81 -6.08
CA TYR A 22 14.27 -4.94 -5.68
C TYR A 22 13.89 -5.44 -4.30
N VAL A 23 14.23 -6.70 -4.04
CA VAL A 23 13.92 -7.30 -2.75
C VAL A 23 14.59 -6.48 -1.63
N GLY A 24 14.06 -6.63 -0.44
CA GLY A 24 14.58 -5.92 0.71
C GLY A 24 14.66 -4.41 0.44
N GLU A 25 13.49 -3.82 0.19
CA GLU A 25 13.42 -2.40 -0.09
C GLU A 25 12.55 -1.69 0.95
N ASN A 26 12.58 -0.37 0.89
CA ASN A 26 11.79 0.43 1.82
C ASN A 26 10.97 1.45 1.03
N LEU A 27 9.65 1.32 1.15
CA LEU A 27 8.75 2.22 0.46
C LEU A 27 7.71 2.76 1.45
N PHE A 28 7.26 3.97 1.19
CA PHE A 28 6.27 4.60 2.04
C PHE A 28 4.88 4.58 1.39
N ILE A 29 4.04 3.68 1.89
CA ILE A 29 2.70 3.55 1.36
C ILE A 29 1.89 4.79 1.73
N CYS A 30 0.82 5.01 0.97
CA CYS A 30 -0.04 6.16 1.20
C CYS A 30 -1.45 5.80 0.71
N ALA A 31 -1.50 5.14 -0.44
CA ALA A 31 -2.77 4.75 -1.02
C ALA A 31 -2.88 3.22 -0.98
N HIS A 32 -4.12 2.75 -0.98
CA HIS A 32 -4.39 1.32 -0.95
C HIS A 32 -5.67 1.01 -1.73
N HIS A 33 -5.67 -0.13 -2.38
CA HIS A 33 -6.82 -0.56 -3.16
C HIS A 33 -7.00 -2.07 -3.04
N ASN A 34 -8.25 -2.49 -2.96
CA ASN A 34 -8.57 -3.90 -2.84
C ASN A 34 -7.72 -4.52 -1.73
N CYS A 35 -7.27 -3.66 -0.82
CA CYS A 35 -6.46 -4.10 0.30
C CYS A 35 -5.45 -5.13 -0.22
N GLU A 36 -5.10 -4.97 -1.49
CA GLU A 36 -4.15 -5.88 -2.13
C GLU A 36 -3.00 -5.08 -2.76
N TRP A 37 -3.37 -3.95 -3.34
CA TRP A 37 -2.38 -3.10 -3.99
C TRP A 37 -2.27 -1.81 -3.17
N PHE A 38 -1.02 -1.47 -2.83
CA PHE A 38 -0.76 -0.29 -2.05
C PHE A 38 0.15 0.69 -2.82
N ILE A 39 -0.33 1.91 -2.94
CA ILE A 39 0.43 2.94 -3.64
C ILE A 39 1.40 3.61 -2.67
N ALA A 40 2.67 3.24 -2.80
CA ALA A 40 3.70 3.80 -1.94
C ALA A 40 4.64 4.67 -2.79
N LYS A 41 5.58 5.30 -2.10
CA LYS A 41 6.54 6.17 -2.77
C LYS A 41 7.93 5.94 -2.17
N PRO A 42 8.95 5.97 -3.07
CA PRO A 42 10.33 5.77 -2.64
C PRO A 42 10.87 7.00 -1.92
N ILE A 43 11.86 6.77 -1.07
CA ILE A 43 12.47 7.84 -0.31
C ILE A 43 13.97 7.92 -0.64
N GLY A 44 14.38 9.09 -1.09
CA GLY A 44 15.78 9.30 -1.45
C GLY A 44 15.96 9.29 -2.97
N ARG A 45 15.18 8.44 -3.62
CA ARG A 45 15.24 8.34 -5.07
C ARG A 45 14.27 9.31 -5.73
N LEU A 46 14.40 9.44 -7.04
CA LEU A 46 13.54 10.33 -7.79
C LEU A 46 12.59 9.50 -8.66
N GLY A 47 11.30 9.63 -8.35
CA GLY A 47 10.28 8.89 -9.08
C GLY A 47 9.00 8.77 -8.26
N GLY A 48 8.50 7.54 -8.20
CA GLY A 48 7.27 7.27 -7.44
C GLY A 48 6.14 8.18 -7.90
N PRO A 49 4.94 7.95 -7.31
CA PRO A 49 4.79 6.89 -6.32
C PRO A 49 4.77 5.51 -6.99
N GLY A 50 5.33 4.53 -6.28
CA GLY A 50 5.39 3.17 -6.79
C GLY A 50 4.36 2.28 -6.10
N LEU A 51 3.72 1.44 -6.90
CA LEU A 51 2.71 0.54 -6.38
C LEU A 51 3.39 -0.71 -5.80
N VAL A 52 2.79 -1.26 -4.76
CA VAL A 52 3.33 -2.44 -4.12
C VAL A 52 2.20 -3.21 -3.44
N PRO A 53 2.11 -4.52 -3.78
CA PRO A 53 1.07 -5.37 -3.22
C PRO A 53 1.40 -5.74 -1.77
N VAL A 54 0.46 -6.44 -1.15
CA VAL A 54 0.63 -6.84 0.24
C VAL A 54 1.21 -8.26 0.28
N GLY A 55 1.54 -8.76 -0.91
CA GLY A 55 2.11 -10.09 -1.03
C GLY A 55 3.61 -10.02 -1.31
N PHE A 56 4.07 -8.81 -1.58
CA PHE A 56 5.48 -8.60 -1.86
C PHE A 56 6.08 -7.54 -0.94
N VAL A 57 5.23 -7.01 -0.06
CA VAL A 57 5.66 -6.00 0.89
C VAL A 57 5.01 -6.27 2.24
N SER A 58 5.59 -5.66 3.27
CA SER A 58 5.07 -5.83 4.62
C SER A 58 5.01 -4.47 5.32
N ILE A 59 3.87 -4.23 5.96
CA ILE A 59 3.66 -2.98 6.67
C ILE A 59 4.43 -3.02 8.00
N ILE A 60 5.23 -1.99 8.22
CA ILE A 60 6.03 -1.90 9.43
C ILE A 60 6.48 -0.45 9.63
N ASP A 61 6.99 -0.18 10.82
CA ASP A 61 7.47 1.15 11.15
C ASP A 61 8.86 1.06 11.76
N ILE A 62 8.99 0.13 12.71
CA ILE A 62 10.26 -0.07 13.38
C ILE A 62 10.46 -1.56 13.63
N ALA A 63 11.72 -1.93 13.84
CA ALA A 63 12.05 -3.33 14.09
C ALA A 63 11.33 -3.80 15.35
N THR A 64 11.67 -5.01 15.78
CA THR A 64 11.06 -5.59 16.96
C THR A 64 9.56 -5.82 16.73
N GLY A 65 9.27 -6.56 15.67
CA GLY A 65 7.89 -6.85 15.33
C GLY A 65 7.45 -6.08 14.08
N TYR A 66 6.14 -5.88 13.98
CA TYR A 66 5.58 -5.15 12.86
C TYR A 66 5.21 -3.73 13.25
N ALA A 67 4.58 -3.03 12.31
CA ALA A 67 4.17 -1.66 12.54
C ALA A 67 3.57 -1.54 13.95
N THR A 68 2.36 -2.08 14.08
CA THR A 68 1.67 -2.04 15.36
C THR A 68 1.42 -3.46 15.87
N GLY A 69 1.70 -4.42 15.01
CA GLY A 69 1.51 -5.82 15.36
C GLY A 69 0.17 -6.34 14.85
N ASN A 70 -0.50 -5.50 14.09
CA ASN A 70 -1.80 -5.86 13.53
C ASN A 70 -1.64 -6.26 12.06
N ASP A 71 -2.62 -6.98 11.56
CA ASP A 71 -2.61 -7.43 10.18
C ASP A 71 -2.63 -6.22 9.25
N VAL A 72 -1.93 -6.35 8.14
CA VAL A 72 -1.87 -5.28 7.16
C VAL A 72 -3.25 -4.64 7.03
N ILE A 73 -4.26 -5.49 6.93
CA ILE A 73 -5.63 -5.02 6.79
C ILE A 73 -6.04 -4.29 8.08
N GLU A 74 -5.73 -4.92 9.21
CA GLU A 74 -6.06 -4.34 10.49
C GLU A 74 -5.27 -3.04 10.71
N ASP A 75 -4.23 -2.88 9.91
CA ASP A 75 -3.39 -1.69 10.00
C ASP A 75 -3.97 -0.61 9.10
N ILE A 76 -4.83 -1.02 8.18
CA ILE A 76 -5.45 -0.10 7.26
C ILE A 76 -6.54 0.69 7.99
N LYS A 77 -7.61 -0.01 8.33
CA LYS A 77 -8.73 0.62 9.02
C LYS A 77 -8.23 1.19 10.35
N SER A 78 -7.18 0.58 10.86
CA SER A 78 -6.60 1.02 12.13
C SER A 78 -6.48 2.55 12.15
N VAL A 79 -5.93 3.08 11.06
CA VAL A 79 -5.76 4.52 10.95
C VAL A 79 -6.92 5.10 10.13
N ASN A 80 -7.62 4.22 9.44
CA ASN A 80 -8.74 4.63 8.61
C ASN A 80 -8.24 5.51 7.48
N LEU A 81 -7.21 5.02 6.79
CA LEU A 81 -6.63 5.75 5.69
C LEU A 81 -7.59 5.73 4.51
N PRO A 82 -7.57 6.85 3.73
CA PRO A 82 -8.44 6.97 2.57
C PRO A 82 -7.93 6.11 1.41
N THR A 83 -8.87 5.52 0.70
CA THR A 83 -8.53 4.67 -0.44
C THR A 83 -7.73 5.47 -1.47
N VAL A 84 -7.31 4.76 -2.51
CA VAL A 84 -6.55 5.38 -3.58
C VAL A 84 -7.46 6.28 -4.41
N GLN A 85 -8.71 5.85 -4.52
CA GLN A 85 -9.70 6.60 -5.29
C GLN A 85 -10.35 7.66 -4.41
N GLU A 86 -10.18 7.49 -3.10
CA GLU A 86 -10.75 8.43 -2.14
C GLU A 86 -9.77 9.58 -1.90
N TRP A 87 -8.51 9.22 -1.74
CA TRP A 87 -7.48 10.22 -1.50
C TRP A 87 -7.24 10.99 -2.80
N LYS A 88 -6.84 10.25 -3.82
CA LYS A 88 -6.58 10.85 -5.13
C LYS A 88 -7.82 11.62 -5.59
N SER A 89 -8.96 11.26 -5.00
CA SER A 89 -10.22 11.90 -5.34
C SER A 89 -10.00 13.40 -5.49
N ASN A 90 -9.65 14.04 -4.38
CA ASN A 90 -9.42 15.48 -4.38
C ASN A 90 -8.19 15.79 -3.53
N ILE A 91 -7.21 16.43 -4.17
CA ILE A 91 -5.98 16.79 -3.49
C ILE A 91 -6.33 17.48 -2.16
N ALA A 92 -7.46 18.17 -2.16
CA ALA A 92 -7.90 18.87 -0.97
C ALA A 92 -9.32 18.42 -0.62
N ARG A 93 -9.45 17.11 -0.41
CA ARG A 93 -10.74 16.53 -0.07
C ARG A 93 -11.36 17.27 1.13
N TYR A 94 -12.48 16.76 1.58
CA TYR A 94 -13.18 17.34 2.71
C TYR A 94 -12.18 17.84 3.76
N LYS A 95 -12.13 19.15 3.92
CA LYS A 95 -11.22 19.75 4.89
C LYS A 95 -11.23 18.93 6.18
N ALA A 96 -10.09 18.94 6.85
CA ALA A 96 -9.96 18.19 8.09
C ALA A 96 -11.21 18.39 8.94
N SER A 97 -11.84 19.54 8.76
CA SER A 97 -13.04 19.86 9.50
C SER A 97 -14.22 19.05 8.97
N ASN A 98 -14.89 18.37 9.88
CA ASN A 98 -16.03 17.55 9.52
C ASN A 98 -16.97 17.42 10.73
N ILE A 99 -18.23 17.75 10.49
CA ILE A 99 -19.23 17.68 11.55
C ILE A 99 -20.45 16.91 11.03
N SER A 100 -21.04 16.13 11.93
CA SER A 100 -22.21 15.35 11.58
C SER A 100 -22.78 14.69 12.84
N LEU A 101 -24.10 14.81 12.98
CA LEU A 101 -24.79 14.24 14.12
C LEU A 101 -25.02 12.75 13.88
N GLY A 102 -24.87 12.36 12.62
CA GLY A 102 -25.06 10.96 12.25
C GLY A 102 -23.70 10.26 12.04
N SER A 103 -23.76 8.95 12.00
CA SER A 103 -22.55 8.15 11.80
C SER A 103 -22.92 6.77 11.26
N VAL A 104 -21.90 5.93 11.13
CA VAL A 104 -22.11 4.58 10.64
C VAL A 104 -22.23 3.62 11.83
N GLU A 105 -22.71 2.42 11.52
CA GLU A 105 -22.89 1.41 12.54
C GLU A 105 -21.57 1.16 13.27
N SER B 1 -18.83 0.21 -11.13
CA SER B 1 -18.92 1.59 -11.58
C SER B 1 -17.55 2.27 -11.49
N SER B 2 -17.05 2.67 -12.65
CA SER B 2 -15.75 3.32 -12.71
C SER B 2 -15.93 4.84 -12.86
N SER B 3 -16.24 5.47 -11.73
CA SER B 3 -16.45 6.91 -11.72
C SER B 3 -15.09 7.63 -11.66
N ALA B 4 -14.39 7.39 -10.57
CA ALA B 4 -13.08 8.01 -10.37
C ALA B 4 -12.02 7.17 -11.09
N ASN B 5 -11.64 7.65 -12.26
CA ASN B 5 -10.63 6.96 -13.05
C ASN B 5 -9.24 7.34 -12.55
N GLY B 6 -8.50 6.33 -12.15
CA GLY B 6 -7.14 6.54 -11.65
C GLY B 6 -6.10 6.27 -12.73
N LYS B 7 -4.89 6.72 -12.46
CA LYS B 7 -3.79 6.52 -13.40
C LYS B 7 -2.75 5.58 -12.79
N PHE B 8 -2.92 5.32 -11.51
CA PHE B 8 -2.02 4.45 -10.78
C PHE B 8 -2.64 3.06 -10.57
N ILE B 9 -3.94 3.01 -10.78
CA ILE B 9 -4.67 1.77 -10.61
C ILE B 9 -3.85 0.61 -11.20
N PRO B 10 -3.91 -0.56 -10.50
CA PRO B 10 -3.19 -1.73 -10.94
C PRO B 10 -3.86 -2.38 -12.15
N SER B 11 -3.18 -3.38 -12.70
CA SER B 11 -3.70 -4.08 -13.86
C SER B 11 -4.00 -5.54 -13.49
N ARG B 12 -3.05 -6.15 -12.80
CA ARG B 12 -3.21 -7.53 -12.38
C ARG B 12 -3.92 -7.61 -11.03
N PRO B 13 -4.52 -8.80 -10.76
CA PRO B 13 -5.25 -9.01 -9.52
C PRO B 13 -4.28 -9.18 -8.35
N ALA B 14 -3.12 -9.74 -8.65
CA ALA B 14 -2.10 -9.97 -7.64
C ALA B 14 -1.08 -10.98 -8.17
N PRO B 15 0.21 -10.59 -8.04
CA PRO B 15 1.30 -11.44 -8.50
C PRO B 15 1.52 -12.62 -7.55
N LYS B 16 2.54 -13.40 -7.84
CA LYS B 16 2.87 -14.56 -7.02
C LYS B 16 4.26 -14.37 -6.42
N PRO B 17 4.27 -13.84 -5.16
CA PRO B 17 5.52 -13.60 -4.46
C PRO B 17 6.12 -14.91 -3.95
N PRO B 18 7.48 -14.93 -3.87
CA PRO B 18 8.19 -16.11 -3.41
C PRO B 18 8.07 -16.26 -1.88
N SER B 19 8.68 -17.30 -1.38
CA SER B 19 8.65 -17.58 0.05
C SER B 19 7.23 -17.39 0.59
N SER B 20 6.34 -18.25 0.11
CA SER B 20 4.95 -18.20 0.53
C SER B 20 4.33 -19.60 0.48
N ALA B 21 3.56 -19.91 1.51
CA ALA B 21 2.91 -21.20 1.60
C ALA B 21 1.62 -21.18 0.76
N SER B 22 1.77 -20.78 -0.49
CA SER B 22 0.63 -20.71 -1.40
C SER B 22 0.25 -22.11 -1.86
N ALA B 23 -0.98 -22.49 -1.57
CA ALA B 23 -1.47 -23.80 -1.96
C ALA B 23 -1.73 -23.81 -3.47
N SER B 24 -1.01 -24.70 -4.15
CA SER B 24 -1.16 -24.82 -5.59
C SER B 24 -1.99 -26.05 -5.94
N GLY A 1 0.69 10.20 10.40
CA GLY A 1 1.27 8.96 10.89
C GLY A 1 2.62 8.68 10.23
N SER A 2 3.49 8.03 10.98
CA SER A 2 4.82 7.70 10.47
C SER A 2 4.95 6.18 10.33
N LEU A 3 4.43 5.67 9.23
CA LEU A 3 4.49 4.25 8.95
C LEU A 3 4.96 4.02 7.52
N TYR A 4 5.67 2.92 7.32
CA TYR A 4 6.17 2.58 6.01
C TYR A 4 6.12 1.07 5.77
N ALA A 5 6.61 0.66 4.60
CA ALA A 5 6.62 -0.75 4.24
C ALA A 5 8.02 -1.13 3.76
N ILE A 6 8.34 -2.40 3.92
CA ILE A 6 9.64 -2.91 3.49
C ILE A 6 9.43 -4.07 2.52
N VAL A 7 10.05 -3.94 1.36
CA VAL A 7 9.94 -4.98 0.34
C VAL A 7 10.91 -6.11 0.67
N LEU A 8 10.36 -7.31 0.80
CA LEU A 8 11.16 -8.47 1.11
C LEU A 8 11.47 -9.24 -0.18
N TYR A 9 10.73 -8.89 -1.23
CA TYR A 9 10.90 -9.52 -2.51
C TYR A 9 10.66 -8.54 -3.66
N ASP A 10 11.21 -8.87 -4.81
CA ASP A 10 11.06 -8.02 -5.99
C ASP A 10 9.94 -8.57 -6.87
N PHE A 11 9.40 -7.70 -7.70
CA PHE A 11 8.33 -8.08 -8.60
C PHE A 11 8.42 -7.33 -9.93
N LYS A 12 7.80 -7.90 -10.95
CA LYS A 12 7.81 -7.30 -12.27
C LYS A 12 6.56 -6.44 -12.44
N ALA A 13 6.78 -5.19 -12.84
CA ALA A 13 5.69 -4.26 -13.04
C ALA A 13 5.25 -4.30 -14.51
N GLU A 14 3.95 -4.20 -14.71
CA GLU A 14 3.41 -4.22 -16.06
C GLU A 14 2.02 -3.55 -16.08
N LYS A 15 1.81 -2.68 -15.10
CA LYS A 15 0.54 -1.97 -15.00
C LYS A 15 0.80 -0.46 -15.05
N ALA A 16 -0.27 0.29 -14.86
CA ALA A 16 -0.17 1.74 -14.88
C ALA A 16 0.82 2.20 -13.82
N ASP A 17 0.74 1.55 -12.66
CA ASP A 17 1.62 1.88 -11.55
C ASP A 17 2.93 1.10 -11.71
N GLU A 18 3.10 0.49 -12.87
CA GLU A 18 4.29 -0.28 -13.16
C GLU A 18 5.51 0.38 -12.51
N LEU A 19 5.87 -0.12 -11.33
CA LEU A 19 7.01 0.41 -10.61
C LEU A 19 7.82 -0.75 -10.03
N THR A 20 8.83 -1.15 -10.78
CA THR A 20 9.70 -2.24 -10.35
C THR A 20 10.35 -1.91 -9.01
N THR A 21 10.69 -2.96 -8.27
CA THR A 21 11.32 -2.79 -6.97
C THR A 21 12.18 -4.01 -6.65
N TYR A 22 13.33 -3.73 -6.02
CA TYR A 22 14.25 -4.78 -5.66
C TYR A 22 13.92 -5.35 -4.27
N VAL A 23 14.29 -6.60 -4.07
CA VAL A 23 14.05 -7.26 -2.80
C VAL A 23 14.73 -6.48 -1.68
N GLY A 24 14.24 -6.68 -0.46
CA GLY A 24 14.80 -6.01 0.69
C GLY A 24 14.95 -4.50 0.44
N GLU A 25 13.80 -3.85 0.30
CA GLU A 25 13.79 -2.41 0.06
C GLU A 25 12.83 -1.72 1.01
N ASN A 26 12.87 -0.39 0.98
CA ASN A 26 12.01 0.40 1.84
C ASN A 26 11.17 1.35 0.98
N LEU A 27 9.88 1.35 1.24
CA LEU A 27 8.96 2.21 0.50
C LEU A 27 7.83 2.65 1.42
N PHE A 28 7.40 3.89 1.23
CA PHE A 28 6.32 4.44 2.03
C PHE A 28 5.00 4.41 1.27
N ILE A 29 4.05 3.67 1.83
CA ILE A 29 2.74 3.55 1.21
C ILE A 29 2.07 4.92 1.17
N CYS A 30 1.20 5.10 0.18
CA CYS A 30 0.49 6.36 0.02
C CYS A 30 -0.97 6.04 -0.27
N ALA A 31 -1.17 5.13 -1.23
CA ALA A 31 -2.52 4.73 -1.60
C ALA A 31 -2.68 3.22 -1.40
N HIS A 32 -3.92 2.77 -1.50
CA HIS A 32 -4.22 1.37 -1.33
C HIS A 32 -5.40 0.98 -2.23
N HIS A 33 -5.43 -0.30 -2.58
CA HIS A 33 -6.49 -0.81 -3.44
C HIS A 33 -6.85 -2.24 -3.01
N ASN A 34 -8.11 -2.40 -2.65
CA ASN A 34 -8.61 -3.70 -2.23
C ASN A 34 -7.68 -4.25 -1.14
N CYS A 35 -7.16 -3.35 -0.33
CA CYS A 35 -6.27 -3.73 0.76
C CYS A 35 -5.33 -4.83 0.23
N GLU A 36 -5.05 -4.76 -1.07
CA GLU A 36 -4.18 -5.73 -1.70
C GLU A 36 -3.00 -5.02 -2.36
N TRP A 37 -3.29 -3.91 -3.01
CA TRP A 37 -2.26 -3.14 -3.68
C TRP A 37 -2.07 -1.83 -2.92
N PHE A 38 -0.81 -1.46 -2.73
CA PHE A 38 -0.48 -0.23 -2.02
C PHE A 38 0.45 0.64 -2.85
N ILE A 39 0.03 1.87 -3.07
CA ILE A 39 0.81 2.82 -3.83
C ILE A 39 1.77 3.55 -2.90
N ALA A 40 3.01 3.05 -2.86
CA ALA A 40 4.03 3.64 -2.02
C ALA A 40 4.96 4.50 -2.88
N LYS A 41 5.94 5.10 -2.21
CA LYS A 41 6.90 5.94 -2.91
C LYS A 41 8.20 5.97 -2.10
N PRO A 42 9.27 6.51 -2.76
CA PRO A 42 10.58 6.62 -2.12
C PRO A 42 10.60 7.74 -1.11
N ILE A 43 11.66 7.78 -0.32
CA ILE A 43 11.82 8.80 0.70
C ILE A 43 12.95 9.75 0.29
N GLY A 44 13.72 9.31 -0.69
CA GLY A 44 14.83 10.12 -1.18
C GLY A 44 14.82 10.19 -2.71
N ARG A 45 15.24 9.09 -3.32
CA ARG A 45 15.28 9.02 -4.78
C ARG A 45 13.91 9.36 -5.36
N LEU A 46 13.87 9.43 -6.69
CA LEU A 46 12.63 9.74 -7.39
C LEU A 46 12.14 8.50 -8.13
N GLY A 47 11.11 8.70 -8.94
CA GLY A 47 10.55 7.60 -9.71
C GLY A 47 9.11 7.31 -9.27
N GLY A 48 8.94 7.14 -7.96
CA GLY A 48 7.63 6.86 -7.41
C GLY A 48 6.59 7.86 -7.92
N PRO A 49 5.34 7.71 -7.41
CA PRO A 49 5.06 6.65 -6.44
C PRO A 49 4.98 5.29 -7.13
N GLY A 50 5.47 4.29 -6.42
CA GLY A 50 5.48 2.93 -6.95
C GLY A 50 4.41 2.07 -6.25
N LEU A 51 3.87 1.14 -7.00
CA LEU A 51 2.85 0.25 -6.48
C LEU A 51 3.52 -0.97 -5.84
N VAL A 52 2.89 -1.46 -4.77
CA VAL A 52 3.42 -2.62 -4.07
C VAL A 52 2.28 -3.31 -3.32
N PRO A 53 2.15 -4.64 -3.58
CA PRO A 53 1.11 -5.43 -2.94
C PRO A 53 1.46 -5.72 -1.48
N VAL A 54 0.55 -6.43 -0.82
CA VAL A 54 0.77 -6.79 0.58
C VAL A 54 1.33 -8.20 0.65
N GLY A 55 1.65 -8.75 -0.50
CA GLY A 55 2.20 -10.08 -0.58
C GLY A 55 3.68 -10.05 -0.95
N PHE A 56 4.16 -8.85 -1.24
CA PHE A 56 5.55 -8.66 -1.62
C PHE A 56 6.22 -7.58 -0.75
N VAL A 57 5.43 -7.06 0.18
CA VAL A 57 5.93 -6.02 1.07
C VAL A 57 5.40 -6.28 2.49
N SER A 58 6.15 -5.79 3.46
CA SER A 58 5.77 -5.97 4.85
C SER A 58 5.61 -4.60 5.52
N ILE A 59 4.43 -4.38 6.10
CA ILE A 59 4.15 -3.13 6.77
C ILE A 59 5.00 -3.03 8.03
N ILE A 60 5.42 -1.80 8.34
CA ILE A 60 6.24 -1.56 9.52
C ILE A 60 6.26 -0.06 9.81
N ASP A 61 6.15 0.26 11.09
CA ASP A 61 6.15 1.64 11.53
C ASP A 61 7.24 1.84 12.58
N ILE A 62 7.30 0.90 13.51
CA ILE A 62 8.29 0.96 14.57
C ILE A 62 9.10 -0.33 14.58
N ALA A 63 10.16 -0.33 15.38
CA ALA A 63 11.02 -1.49 15.49
C ALA A 63 10.57 -2.35 16.67
N THR A 64 9.27 -2.37 16.88
CA THR A 64 8.70 -3.15 17.97
C THR A 64 7.55 -4.02 17.47
N GLY A 65 7.62 -4.36 16.19
CA GLY A 65 6.60 -5.19 15.58
C GLY A 65 6.36 -4.78 14.12
N TYR A 66 5.29 -5.30 13.55
CA TYR A 66 4.94 -5.00 12.17
C TYR A 66 3.44 -4.69 12.04
N ALA A 67 3.15 -3.64 11.27
CA ALA A 67 1.78 -3.24 11.06
C ALA A 67 1.10 -3.02 12.41
N THR A 68 1.84 -2.40 13.32
CA THR A 68 1.32 -2.13 14.65
C THR A 68 0.70 -3.39 15.26
N GLY A 69 1.17 -4.53 14.76
CA GLY A 69 0.68 -5.81 15.24
C GLY A 69 -0.58 -6.24 14.48
N ASN A 70 -1.47 -5.27 14.27
CA ASN A 70 -2.71 -5.53 13.57
C ASN A 70 -2.39 -5.97 12.14
N ASP A 71 -3.37 -6.61 11.52
CA ASP A 71 -3.21 -7.09 10.15
C ASP A 71 -3.19 -5.88 9.20
N VAL A 72 -2.51 -6.07 8.09
CA VAL A 72 -2.39 -5.01 7.09
C VAL A 72 -3.78 -4.43 6.82
N ILE A 73 -4.70 -5.31 6.43
CA ILE A 73 -6.05 -4.90 6.14
C ILE A 73 -6.65 -4.21 7.37
N GLU A 74 -6.21 -4.66 8.53
CA GLU A 74 -6.68 -4.09 9.78
C GLU A 74 -5.94 -2.80 10.10
N ASP A 75 -4.85 -2.59 9.39
CA ASP A 75 -4.04 -1.40 9.58
C ASP A 75 -4.56 -0.28 8.67
N ILE A 76 -5.33 -0.69 7.67
CA ILE A 76 -5.89 0.26 6.73
C ILE A 76 -6.96 1.11 7.45
N LYS A 77 -8.06 0.45 7.78
CA LYS A 77 -9.14 1.13 8.46
C LYS A 77 -8.62 1.74 9.77
N SER A 78 -7.51 1.20 10.23
CA SER A 78 -6.91 1.68 11.46
C SER A 78 -6.76 3.20 11.42
N VAL A 79 -6.05 3.67 10.40
CA VAL A 79 -5.82 5.09 10.23
C VAL A 79 -6.93 5.67 9.36
N ASN A 80 -8.02 4.91 9.24
CA ASN A 80 -9.15 5.35 8.45
C ASN A 80 -8.65 5.84 7.08
N LEU A 81 -7.60 5.19 6.60
CA LEU A 81 -7.02 5.55 5.32
C LEU A 81 -7.94 5.08 4.19
N PRO A 82 -8.43 6.08 3.40
CA PRO A 82 -9.32 5.78 2.30
C PRO A 82 -8.55 5.18 1.12
N THR A 83 -9.31 4.63 0.18
CA THR A 83 -8.72 4.01 -1.00
C THR A 83 -7.87 5.03 -1.77
N VAL A 84 -7.25 4.55 -2.84
CA VAL A 84 -6.42 5.41 -3.66
C VAL A 84 -7.25 6.57 -4.19
N GLN A 85 -8.19 6.23 -5.07
CA GLN A 85 -9.05 7.24 -5.66
C GLN A 85 -9.92 7.89 -4.57
N GLU A 86 -10.08 7.18 -3.47
CA GLU A 86 -10.87 7.68 -2.36
C GLU A 86 -10.09 8.73 -1.58
N TRP A 87 -8.78 8.55 -1.54
CA TRP A 87 -7.91 9.47 -0.83
C TRP A 87 -7.57 10.61 -1.79
N LYS A 88 -6.94 10.25 -2.89
CA LYS A 88 -6.55 11.24 -3.88
C LYS A 88 -7.79 12.01 -4.34
N SER A 89 -8.95 11.43 -4.07
CA SER A 89 -10.20 12.05 -4.45
C SER A 89 -10.12 13.56 -4.21
N ASN A 90 -9.65 13.91 -3.03
CA ASN A 90 -9.53 15.32 -2.66
C ASN A 90 -8.39 15.47 -1.64
N ILE A 91 -7.34 16.14 -2.08
CA ILE A 91 -6.19 16.38 -1.22
C ILE A 91 -6.59 17.31 -0.08
N ALA A 92 -7.58 18.14 -0.36
CA ALA A 92 -8.06 19.09 0.62
C ALA A 92 -9.05 18.40 1.57
N ARG A 93 -8.51 17.52 2.40
CA ARG A 93 -9.33 16.79 3.36
C ARG A 93 -9.18 17.38 4.75
N TYR A 94 -8.45 18.48 4.83
CA TYR A 94 -8.22 19.15 6.10
C TYR A 94 -9.51 19.17 6.93
N LYS A 95 -10.63 19.21 6.24
CA LYS A 95 -11.93 19.23 6.89
C LYS A 95 -12.24 17.84 7.44
N ALA A 96 -11.55 17.49 8.52
CA ALA A 96 -11.76 16.20 9.15
C ALA A 96 -11.49 16.32 10.65
N SER A 97 -11.64 15.20 11.34
CA SER A 97 -11.42 15.16 12.77
C SER A 97 -10.09 14.48 13.08
N ASN A 98 -9.57 14.77 14.28
CA ASN A 98 -8.32 14.20 14.71
C ASN A 98 -8.52 12.71 15.03
N ILE A 99 -7.41 12.00 15.11
CA ILE A 99 -7.45 10.57 15.40
C ILE A 99 -6.51 10.26 16.56
N SER A 100 -6.72 9.11 17.16
CA SER A 100 -5.91 8.68 18.29
C SER A 100 -6.14 7.20 18.59
N LEU A 101 -5.17 6.60 19.25
CA LEU A 101 -5.26 5.19 19.61
C LEU A 101 -5.12 5.04 21.12
N GLY A 102 -5.18 3.79 21.57
CA GLY A 102 -5.07 3.50 22.98
C GLY A 102 -3.80 4.11 23.57
N SER A 103 -3.74 4.13 24.89
CA SER A 103 -2.58 4.68 25.59
C SER A 103 -1.34 3.83 25.30
N VAL A 104 -1.33 2.64 25.89
CA VAL A 104 -0.22 1.73 25.70
C VAL A 104 -0.66 0.31 26.04
N GLU A 105 -0.23 -0.63 25.21
CA GLU A 105 -0.58 -2.03 25.41
C GLU A 105 0.26 -2.62 26.55
N SER B 1 -14.52 -6.50 -5.24
CA SER B 1 -15.91 -6.85 -5.50
C SER B 1 -16.49 -5.92 -6.57
N SER B 2 -15.59 -5.15 -7.18
CA SER B 2 -16.00 -4.21 -8.21
C SER B 2 -14.78 -3.75 -9.00
N SER B 3 -15.04 -3.24 -10.20
CA SER B 3 -13.98 -2.75 -11.06
C SER B 3 -13.56 -1.34 -10.64
N ALA B 4 -12.54 -0.83 -11.31
CA ALA B 4 -12.03 0.50 -11.01
C ALA B 4 -11.05 0.92 -12.10
N ASN B 5 -10.81 2.22 -12.16
CA ASN B 5 -9.90 2.77 -13.16
C ASN B 5 -9.26 4.05 -12.61
N GLY B 6 -8.01 4.26 -12.96
CA GLY B 6 -7.29 5.44 -12.53
C GLY B 6 -5.85 5.43 -13.03
N LYS B 7 -5.03 6.28 -12.42
CA LYS B 7 -3.64 6.37 -12.79
C LYS B 7 -2.79 5.58 -11.78
N PHE B 8 -3.34 5.45 -10.58
CA PHE B 8 -2.64 4.73 -9.52
C PHE B 8 -3.27 3.35 -9.31
N ILE B 9 -4.32 3.09 -10.06
CA ILE B 9 -5.01 1.81 -9.97
C ILE B 9 -4.18 0.73 -10.65
N PRO B 10 -4.10 -0.45 -9.99
CA PRO B 10 -3.33 -1.56 -10.53
C PRO B 10 -4.09 -2.23 -11.68
N SER B 11 -3.67 -3.45 -11.98
CA SER B 11 -4.29 -4.21 -13.05
C SER B 11 -4.59 -5.64 -12.59
N ARG B 12 -3.54 -6.28 -12.08
CA ARG B 12 -3.66 -7.64 -11.60
C ARG B 12 -4.25 -7.66 -10.19
N PRO B 13 -4.86 -8.82 -9.83
CA PRO B 13 -5.47 -8.97 -8.53
C PRO B 13 -4.40 -9.17 -7.45
N ALA B 14 -3.30 -9.79 -7.85
CA ALA B 14 -2.21 -10.04 -6.93
C ALA B 14 -1.28 -11.09 -7.55
N PRO B 15 0.05 -10.78 -7.51
CA PRO B 15 1.04 -11.69 -8.06
C PRO B 15 1.27 -12.88 -7.12
N LYS B 16 2.37 -13.56 -7.35
CA LYS B 16 2.73 -14.72 -6.53
C LYS B 16 4.12 -14.52 -5.94
N PRO B 17 4.15 -14.00 -4.69
CA PRO B 17 5.41 -13.75 -4.00
C PRO B 17 6.03 -15.07 -3.50
N PRO B 18 7.37 -15.04 -3.34
CA PRO B 18 8.09 -16.22 -2.86
C PRO B 18 7.87 -16.43 -1.37
N SER B 19 8.76 -17.20 -0.77
CA SER B 19 8.68 -17.50 0.65
C SER B 19 8.16 -16.27 1.41
N SER B 20 6.88 -16.31 1.72
CA SER B 20 6.25 -15.22 2.44
C SER B 20 4.81 -15.60 2.83
N ALA B 21 4.24 -14.80 3.71
CA ALA B 21 2.89 -15.04 4.17
C ALA B 21 1.91 -14.19 3.36
N SER B 22 1.12 -14.86 2.54
CA SER B 22 0.15 -14.18 1.70
C SER B 22 -1.25 -14.34 2.29
N ALA B 23 -2.12 -13.41 1.93
CA ALA B 23 -3.49 -13.44 2.41
C ALA B 23 -4.32 -14.40 1.55
N SER B 24 -4.32 -14.11 0.25
CA SER B 24 -5.06 -14.94 -0.69
C SER B 24 -4.58 -16.39 -0.60
N GLY A 1 0.25 6.31 13.77
CA GLY A 1 1.46 7.09 13.56
C GLY A 1 2.08 6.80 12.20
N SER A 2 3.34 7.19 12.05
CA SER A 2 4.05 6.98 10.80
C SER A 2 4.38 5.50 10.62
N LEU A 3 3.98 4.97 9.48
CA LEU A 3 4.22 3.56 9.17
C LEU A 3 4.99 3.46 7.85
N TYR A 4 5.88 2.49 7.80
CA TYR A 4 6.68 2.27 6.62
C TYR A 4 6.58 0.82 6.14
N ALA A 5 6.79 0.63 4.85
CA ALA A 5 6.73 -0.69 4.25
C ALA A 5 8.12 -1.10 3.76
N ILE A 6 8.38 -2.39 3.79
CA ILE A 6 9.66 -2.92 3.34
C ILE A 6 9.41 -4.09 2.38
N VAL A 7 10.04 -4.00 1.22
CA VAL A 7 9.91 -5.04 0.21
C VAL A 7 10.84 -6.21 0.57
N LEU A 8 10.23 -7.37 0.74
CA LEU A 8 10.99 -8.57 1.07
C LEU A 8 11.28 -9.36 -0.21
N TYR A 9 10.57 -8.99 -1.26
CA TYR A 9 10.74 -9.66 -2.54
C TYR A 9 10.52 -8.68 -3.70
N ASP A 10 11.06 -9.05 -4.85
CA ASP A 10 10.93 -8.21 -6.04
C ASP A 10 9.84 -8.79 -6.94
N PHE A 11 9.32 -7.94 -7.82
CA PHE A 11 8.27 -8.35 -8.73
C PHE A 11 8.21 -7.41 -9.95
N LYS A 12 8.09 -8.02 -11.12
CA LYS A 12 8.02 -7.28 -12.35
C LYS A 12 6.71 -6.50 -12.40
N ALA A 13 6.81 -5.22 -12.75
CA ALA A 13 5.64 -4.37 -12.83
C ALA A 13 5.42 -3.96 -14.29
N GLU A 14 4.16 -3.90 -14.67
CA GLU A 14 3.80 -3.53 -16.02
C GLU A 14 2.43 -2.85 -16.05
N LYS A 15 2.04 -2.35 -14.88
CA LYS A 15 0.75 -1.67 -14.75
C LYS A 15 0.97 -0.16 -14.88
N ALA A 16 -0.12 0.57 -14.70
CA ALA A 16 -0.06 2.02 -14.80
C ALA A 16 0.87 2.56 -13.72
N ASP A 17 1.09 1.74 -12.71
CA ASP A 17 1.97 2.13 -11.61
C ASP A 17 3.16 1.17 -11.55
N GLU A 18 3.38 0.49 -12.67
CA GLU A 18 4.48 -0.45 -12.77
C GLU A 18 5.70 0.08 -12.00
N LEU A 19 5.94 -0.55 -10.86
CA LEU A 19 7.06 -0.15 -10.01
C LEU A 19 8.05 -1.32 -9.91
N THR A 20 9.17 -1.16 -10.62
CA THR A 20 10.20 -2.19 -10.62
C THR A 20 11.16 -1.98 -9.45
N THR A 21 11.07 -2.90 -8.48
CA THR A 21 11.92 -2.82 -7.31
C THR A 21 12.58 -4.17 -7.04
N TYR A 22 13.53 -4.17 -6.13
CA TYR A 22 14.25 -5.38 -5.77
C TYR A 22 13.92 -5.81 -4.34
N VAL A 23 14.20 -7.08 -4.05
CA VAL A 23 13.94 -7.63 -2.74
C VAL A 23 14.64 -6.76 -1.68
N GLY A 24 14.14 -6.86 -0.46
CA GLY A 24 14.71 -6.09 0.65
C GLY A 24 14.85 -4.61 0.27
N GLU A 25 13.70 -3.97 0.13
CA GLU A 25 13.68 -2.55 -0.23
C GLU A 25 12.84 -1.77 0.79
N ASN A 26 13.01 -0.45 0.75
CA ASN A 26 12.28 0.42 1.65
C ASN A 26 11.30 1.27 0.84
N LEU A 27 10.05 1.27 1.28
CA LEU A 27 9.02 2.05 0.61
C LEU A 27 7.94 2.42 1.62
N PHE A 28 7.35 3.59 1.40
CA PHE A 28 6.30 4.07 2.28
C PHE A 28 4.95 4.11 1.56
N ILE A 29 4.01 3.36 2.12
CA ILE A 29 2.67 3.30 1.53
C ILE A 29 1.95 4.62 1.77
N CYS A 30 1.03 4.93 0.86
CA CYS A 30 0.28 6.16 0.95
C CYS A 30 -1.16 5.88 0.51
N ALA A 31 -1.28 5.13 -0.58
CA ALA A 31 -2.58 4.78 -1.12
C ALA A 31 -2.77 3.26 -1.04
N HIS A 32 -4.02 2.85 -1.09
CA HIS A 32 -4.34 1.43 -1.02
C HIS A 32 -5.61 1.16 -1.84
N HIS A 33 -5.66 -0.04 -2.40
CA HIS A 33 -6.81 -0.44 -3.20
C HIS A 33 -6.97 -1.95 -3.15
N ASN A 34 -8.23 -2.38 -3.15
CA ASN A 34 -8.54 -3.80 -3.10
C ASN A 34 -7.76 -4.44 -1.94
N CYS A 35 -7.41 -3.61 -0.98
CA CYS A 35 -6.68 -4.08 0.19
C CYS A 35 -5.66 -5.12 -0.27
N GLU A 36 -5.19 -4.96 -1.50
CA GLU A 36 -4.23 -5.87 -2.08
C GLU A 36 -3.07 -5.10 -2.71
N TRP A 37 -3.43 -4.00 -3.37
CA TRP A 37 -2.43 -3.17 -4.02
C TRP A 37 -2.28 -1.89 -3.20
N PHE A 38 -1.03 -1.53 -2.92
CA PHE A 38 -0.74 -0.33 -2.15
C PHE A 38 0.23 0.58 -2.91
N ILE A 39 -0.13 1.86 -2.94
CA ILE A 39 0.70 2.84 -3.63
C ILE A 39 1.66 3.48 -2.62
N ALA A 40 2.91 3.08 -2.72
CA ALA A 40 3.94 3.60 -1.83
C ALA A 40 4.87 4.53 -2.62
N LYS A 41 5.81 5.12 -1.90
CA LYS A 41 6.76 6.03 -2.52
C LYS A 41 8.09 5.96 -1.75
N PRO A 42 9.14 6.58 -2.37
CA PRO A 42 10.45 6.60 -1.75
C PRO A 42 10.50 7.59 -0.59
N ILE A 43 11.64 7.60 0.10
CA ILE A 43 11.82 8.48 1.23
C ILE A 43 11.63 9.93 0.77
N GLY A 44 11.94 10.17 -0.49
CA GLY A 44 11.79 11.50 -1.06
C GLY A 44 13.07 11.91 -1.79
N ARG A 45 13.40 11.17 -2.83
CA ARG A 45 14.58 11.45 -3.62
C ARG A 45 14.21 11.61 -5.09
N LEU A 46 13.96 10.49 -5.74
CA LEU A 46 13.59 10.50 -7.15
C LEU A 46 12.88 9.19 -7.49
N GLY A 47 11.58 9.31 -7.72
CA GLY A 47 10.77 8.14 -8.06
C GLY A 47 9.52 8.07 -7.18
N GLY A 48 8.53 7.36 -7.68
CA GLY A 48 7.28 7.20 -6.96
C GLY A 48 6.25 8.24 -7.41
N PRO A 49 4.99 8.05 -6.93
CA PRO A 49 4.68 6.93 -6.05
C PRO A 49 4.62 5.62 -6.83
N GLY A 50 5.22 4.59 -6.25
CA GLY A 50 5.24 3.28 -6.88
C GLY A 50 4.17 2.37 -6.28
N LEU A 51 3.78 1.37 -7.06
CA LEU A 51 2.77 0.43 -6.62
C LEU A 51 3.46 -0.78 -5.98
N VAL A 52 2.79 -1.34 -4.98
CA VAL A 52 3.32 -2.50 -4.28
C VAL A 52 2.18 -3.21 -3.55
N PRO A 53 2.08 -4.55 -3.82
CA PRO A 53 1.04 -5.35 -3.20
C PRO A 53 1.38 -5.63 -1.73
N VAL A 54 0.47 -6.37 -1.09
CA VAL A 54 0.66 -6.72 0.31
C VAL A 54 1.27 -8.11 0.41
N GLY A 55 1.57 -8.67 -0.75
CA GLY A 55 2.16 -10.00 -0.81
C GLY A 55 3.63 -9.94 -1.20
N PHE A 56 4.11 -8.71 -1.38
CA PHE A 56 5.50 -8.50 -1.75
C PHE A 56 6.14 -7.42 -0.88
N VAL A 57 5.40 -6.99 0.13
CA VAL A 57 5.87 -5.96 1.04
C VAL A 57 5.37 -6.26 2.45
N SER A 58 6.13 -5.78 3.43
CA SER A 58 5.77 -5.98 4.82
C SER A 58 5.73 -4.64 5.55
N ILE A 59 4.72 -4.49 6.38
CA ILE A 59 4.55 -3.27 7.15
C ILE A 59 5.55 -3.25 8.30
N ILE A 60 5.99 -2.05 8.65
CA ILE A 60 6.95 -1.88 9.73
C ILE A 60 6.89 -0.43 10.23
N ASP A 61 6.89 -0.30 11.55
CA ASP A 61 6.84 1.01 12.17
C ASP A 61 7.92 1.10 13.25
N ILE A 62 9.16 1.22 12.80
CA ILE A 62 10.28 1.32 13.72
C ILE A 62 10.08 0.34 14.88
N ALA A 63 9.39 -0.75 14.57
CA ALA A 63 9.12 -1.78 15.57
C ALA A 63 9.77 -3.09 15.15
N THR A 64 9.86 -4.01 16.10
CA THR A 64 10.46 -5.30 15.83
C THR A 64 9.36 -6.33 15.51
N GLY A 65 8.12 -5.91 15.70
CA GLY A 65 6.99 -6.78 15.44
C GLY A 65 6.65 -6.81 13.94
N TYR A 66 5.36 -6.86 13.66
CA TYR A 66 4.91 -6.90 12.28
C TYR A 66 3.55 -6.20 12.13
N ALA A 67 3.53 -5.20 11.26
CA ALA A 67 2.32 -4.44 11.03
C ALA A 67 1.88 -3.76 12.32
N THR A 68 2.83 -3.64 13.24
CA THR A 68 2.56 -3.02 14.52
C THR A 68 1.72 -3.95 15.40
N GLY A 69 1.50 -5.14 14.89
CA GLY A 69 0.71 -6.13 15.61
C GLY A 69 -0.57 -6.47 14.87
N ASN A 70 -1.26 -5.42 14.44
CA ASN A 70 -2.51 -5.59 13.72
C ASN A 70 -2.21 -6.04 12.28
N ASP A 71 -3.26 -6.44 11.58
CA ASP A 71 -3.12 -6.90 10.22
C ASP A 71 -3.07 -5.68 9.28
N VAL A 72 -2.36 -5.86 8.17
CA VAL A 72 -2.23 -4.79 7.20
C VAL A 72 -3.59 -4.13 6.98
N ILE A 73 -4.58 -4.97 6.71
CA ILE A 73 -5.93 -4.49 6.48
C ILE A 73 -6.36 -3.61 7.65
N GLU A 74 -6.12 -4.12 8.85
CA GLU A 74 -6.47 -3.39 10.06
C GLU A 74 -5.63 -2.13 10.19
N ASP A 75 -4.58 -2.07 9.39
CA ASP A 75 -3.68 -0.93 9.40
C ASP A 75 -4.20 0.13 8.42
N ILE A 76 -5.09 -0.31 7.55
CA ILE A 76 -5.67 0.58 6.55
C ILE A 76 -6.67 1.52 7.23
N LYS A 77 -7.77 0.94 7.66
CA LYS A 77 -8.82 1.70 8.32
C LYS A 77 -8.25 2.30 9.62
N SER A 78 -7.12 1.75 10.05
CA SER A 78 -6.48 2.21 11.26
C SER A 78 -6.30 3.73 11.20
N VAL A 79 -5.61 4.17 10.16
CA VAL A 79 -5.36 5.59 9.97
C VAL A 79 -6.52 6.21 9.19
N ASN A 80 -7.62 5.47 9.12
CA ASN A 80 -8.79 5.94 8.41
C ASN A 80 -8.40 6.32 6.98
N LEU A 81 -7.43 5.59 6.46
CA LEU A 81 -6.96 5.83 5.10
C LEU A 81 -7.88 5.12 4.12
N PRO A 82 -8.53 5.93 3.24
CA PRO A 82 -9.44 5.39 2.25
C PRO A 82 -8.66 4.73 1.11
N THR A 83 -9.41 4.32 0.08
CA THR A 83 -8.80 3.67 -1.06
C THR A 83 -7.78 4.59 -1.72
N VAL A 84 -7.32 4.17 -2.90
CA VAL A 84 -6.33 4.95 -3.63
C VAL A 84 -7.04 6.09 -4.36
N GLN A 85 -8.17 5.75 -4.97
CA GLN A 85 -8.95 6.73 -5.70
C GLN A 85 -9.92 7.46 -4.77
N GLU A 86 -10.06 6.90 -3.58
CA GLU A 86 -10.96 7.47 -2.59
C GLU A 86 -10.26 8.59 -1.84
N TRP A 87 -8.97 8.39 -1.59
CA TRP A 87 -8.18 9.38 -0.88
C TRP A 87 -7.84 10.50 -1.86
N LYS A 88 -7.16 10.13 -2.93
CA LYS A 88 -6.78 11.09 -3.95
C LYS A 88 -8.01 11.81 -4.47
N SER A 89 -9.16 11.19 -4.22
CA SER A 89 -10.42 11.75 -4.66
C SER A 89 -10.41 13.28 -4.47
N ASN A 90 -10.16 13.69 -3.24
CA ASN A 90 -10.11 15.11 -2.92
C ASN A 90 -9.13 15.32 -1.75
N ILE A 91 -8.23 16.28 -1.95
CA ILE A 91 -7.25 16.61 -0.94
C ILE A 91 -7.94 17.25 0.26
N ALA A 92 -8.65 18.33 -0.03
CA ALA A 92 -9.36 19.05 1.01
C ALA A 92 -10.83 18.63 1.01
N ARG A 93 -11.11 17.54 1.70
CA ARG A 93 -12.46 17.02 1.79
C ARG A 93 -12.97 17.10 3.22
N TYR A 94 -12.04 16.96 4.16
CA TYR A 94 -12.39 17.02 5.57
C TYR A 94 -13.62 16.15 5.86
N LYS A 95 -13.50 14.87 5.56
CA LYS A 95 -14.59 13.94 5.79
C LYS A 95 -14.08 12.51 5.62
N ALA A 96 -14.82 11.58 6.22
CA ALA A 96 -14.45 10.17 6.13
C ALA A 96 -15.20 9.52 4.98
N SER A 97 -15.06 8.21 4.89
CA SER A 97 -15.72 7.45 3.83
C SER A 97 -16.70 6.44 4.43
N ASN A 98 -16.15 5.31 4.86
CA ASN A 98 -16.97 4.27 5.47
C ASN A 98 -16.36 3.86 6.80
N ILE A 99 -16.90 2.79 7.36
CA ILE A 99 -16.42 2.29 8.64
C ILE A 99 -16.60 0.77 8.69
N SER A 100 -15.47 0.07 8.67
CA SER A 100 -15.49 -1.39 8.71
C SER A 100 -15.32 -1.87 10.15
N LEU A 101 -14.32 -1.29 10.82
CA LEU A 101 -14.04 -1.66 12.20
C LEU A 101 -14.13 -3.18 12.35
N GLY A 102 -13.80 -3.87 11.27
CA GLY A 102 -13.84 -5.32 11.26
C GLY A 102 -12.48 -5.91 11.64
N SER A 103 -12.37 -7.22 11.48
CA SER A 103 -11.14 -7.91 11.79
C SER A 103 -10.89 -9.03 10.78
N VAL A 104 -9.73 -9.65 10.91
CA VAL A 104 -9.37 -10.74 10.01
C VAL A 104 -8.67 -11.84 10.82
N GLU A 105 -9.04 -13.08 10.50
CA GLU A 105 -8.46 -14.23 11.18
C GLU A 105 -7.08 -14.55 10.60
N SER B 1 -13.45 -0.45 -14.74
CA SER B 1 -12.77 0.80 -15.07
C SER B 1 -13.63 2.00 -14.66
N SER B 2 -14.70 1.68 -13.92
CA SER B 2 -15.61 2.72 -13.45
C SER B 2 -14.88 3.64 -12.46
N SER B 3 -14.04 4.50 -13.00
CA SER B 3 -13.28 5.43 -12.20
C SER B 3 -12.64 6.50 -13.07
N ALA B 4 -11.84 7.36 -12.44
CA ALA B 4 -11.17 8.42 -13.14
C ALA B 4 -10.17 9.11 -12.21
N ASN B 5 -9.25 9.84 -12.81
CA ASN B 5 -8.23 10.55 -12.04
C ASN B 5 -7.40 9.53 -11.25
N GLY B 6 -7.16 8.38 -11.88
CA GLY B 6 -6.39 7.34 -11.25
C GLY B 6 -5.40 6.71 -12.24
N LYS B 7 -4.13 6.86 -11.94
CA LYS B 7 -3.08 6.33 -12.78
C LYS B 7 -2.35 5.20 -12.04
N PHE B 8 -2.61 5.13 -10.74
CA PHE B 8 -1.99 4.12 -9.90
C PHE B 8 -2.83 2.84 -9.87
N ILE B 9 -3.92 2.87 -10.63
CA ILE B 9 -4.82 1.72 -10.69
C ILE B 9 -4.09 0.55 -11.35
N PRO B 10 -4.26 -0.65 -10.74
CA PRO B 10 -3.63 -1.85 -11.26
C PRO B 10 -4.35 -2.35 -12.50
N SER B 11 -3.59 -2.99 -13.38
CA SER B 11 -4.15 -3.53 -14.62
C SER B 11 -4.25 -5.05 -14.53
N ARG B 12 -3.24 -5.64 -13.88
CA ARG B 12 -3.21 -7.08 -13.72
C ARG B 12 -3.66 -7.47 -12.32
N PRO B 13 -3.94 -8.79 -12.15
CA PRO B 13 -4.38 -9.30 -10.87
C PRO B 13 -3.22 -9.39 -9.89
N ALA B 14 -3.46 -10.08 -8.78
CA ALA B 14 -2.44 -10.25 -7.75
C ALA B 14 -1.37 -11.20 -8.27
N PRO B 15 -0.08 -10.80 -8.06
CA PRO B 15 1.03 -11.61 -8.50
C PRO B 15 1.23 -12.82 -7.57
N LYS B 16 2.36 -13.47 -7.73
CA LYS B 16 2.69 -14.64 -6.93
C LYS B 16 4.09 -14.48 -6.34
N PRO B 17 4.15 -13.89 -5.12
CA PRO B 17 5.41 -13.67 -4.44
C PRO B 17 5.97 -14.98 -3.88
N PRO B 18 7.32 -15.04 -3.79
CA PRO B 18 7.98 -16.23 -3.27
C PRO B 18 7.84 -16.32 -1.75
N SER B 19 8.00 -17.53 -1.23
CA SER B 19 7.89 -17.76 0.19
C SER B 19 6.57 -17.22 0.71
N SER B 20 5.55 -17.29 -0.14
CA SER B 20 4.23 -16.82 0.22
C SER B 20 3.58 -17.79 1.21
N ALA B 21 3.39 -17.30 2.43
CA ALA B 21 2.78 -18.11 3.47
C ALA B 21 1.26 -17.93 3.43
N SER B 22 0.79 -17.36 2.33
CA SER B 22 -0.63 -17.13 2.15
C SER B 22 -1.17 -18.02 1.03
N ALA B 23 -0.33 -18.94 0.59
CA ALA B 23 -0.71 -19.86 -0.46
C ALA B 23 -0.20 -21.27 -0.12
N SER B 24 -0.51 -22.21 -1.00
CA SER B 24 -0.09 -23.58 -0.80
C SER B 24 1.17 -23.87 -1.61
N GLY A 1 9.31 8.60 11.56
CA GLY A 1 7.90 8.49 11.23
C GLY A 1 7.41 7.05 11.41
N SER A 2 6.23 6.79 10.86
CA SER A 2 5.64 5.47 10.96
C SER A 2 4.81 5.17 9.71
N LEU A 3 4.24 3.98 9.68
CA LEU A 3 3.42 3.56 8.55
C LEU A 3 4.31 3.47 7.30
N TYR A 4 5.25 2.54 7.36
CA TYR A 4 6.16 2.34 6.24
C TYR A 4 6.04 0.92 5.68
N ALA A 5 6.41 0.79 4.42
CA ALA A 5 6.35 -0.50 3.75
C ALA A 5 7.76 -0.95 3.38
N ILE A 6 7.98 -2.26 3.48
CA ILE A 6 9.27 -2.83 3.15
C ILE A 6 9.09 -3.99 2.17
N VAL A 7 9.89 -3.98 1.12
CA VAL A 7 9.83 -5.02 0.11
C VAL A 7 10.80 -6.13 0.46
N LEU A 8 10.26 -7.34 0.60
CA LEU A 8 11.07 -8.49 0.95
C LEU A 8 11.39 -9.28 -0.32
N TYR A 9 10.67 -8.95 -1.38
CA TYR A 9 10.88 -9.60 -2.67
C TYR A 9 10.68 -8.63 -3.82
N ASP A 10 11.29 -8.96 -4.94
CA ASP A 10 11.19 -8.13 -6.13
C ASP A 10 10.13 -8.71 -7.07
N PHE A 11 9.61 -7.84 -7.94
CA PHE A 11 8.60 -8.26 -8.89
C PHE A 11 8.52 -7.28 -10.07
N LYS A 12 8.53 -7.85 -11.27
CA LYS A 12 8.46 -7.04 -12.48
C LYS A 12 7.08 -6.38 -12.57
N ALA A 13 7.10 -5.06 -12.62
CA ALA A 13 5.87 -4.29 -12.69
C ALA A 13 5.52 -4.06 -14.17
N GLU A 14 4.23 -4.16 -14.46
CA GLU A 14 3.76 -3.95 -15.82
C GLU A 14 2.33 -3.40 -15.80
N LYS A 15 1.97 -2.82 -14.66
CA LYS A 15 0.64 -2.25 -14.51
C LYS A 15 0.71 -0.74 -14.74
N ALA A 16 -0.44 -0.09 -14.54
CA ALA A 16 -0.52 1.34 -14.73
C ALA A 16 0.46 2.03 -13.76
N ASP A 17 0.69 1.37 -12.64
CA ASP A 17 1.60 1.90 -11.64
C ASP A 17 2.90 1.08 -11.64
N GLU A 18 3.10 0.37 -12.73
CA GLU A 18 4.29 -0.46 -12.88
C GLU A 18 5.49 0.23 -12.24
N LEU A 19 5.87 -0.27 -11.07
CA LEU A 19 7.00 0.29 -10.34
C LEU A 19 7.78 -0.84 -9.69
N THR A 20 8.82 -1.28 -10.38
CA THR A 20 9.66 -2.35 -9.88
C THR A 20 10.35 -1.93 -8.59
N THR A 21 10.67 -2.92 -7.76
CA THR A 21 11.33 -2.67 -6.51
C THR A 21 12.11 -3.90 -6.04
N TYR A 22 13.42 -3.84 -6.24
CA TYR A 22 14.29 -4.94 -5.86
C TYR A 22 13.91 -5.48 -4.47
N VAL A 23 14.35 -6.70 -4.20
CA VAL A 23 14.07 -7.33 -2.92
C VAL A 23 14.71 -6.51 -1.80
N GLY A 24 14.18 -6.69 -0.60
CA GLY A 24 14.69 -5.99 0.56
C GLY A 24 14.81 -4.48 0.27
N GLU A 25 13.65 -3.87 0.01
CA GLU A 25 13.61 -2.46 -0.28
C GLU A 25 12.76 -1.72 0.76
N ASN A 26 12.89 -0.41 0.77
CA ASN A 26 12.15 0.42 1.71
C ASN A 26 11.34 1.45 0.94
N LEU A 27 10.03 1.42 1.18
CA LEU A 27 9.13 2.35 0.51
C LEU A 27 8.05 2.80 1.49
N PHE A 28 7.50 3.97 1.23
CA PHE A 28 6.47 4.53 2.08
C PHE A 28 5.11 4.51 1.37
N ILE A 29 4.21 3.68 1.89
CA ILE A 29 2.88 3.57 1.31
C ILE A 29 2.09 4.84 1.61
N CYS A 30 1.15 5.14 0.72
CA CYS A 30 0.33 6.33 0.87
C CYS A 30 -1.10 5.97 0.46
N ALA A 31 -1.20 5.25 -0.66
CA ALA A 31 -2.50 4.83 -1.16
C ALA A 31 -2.63 3.31 -1.03
N HIS A 32 -3.86 2.85 -1.20
CA HIS A 32 -4.13 1.42 -1.11
C HIS A 32 -5.44 1.10 -1.83
N HIS A 33 -5.51 -0.10 -2.36
CA HIS A 33 -6.70 -0.55 -3.07
C HIS A 33 -6.96 -2.02 -2.76
N ASN A 34 -8.22 -2.30 -2.45
CA ASN A 34 -8.62 -3.67 -2.14
C ASN A 34 -7.66 -4.25 -1.10
N CYS A 35 -7.14 -3.37 -0.26
CA CYS A 35 -6.20 -3.78 0.77
C CYS A 35 -5.29 -4.86 0.19
N GLU A 36 -4.99 -4.71 -1.09
CA GLU A 36 -4.12 -5.66 -1.78
C GLU A 36 -2.99 -4.93 -2.49
N TRP A 37 -3.34 -3.79 -3.08
CA TRP A 37 -2.36 -2.98 -3.80
C TRP A 37 -2.14 -1.69 -3.00
N PHE A 38 -0.87 -1.43 -2.71
CA PHE A 38 -0.51 -0.24 -1.97
C PHE A 38 0.39 0.69 -2.80
N ILE A 39 0.03 1.95 -2.81
CA ILE A 39 0.79 2.94 -3.56
C ILE A 39 1.78 3.64 -2.62
N ALA A 40 3.04 3.24 -2.74
CA ALA A 40 4.08 3.82 -1.91
C ALA A 40 5.02 4.65 -2.79
N LYS A 41 5.96 5.32 -2.13
CA LYS A 41 6.92 6.16 -2.84
C LYS A 41 8.26 6.11 -2.10
N PRO A 42 9.31 6.59 -2.81
CA PRO A 42 10.65 6.61 -2.24
C PRO A 42 10.79 7.73 -1.21
N ILE A 43 11.97 7.79 -0.61
CA ILE A 43 12.25 8.81 0.40
C ILE A 43 12.80 10.06 -0.30
N GLY A 44 12.63 10.10 -1.61
CA GLY A 44 13.11 11.23 -2.39
C GLY A 44 12.09 11.64 -3.45
N ARG A 45 12.54 11.62 -4.69
CA ARG A 45 11.68 11.99 -5.81
C ARG A 45 12.26 11.45 -7.12
N LEU A 46 11.48 11.59 -8.17
CA LEU A 46 11.89 11.13 -9.49
C LEU A 46 11.71 9.62 -9.58
N GLY A 47 10.47 9.23 -9.86
CA GLY A 47 10.14 7.82 -9.98
C GLY A 47 8.74 7.53 -9.41
N GLY A 48 8.70 7.32 -8.10
CA GLY A 48 7.45 7.04 -7.43
C GLY A 48 6.38 8.06 -7.82
N PRO A 49 5.17 7.87 -7.23
CA PRO A 49 4.94 6.77 -6.31
C PRO A 49 4.83 5.44 -7.05
N GLY A 50 5.36 4.41 -6.42
CA GLY A 50 5.32 3.07 -7.02
C GLY A 50 4.29 2.19 -6.31
N LEU A 51 3.74 1.25 -7.07
CA LEU A 51 2.75 0.35 -6.52
C LEU A 51 3.45 -0.86 -5.90
N VAL A 52 2.85 -1.38 -4.83
CA VAL A 52 3.41 -2.52 -4.14
C VAL A 52 2.29 -3.29 -3.43
N PRO A 53 2.16 -4.59 -3.78
CA PRO A 53 1.14 -5.43 -3.20
C PRO A 53 1.51 -5.83 -1.77
N VAL A 54 0.55 -6.44 -1.08
CA VAL A 54 0.77 -6.86 0.29
C VAL A 54 1.32 -8.29 0.28
N GLY A 55 1.59 -8.79 -0.91
CA GLY A 55 2.13 -10.13 -1.06
C GLY A 55 3.63 -10.10 -1.37
N PHE A 56 4.11 -8.89 -1.69
CA PHE A 56 5.52 -8.72 -2.00
C PHE A 56 6.14 -7.65 -1.10
N VAL A 57 5.31 -7.08 -0.24
CA VAL A 57 5.77 -6.06 0.69
C VAL A 57 5.11 -6.28 2.05
N SER A 58 5.72 -5.69 3.07
CA SER A 58 5.21 -5.80 4.42
C SER A 58 5.07 -4.42 5.05
N ILE A 59 4.07 -4.28 5.91
CA ILE A 59 3.83 -3.02 6.59
C ILE A 59 4.54 -3.03 7.95
N ILE A 60 5.09 -1.87 8.30
CA ILE A 60 5.79 -1.73 9.56
C ILE A 60 5.53 -0.34 10.13
N ASP A 61 5.42 -0.29 11.45
CA ASP A 61 5.17 0.97 12.13
C ASP A 61 6.50 1.59 12.56
N ILE A 62 7.53 0.76 12.56
CA ILE A 62 8.85 1.19 12.95
C ILE A 62 9.90 0.40 12.17
N ALA A 63 11.16 0.77 12.37
CA ALA A 63 12.26 0.09 11.70
C ALA A 63 12.07 -1.42 11.83
N THR A 64 12.23 -1.90 13.04
CA THR A 64 12.09 -3.33 13.30
C THR A 64 10.74 -3.62 13.97
N GLY A 65 10.17 -4.75 13.60
CA GLY A 65 8.88 -5.15 14.15
C GLY A 65 7.88 -5.44 13.04
N TYR A 66 6.60 -5.40 13.41
CA TYR A 66 5.54 -5.66 12.45
C TYR A 66 4.61 -4.45 12.34
N ALA A 67 3.52 -4.65 11.62
CA ALA A 67 2.54 -3.59 11.41
C ALA A 67 1.82 -3.31 12.74
N THR A 68 2.57 -2.73 13.67
CA THR A 68 2.01 -2.41 14.97
C THR A 68 1.32 -3.63 15.57
N GLY A 69 1.65 -4.79 15.03
CA GLY A 69 1.07 -6.04 15.50
C GLY A 69 -0.18 -6.39 14.69
N ASN A 70 -1.02 -5.39 14.49
CA ASN A 70 -2.25 -5.59 13.74
C ASN A 70 -1.90 -6.00 12.30
N ASP A 71 -2.85 -6.66 11.66
CA ASP A 71 -2.66 -7.11 10.29
C ASP A 71 -2.72 -5.89 9.36
N VAL A 72 -1.97 -6.00 8.26
CA VAL A 72 -1.92 -4.93 7.28
C VAL A 72 -3.33 -4.35 7.10
N ILE A 73 -4.30 -5.25 6.97
CA ILE A 73 -5.68 -4.84 6.80
C ILE A 73 -6.15 -4.10 8.06
N GLU A 74 -5.90 -4.73 9.19
CA GLU A 74 -6.30 -4.16 10.47
C GLU A 74 -5.59 -2.82 10.69
N ASP A 75 -4.53 -2.62 9.92
CA ASP A 75 -3.75 -1.39 10.03
C ASP A 75 -4.34 -0.33 9.10
N ILE A 76 -5.11 -0.81 8.13
CA ILE A 76 -5.75 0.08 7.17
C ILE A 76 -6.88 0.84 7.85
N LYS A 77 -7.93 0.11 8.17
CA LYS A 77 -9.09 0.71 8.82
C LYS A 77 -8.64 1.37 10.13
N SER A 78 -7.51 0.90 10.64
CA SER A 78 -6.97 1.43 11.87
C SER A 78 -6.96 2.96 11.83
N VAL A 79 -6.29 3.49 10.80
CA VAL A 79 -6.20 4.93 10.63
C VAL A 79 -7.24 5.38 9.60
N ASN A 80 -8.29 4.58 9.48
CA ASN A 80 -9.36 4.88 8.54
C ASN A 80 -8.75 5.40 7.24
N LEU A 81 -7.62 4.82 6.88
CA LEU A 81 -6.93 5.21 5.66
C LEU A 81 -7.85 4.96 4.46
N PRO A 82 -8.15 6.07 3.73
CA PRO A 82 -9.02 6.00 2.57
C PRO A 82 -8.28 5.38 1.38
N THR A 83 -9.07 4.94 0.40
CA THR A 83 -8.51 4.33 -0.79
C THR A 83 -7.75 5.36 -1.62
N VAL A 84 -7.08 4.87 -2.65
CA VAL A 84 -6.32 5.74 -3.53
C VAL A 84 -7.27 6.68 -4.27
N GLN A 85 -8.30 6.08 -4.86
CA GLN A 85 -9.29 6.85 -5.58
C GLN A 85 -10.11 7.72 -4.63
N GLU A 86 -10.00 7.40 -3.35
CA GLU A 86 -10.72 8.13 -2.33
C GLU A 86 -9.89 9.32 -1.84
N TRP A 87 -8.60 9.09 -1.72
CA TRP A 87 -7.69 10.12 -1.26
C TRP A 87 -7.37 11.01 -2.46
N LYS A 88 -6.72 10.41 -3.45
CA LYS A 88 -6.35 11.14 -4.65
C LYS A 88 -7.58 11.87 -5.21
N SER A 89 -8.75 11.36 -4.85
CA SER A 89 -10.00 11.96 -5.29
C SER A 89 -9.89 13.48 -5.27
N ASN A 90 -9.78 14.02 -4.07
CA ASN A 90 -9.67 15.46 -3.91
C ASN A 90 -8.56 15.77 -2.89
N ILE A 91 -7.59 16.53 -3.34
CA ILE A 91 -6.48 16.91 -2.48
C ILE A 91 -7.02 17.41 -1.15
N ALA A 92 -7.90 18.38 -1.23
CA ALA A 92 -8.50 18.96 -0.05
C ALA A 92 -10.03 18.83 -0.13
N ARG A 93 -10.57 18.09 0.83
CA ARG A 93 -12.01 17.87 0.87
C ARG A 93 -12.49 17.76 2.32
N TYR A 94 -13.80 17.69 2.48
CA TYR A 94 -14.40 17.59 3.80
C TYR A 94 -14.26 16.17 4.35
N LYS A 95 -14.24 16.08 5.67
CA LYS A 95 -14.12 14.79 6.33
C LYS A 95 -15.28 13.89 5.91
N ALA A 96 -14.92 12.68 5.52
CA ALA A 96 -15.92 11.71 5.08
C ALA A 96 -15.24 10.36 4.82
N SER A 97 -16.04 9.41 4.38
CA SER A 97 -15.53 8.07 4.09
C SER A 97 -14.86 7.49 5.34
N ASN A 98 -15.61 7.47 6.43
CA ASN A 98 -15.11 6.95 7.68
C ASN A 98 -15.74 5.58 7.95
N ILE A 99 -14.89 4.64 8.35
CA ILE A 99 -15.36 3.30 8.63
C ILE A 99 -14.91 2.90 10.04
N SER A 100 -15.80 2.20 10.73
CA SER A 100 -15.51 1.75 12.09
C SER A 100 -16.18 0.40 12.35
N LEU A 101 -15.35 -0.63 12.43
CA LEU A 101 -15.85 -1.97 12.68
C LEU A 101 -15.10 -2.58 13.86
N GLY A 102 -15.45 -3.82 14.18
CA GLY A 102 -14.83 -4.52 15.27
C GLY A 102 -13.40 -4.95 14.91
N SER A 103 -13.05 -6.15 15.36
CA SER A 103 -11.73 -6.69 15.08
C SER A 103 -11.68 -8.17 15.46
N VAL A 104 -10.99 -8.93 14.63
CA VAL A 104 -10.85 -10.37 14.86
C VAL A 104 -9.43 -10.80 14.53
N GLU A 105 -9.20 -12.11 14.61
CA GLU A 105 -7.89 -12.67 14.32
C GLU A 105 -7.73 -12.89 12.82
N SER B 1 -15.99 -2.19 -18.66
CA SER B 1 -14.84 -1.98 -17.80
C SER B 1 -14.42 -0.51 -17.85
N SER B 2 -15.28 0.30 -18.43
CA SER B 2 -15.01 1.72 -18.55
C SER B 2 -16.19 2.54 -18.03
N SER B 3 -16.71 2.10 -16.89
CA SER B 3 -17.85 2.77 -16.27
C SER B 3 -17.34 3.92 -15.39
N ALA B 4 -16.58 3.56 -14.37
CA ALA B 4 -16.05 4.55 -13.45
C ALA B 4 -14.54 4.73 -13.72
N ASN B 5 -14.03 5.87 -13.31
CA ASN B 5 -12.63 6.18 -13.50
C ASN B 5 -11.88 5.98 -12.17
N GLY B 6 -10.58 5.80 -12.29
CA GLY B 6 -9.75 5.60 -11.10
C GLY B 6 -8.34 6.18 -11.32
N LYS B 7 -7.64 6.36 -10.21
CA LYS B 7 -6.30 6.91 -10.25
C LYS B 7 -5.35 6.00 -9.47
N PHE B 8 -4.13 5.90 -9.98
CA PHE B 8 -3.13 5.06 -9.35
C PHE B 8 -3.65 3.65 -9.10
N ILE B 9 -4.46 3.19 -10.06
CA ILE B 9 -5.05 1.86 -9.96
C ILE B 9 -4.19 0.88 -10.77
N PRO B 10 -4.02 -0.34 -10.20
CA PRO B 10 -3.24 -1.37 -10.85
C PRO B 10 -4.00 -1.98 -12.02
N SER B 11 -3.45 -3.07 -12.55
CA SER B 11 -4.07 -3.76 -13.66
C SER B 11 -4.11 -5.27 -13.40
N ARG B 12 -3.90 -5.61 -12.14
CA ARG B 12 -3.91 -7.01 -11.74
C ARG B 12 -4.49 -7.16 -10.33
N PRO B 13 -5.04 -8.36 -10.05
CA PRO B 13 -5.63 -8.65 -8.75
C PRO B 13 -4.54 -8.86 -7.70
N ALA B 14 -3.46 -9.50 -8.13
CA ALA B 14 -2.34 -9.77 -7.24
C ALA B 14 -1.42 -10.81 -7.88
N PRO B 15 -0.10 -10.52 -7.84
CA PRO B 15 0.89 -11.41 -8.42
C PRO B 15 1.10 -12.63 -7.52
N LYS B 16 2.12 -13.42 -7.86
CA LYS B 16 2.43 -14.61 -7.10
C LYS B 16 3.89 -14.55 -6.65
N PRO B 17 4.09 -14.09 -5.39
CA PRO B 17 5.42 -13.97 -4.83
C PRO B 17 5.97 -15.35 -4.45
N PRO B 18 7.31 -15.38 -4.19
CA PRO B 18 7.97 -16.62 -3.81
C PRO B 18 7.64 -17.00 -2.37
N SER B 19 7.74 -16.02 -1.49
CA SER B 19 7.45 -16.23 -0.09
C SER B 19 6.05 -16.84 0.08
N SER B 20 5.19 -16.55 -0.89
CA SER B 20 3.83 -17.05 -0.87
C SER B 20 3.83 -18.58 -0.93
N ALA B 21 4.07 -19.19 0.22
CA ALA B 21 4.10 -20.63 0.30
C ALA B 21 2.97 -21.22 -0.55
N SER B 22 1.77 -20.69 -0.33
CA SER B 22 0.61 -21.14 -1.08
C SER B 22 0.95 -21.24 -2.57
N ALA B 23 1.33 -22.45 -2.98
CA ALA B 23 1.67 -22.68 -4.37
C ALA B 23 0.60 -22.07 -5.27
N SER B 24 1.02 -21.67 -6.46
CA SER B 24 0.11 -21.07 -7.42
C SER B 24 -0.29 -22.11 -8.47
N GLY A 1 8.47 8.32 13.44
CA GLY A 1 8.46 7.95 12.03
C GLY A 1 7.14 7.25 11.67
N SER A 2 6.51 7.77 10.63
CA SER A 2 5.24 7.20 10.17
C SER A 2 5.48 5.81 9.59
N LEU A 3 4.58 4.90 9.95
CA LEU A 3 4.68 3.54 9.47
C LEU A 3 4.98 3.54 7.98
N TYR A 4 5.86 2.63 7.58
CA TYR A 4 6.24 2.52 6.18
C TYR A 4 6.17 1.07 5.70
N ALA A 5 6.40 0.89 4.41
CA ALA A 5 6.35 -0.43 3.82
C ALA A 5 7.78 -0.89 3.48
N ILE A 6 7.97 -2.20 3.49
CA ILE A 6 9.27 -2.76 3.20
C ILE A 6 9.11 -3.90 2.19
N VAL A 7 9.98 -3.89 1.19
CA VAL A 7 9.95 -4.92 0.16
C VAL A 7 10.83 -6.09 0.58
N LEU A 8 10.20 -7.25 0.73
CA LEU A 8 10.91 -8.45 1.13
C LEU A 8 11.31 -9.24 -0.13
N TYR A 9 10.66 -8.90 -1.23
CA TYR A 9 10.93 -9.57 -2.50
C TYR A 9 10.72 -8.61 -3.68
N ASP A 10 11.38 -8.94 -4.77
CA ASP A 10 11.27 -8.13 -5.97
C ASP A 10 10.08 -8.62 -6.81
N PHE A 11 9.55 -7.70 -7.61
CA PHE A 11 8.42 -8.02 -8.47
C PHE A 11 8.38 -7.10 -9.69
N LYS A 12 8.20 -7.73 -10.85
CA LYS A 12 8.14 -6.99 -12.10
C LYS A 12 6.78 -6.30 -12.21
N ALA A 13 6.84 -4.99 -12.42
CA ALA A 13 5.62 -4.21 -12.55
C ALA A 13 5.52 -3.65 -13.97
N GLU A 14 4.34 -3.80 -14.55
CA GLU A 14 4.10 -3.31 -15.91
C GLU A 14 2.75 -2.60 -15.98
N LYS A 15 2.16 -2.39 -14.82
CA LYS A 15 0.87 -1.73 -14.74
C LYS A 15 1.07 -0.21 -14.89
N ALA A 16 -0.03 0.51 -14.76
CA ALA A 16 0.01 1.95 -14.88
C ALA A 16 0.83 2.53 -13.71
N ASP A 17 0.92 1.75 -12.65
CA ASP A 17 1.66 2.17 -11.47
C ASP A 17 2.89 1.26 -11.30
N GLU A 18 3.18 0.50 -12.35
CA GLU A 18 4.31 -0.39 -12.32
C GLU A 18 5.45 0.19 -11.49
N LEU A 19 5.72 -0.46 -10.37
CA LEU A 19 6.76 0.00 -9.47
C LEU A 19 7.82 -1.11 -9.33
N THR A 20 8.90 -0.95 -10.08
CA THR A 20 9.98 -1.92 -10.05
C THR A 20 10.88 -1.68 -8.83
N THR A 21 11.14 -2.75 -8.11
CA THR A 21 11.99 -2.67 -6.92
C THR A 21 12.63 -4.02 -6.63
N TYR A 22 13.75 -3.97 -5.93
CA TYR A 22 14.47 -5.18 -5.57
C TYR A 22 14.06 -5.67 -4.19
N VAL A 23 14.46 -6.91 -3.89
CA VAL A 23 14.13 -7.51 -2.61
C VAL A 23 14.77 -6.68 -1.49
N GLY A 24 14.21 -6.83 -0.30
CA GLY A 24 14.70 -6.11 0.86
C GLY A 24 14.86 -4.62 0.54
N GLU A 25 13.77 -4.01 0.11
CA GLU A 25 13.79 -2.61 -0.23
C GLU A 25 12.89 -1.82 0.74
N ASN A 26 12.91 -0.50 0.57
CA ASN A 26 12.10 0.37 1.41
C ASN A 26 11.11 1.15 0.54
N LEU A 27 9.85 1.11 0.97
CA LEU A 27 8.80 1.80 0.24
C LEU A 27 7.76 2.35 1.23
N PHE A 28 7.41 3.61 1.02
CA PHE A 28 6.44 4.25 1.88
C PHE A 28 5.05 4.28 1.23
N ILE A 29 4.16 3.46 1.77
CA ILE A 29 2.81 3.38 1.25
C ILE A 29 2.06 4.67 1.60
N CYS A 30 0.96 4.89 0.90
CA CYS A 30 0.15 6.07 1.13
C CYS A 30 -1.28 5.77 0.65
N ALA A 31 -1.35 5.10 -0.49
CA ALA A 31 -2.64 4.75 -1.06
C ALA A 31 -2.83 3.23 -1.00
N HIS A 32 -4.09 2.82 -0.93
CA HIS A 32 -4.42 1.41 -0.85
C HIS A 32 -5.72 1.15 -1.62
N HIS A 33 -5.81 -0.05 -2.18
CA HIS A 33 -6.99 -0.44 -2.92
C HIS A 33 -7.13 -1.97 -2.92
N ASN A 34 -8.36 -2.43 -2.86
CA ASN A 34 -8.63 -3.85 -2.85
C ASN A 34 -7.89 -4.51 -1.68
N CYS A 35 -7.49 -3.66 -0.74
CA CYS A 35 -6.79 -4.14 0.43
C CYS A 35 -5.73 -5.16 -0.02
N GLU A 36 -5.30 -5.01 -1.27
CA GLU A 36 -4.31 -5.89 -1.84
C GLU A 36 -3.22 -5.09 -2.54
N TRP A 37 -3.64 -4.04 -3.23
CA TRP A 37 -2.70 -3.19 -3.95
C TRP A 37 -2.53 -1.90 -3.14
N PHE A 38 -1.28 -1.56 -2.88
CA PHE A 38 -0.96 -0.36 -2.12
C PHE A 38 -0.01 0.53 -2.90
N ILE A 39 -0.40 1.79 -3.04
CA ILE A 39 0.42 2.76 -3.75
C ILE A 39 1.44 3.36 -2.79
N ALA A 40 2.69 2.94 -2.98
CA ALA A 40 3.77 3.42 -2.14
C ALA A 40 4.83 4.10 -3.01
N LYS A 41 5.68 4.88 -2.36
CA LYS A 41 6.74 5.58 -3.06
C LYS A 41 8.10 5.03 -2.64
N PRO A 42 9.04 4.99 -3.63
CA PRO A 42 10.37 4.48 -3.35
C PRO A 42 11.20 5.50 -2.56
N ILE A 43 12.37 5.06 -2.13
CA ILE A 43 13.26 5.91 -1.35
C ILE A 43 13.30 7.30 -1.99
N GLY A 44 13.37 7.30 -3.32
CA GLY A 44 13.41 8.55 -4.06
C GLY A 44 13.29 8.31 -5.56
N ARG A 45 14.41 7.88 -6.14
CA ARG A 45 14.46 7.61 -7.57
C ARG A 45 13.38 6.58 -7.94
N LEU A 46 13.37 6.20 -9.21
CA LEU A 46 12.41 5.24 -9.71
C LEU A 46 11.03 5.88 -9.78
N GLY A 47 11.02 7.20 -9.59
CA GLY A 47 9.77 7.95 -9.63
C GLY A 47 8.97 7.74 -8.34
N GLY A 48 7.69 7.45 -8.51
CA GLY A 48 6.80 7.24 -7.38
C GLY A 48 5.84 8.41 -7.19
N PRO A 49 4.80 8.17 -6.35
CA PRO A 49 4.65 6.89 -5.68
C PRO A 49 4.16 5.81 -6.65
N GLY A 50 4.74 4.63 -6.53
CA GLY A 50 4.37 3.52 -7.39
C GLY A 50 3.41 2.57 -6.66
N LEU A 51 3.03 1.51 -7.36
CA LEU A 51 2.13 0.52 -6.79
C LEU A 51 2.95 -0.60 -6.16
N VAL A 52 2.38 -1.18 -5.11
CA VAL A 52 3.04 -2.27 -4.41
C VAL A 52 1.99 -3.12 -3.69
N PRO A 53 1.99 -4.44 -4.03
CA PRO A 53 1.04 -5.36 -3.43
C PRO A 53 1.44 -5.70 -2.00
N VAL A 54 0.57 -6.44 -1.33
CA VAL A 54 0.82 -6.84 0.04
C VAL A 54 1.51 -8.21 0.07
N GLY A 55 1.68 -8.77 -1.12
CA GLY A 55 2.32 -10.06 -1.25
C GLY A 55 3.80 -9.91 -1.63
N PHE A 56 4.23 -8.66 -1.70
CA PHE A 56 5.61 -8.36 -2.04
C PHE A 56 6.17 -7.24 -1.16
N VAL A 57 5.41 -6.91 -0.13
CA VAL A 57 5.81 -5.87 0.79
C VAL A 57 5.18 -6.13 2.16
N SER A 58 5.80 -5.54 3.18
CA SER A 58 5.32 -5.70 4.54
C SER A 58 5.29 -4.35 5.25
N ILE A 59 4.32 -4.21 6.16
CA ILE A 59 4.18 -2.97 6.90
C ILE A 59 5.08 -3.02 8.14
N ILE A 60 5.82 -1.94 8.34
CA ILE A 60 6.72 -1.85 9.48
C ILE A 60 6.79 -0.39 9.95
N ASP A 61 6.84 -0.24 11.27
CA ASP A 61 6.90 1.09 11.86
C ASP A 61 8.06 1.14 12.85
N ILE A 62 8.18 2.28 13.52
CA ILE A 62 9.23 2.47 14.50
C ILE A 62 8.65 2.30 15.91
N ALA A 63 7.58 1.51 15.98
CA ALA A 63 6.92 1.25 17.24
C ALA A 63 7.34 -0.12 17.76
N THR A 64 8.48 -0.58 17.27
CA THR A 64 9.00 -1.88 17.68
C THR A 64 7.98 -2.98 17.39
N GLY A 65 8.28 -3.78 16.38
CA GLY A 65 7.40 -4.87 16.00
C GLY A 65 7.05 -4.78 14.51
N TYR A 66 6.43 -5.85 14.02
CA TYR A 66 6.04 -5.91 12.63
C TYR A 66 4.52 -5.69 12.47
N ALA A 67 4.19 -4.80 11.56
CA ALA A 67 2.78 -4.48 11.30
C ALA A 67 2.11 -4.11 12.63
N THR A 68 2.91 -3.61 13.55
CA THR A 68 2.40 -3.22 14.85
C THR A 68 1.47 -4.29 15.41
N GLY A 69 1.70 -5.52 14.96
CA GLY A 69 0.89 -6.64 15.40
C GLY A 69 -0.38 -6.77 14.55
N ASN A 70 -1.06 -5.64 14.38
CA ASN A 70 -2.29 -5.61 13.60
C ASN A 70 -1.96 -5.96 12.14
N ASP A 71 -2.87 -6.70 11.52
CA ASP A 71 -2.69 -7.09 10.14
C ASP A 71 -2.67 -5.84 9.25
N VAL A 72 -2.06 -5.99 8.08
CA VAL A 72 -1.98 -4.89 7.14
C VAL A 72 -3.36 -4.28 6.93
N ILE A 73 -4.35 -5.17 6.83
CA ILE A 73 -5.73 -4.74 6.63
C ILE A 73 -6.23 -4.07 7.91
N GLU A 74 -5.89 -4.68 9.04
CA GLU A 74 -6.31 -4.16 10.33
C GLU A 74 -5.59 -2.84 10.62
N ASP A 75 -4.48 -2.63 9.91
CA ASP A 75 -3.70 -1.41 10.09
C ASP A 75 -4.22 -0.34 9.15
N ILE A 76 -5.00 -0.77 8.17
CA ILE A 76 -5.57 0.15 7.20
C ILE A 76 -6.65 0.99 7.88
N LYS A 77 -7.75 0.33 8.22
CA LYS A 77 -8.86 1.00 8.86
C LYS A 77 -8.36 1.67 10.16
N SER A 78 -7.29 1.11 10.69
CA SER A 78 -6.71 1.63 11.92
C SER A 78 -6.52 3.14 11.81
N VAL A 79 -5.80 3.54 10.77
CA VAL A 79 -5.54 4.95 10.52
C VAL A 79 -6.60 5.51 9.57
N ASN A 80 -7.76 4.87 9.59
CA ASN A 80 -8.87 5.28 8.74
C ASN A 80 -8.32 5.68 7.37
N LEU A 81 -7.30 4.95 6.95
CA LEU A 81 -6.67 5.21 5.65
C LEU A 81 -7.68 4.90 4.54
N PRO A 82 -8.00 5.95 3.74
CA PRO A 82 -8.94 5.80 2.64
C PRO A 82 -8.29 5.05 1.47
N THR A 83 -9.11 4.75 0.47
CA THR A 83 -8.64 4.05 -0.70
C THR A 83 -7.72 4.95 -1.53
N VAL A 84 -7.38 4.47 -2.72
CA VAL A 84 -6.51 5.21 -3.61
C VAL A 84 -7.34 6.24 -4.38
N GLN A 85 -8.57 5.86 -4.69
CA GLN A 85 -9.46 6.73 -5.43
C GLN A 85 -10.19 7.66 -4.46
N GLU A 86 -10.22 7.27 -3.20
CA GLU A 86 -10.87 8.06 -2.17
C GLU A 86 -9.96 9.21 -1.72
N TRP A 87 -8.67 8.92 -1.68
CA TRP A 87 -7.69 9.91 -1.27
C TRP A 87 -7.34 10.76 -2.50
N LYS A 88 -6.89 10.07 -3.54
CA LYS A 88 -6.53 10.75 -4.77
C LYS A 88 -7.73 11.53 -5.30
N SER A 89 -8.90 11.17 -4.79
CA SER A 89 -10.13 11.82 -5.21
C SER A 89 -9.90 13.32 -5.37
N ASN A 90 -9.42 13.94 -4.30
CA ASN A 90 -9.15 15.37 -4.31
C ASN A 90 -7.91 15.66 -3.45
N ILE A 91 -7.04 16.49 -3.99
CA ILE A 91 -5.82 16.85 -3.29
C ILE A 91 -6.18 17.53 -1.97
N ALA A 92 -7.04 18.54 -2.07
CA ALA A 92 -7.47 19.28 -0.90
C ALA A 92 -8.60 18.52 -0.22
N ARG A 93 -8.46 18.35 1.09
CA ARG A 93 -9.46 17.64 1.87
C ARG A 93 -9.62 18.29 3.25
N TYR A 94 -10.86 18.51 3.63
CA TYR A 94 -11.16 19.13 4.91
C TYR A 94 -12.26 18.35 5.64
N LYS A 95 -11.85 17.29 6.32
CA LYS A 95 -12.79 16.46 7.06
C LYS A 95 -13.63 17.36 7.98
N ALA A 96 -14.62 16.74 8.60
CA ALA A 96 -15.50 17.46 9.50
C ALA A 96 -15.28 16.96 10.93
N SER A 97 -15.01 15.66 11.03
CA SER A 97 -14.79 15.06 12.34
C SER A 97 -13.59 15.73 13.02
N ASN A 98 -13.43 15.40 14.30
CA ASN A 98 -12.34 15.97 15.08
C ASN A 98 -11.16 15.00 15.06
N ILE A 99 -9.99 15.53 15.42
CA ILE A 99 -8.78 14.72 15.45
C ILE A 99 -8.12 14.87 16.82
N SER A 100 -7.63 13.74 17.33
CA SER A 100 -6.97 13.74 18.63
C SER A 100 -6.19 12.44 18.80
N LEU A 101 -4.91 12.59 19.12
CA LEU A 101 -4.03 11.45 19.32
C LEU A 101 -3.53 11.44 20.76
N GLY A 102 -3.13 10.26 21.21
CA GLY A 102 -2.63 10.10 22.56
C GLY A 102 -1.71 11.27 22.95
N SER A 103 -0.77 11.55 22.06
CA SER A 103 0.17 12.64 22.30
C SER A 103 -0.56 13.83 22.91
N VAL A 104 -0.04 14.28 24.05
CA VAL A 104 -0.62 15.42 24.74
C VAL A 104 -0.42 16.67 23.90
N GLU A 105 -1.54 17.21 23.43
CA GLU A 105 -1.50 18.41 22.61
C GLU A 105 -2.93 18.92 22.35
N SER B 1 -24.28 1.02 -13.41
CA SER B 1 -23.61 2.08 -14.13
C SER B 1 -22.86 2.99 -13.16
N SER B 2 -21.54 2.83 -13.13
CA SER B 2 -20.70 3.63 -12.25
C SER B 2 -19.59 4.30 -13.06
N SER B 3 -18.79 5.09 -12.36
CA SER B 3 -17.69 5.79 -12.99
C SER B 3 -16.36 5.16 -12.58
N ALA B 4 -15.29 5.66 -13.17
CA ALA B 4 -13.96 5.16 -12.87
C ALA B 4 -12.91 6.15 -13.38
N ASN B 5 -12.08 6.61 -12.45
CA ASN B 5 -11.04 7.57 -12.79
C ASN B 5 -9.88 7.41 -11.81
N GLY B 6 -8.78 6.85 -12.31
CA GLY B 6 -7.61 6.64 -11.50
C GLY B 6 -6.46 6.05 -12.33
N LYS B 7 -5.32 6.73 -12.27
CA LYS B 7 -4.16 6.28 -13.01
C LYS B 7 -3.33 5.35 -12.12
N PHE B 8 -3.64 5.38 -10.83
CA PHE B 8 -2.93 4.55 -9.87
C PHE B 8 -3.59 3.17 -9.74
N ILE B 9 -4.61 2.96 -10.56
CA ILE B 9 -5.34 1.70 -10.54
C ILE B 9 -4.47 0.61 -11.16
N PRO B 10 -4.59 -0.62 -10.59
CA PRO B 10 -3.83 -1.76 -11.08
C PRO B 10 -4.39 -2.27 -12.40
N SER B 11 -3.52 -2.89 -13.17
CA SER B 11 -3.93 -3.44 -14.46
C SER B 11 -4.35 -4.90 -14.30
N ARG B 12 -3.38 -5.71 -13.90
CA ARG B 12 -3.63 -7.13 -13.69
C ARG B 12 -4.02 -7.41 -12.24
N PRO B 13 -4.43 -8.68 -11.99
CA PRO B 13 -4.82 -9.08 -10.65
C PRO B 13 -3.61 -9.26 -9.75
N ALA B 14 -3.86 -9.84 -8.58
CA ALA B 14 -2.79 -10.08 -7.62
C ALA B 14 -1.76 -11.03 -8.23
N PRO B 15 -0.46 -10.67 -8.05
CA PRO B 15 0.62 -11.48 -8.59
C PRO B 15 0.82 -12.73 -7.74
N LYS B 16 1.99 -13.34 -7.90
CA LYS B 16 2.32 -14.54 -7.17
C LYS B 16 3.75 -14.44 -6.64
N PRO B 17 3.88 -13.88 -5.41
CA PRO B 17 5.18 -13.72 -4.79
C PRO B 17 5.72 -15.05 -4.27
N PRO B 18 7.04 -15.07 -3.97
CA PRO B 18 7.68 -16.27 -3.47
C PRO B 18 7.31 -16.52 -2.00
N SER B 19 8.11 -15.95 -1.12
CA SER B 19 7.88 -16.10 0.31
C SER B 19 6.85 -15.08 0.78
N SER B 20 5.95 -15.56 1.64
CA SER B 20 4.90 -14.70 2.16
C SER B 20 4.12 -15.44 3.25
N ALA B 21 3.14 -14.75 3.81
CA ALA B 21 2.31 -15.33 4.85
C ALA B 21 1.15 -16.10 4.21
N SER B 22 0.61 -15.52 3.15
CA SER B 22 -0.49 -16.14 2.43
C SER B 22 -0.77 -15.38 1.13
N ALA B 23 -0.61 -16.08 0.03
CA ALA B 23 -0.84 -15.48 -1.27
C ALA B 23 -2.21 -15.91 -1.79
N SER B 24 -3.24 -15.28 -1.23
CA SER B 24 -4.60 -15.60 -1.62
C SER B 24 -4.84 -15.16 -3.07
N GLY A 1 5.70 11.20 13.07
CA GLY A 1 5.01 10.18 12.31
C GLY A 1 5.98 9.29 11.54
N SER A 2 5.76 8.00 11.64
CA SER A 2 6.61 7.04 10.97
C SER A 2 5.81 5.79 10.60
N LEU A 3 5.58 5.62 9.31
CA LEU A 3 4.83 4.48 8.82
C LEU A 3 5.14 4.26 7.34
N TYR A 4 5.61 3.05 7.04
CA TYR A 4 5.95 2.70 5.68
C TYR A 4 5.84 1.19 5.46
N ALA A 5 6.29 0.76 4.28
CA ALA A 5 6.24 -0.65 3.93
C ALA A 5 7.65 -1.11 3.55
N ILE A 6 7.91 -2.39 3.83
CA ILE A 6 9.20 -2.97 3.53
C ILE A 6 9.02 -4.09 2.50
N VAL A 7 9.89 -4.07 1.50
CA VAL A 7 9.84 -5.07 0.45
C VAL A 7 10.74 -6.25 0.83
N LEU A 8 10.13 -7.43 0.87
CA LEU A 8 10.85 -8.63 1.22
C LEU A 8 11.16 -9.43 -0.05
N TYR A 9 10.50 -9.03 -1.13
CA TYR A 9 10.68 -9.69 -2.41
C TYR A 9 10.66 -8.67 -3.56
N ASP A 10 11.09 -9.14 -4.73
CA ASP A 10 11.14 -8.30 -5.90
C ASP A 10 10.16 -8.83 -6.94
N PHE A 11 9.57 -7.91 -7.69
CA PHE A 11 8.62 -8.28 -8.73
C PHE A 11 8.64 -7.28 -9.88
N LYS A 12 8.79 -7.81 -11.09
CA LYS A 12 8.82 -6.97 -12.27
C LYS A 12 7.46 -6.32 -12.48
N ALA A 13 7.41 -5.04 -12.16
CA ALA A 13 6.17 -4.28 -12.31
C ALA A 13 5.99 -3.89 -13.78
N GLU A 14 4.73 -3.89 -14.21
CA GLU A 14 4.41 -3.55 -15.57
C GLU A 14 3.00 -2.95 -15.65
N LYS A 15 2.54 -2.46 -14.51
CA LYS A 15 1.22 -1.86 -14.43
C LYS A 15 1.33 -0.34 -14.59
N ALA A 16 0.20 0.33 -14.46
CA ALA A 16 0.17 1.78 -14.59
C ALA A 16 1.11 2.39 -13.54
N ASP A 17 1.13 1.77 -12.37
CA ASP A 17 1.97 2.25 -11.28
C ASP A 17 3.16 1.29 -11.11
N GLU A 18 3.47 0.58 -12.18
CA GLU A 18 4.57 -0.36 -12.17
C GLU A 18 5.71 0.16 -11.29
N LEU A 19 5.91 -0.50 -10.16
CA LEU A 19 6.96 -0.11 -9.24
C LEU A 19 7.96 -1.25 -9.09
N THR A 20 9.05 -1.14 -9.84
CA THR A 20 10.09 -2.15 -9.81
C THR A 20 11.04 -1.91 -8.62
N THR A 21 10.99 -2.83 -7.67
CA THR A 21 11.82 -2.73 -6.49
C THR A 21 12.42 -4.11 -6.14
N TYR A 22 13.69 -4.08 -5.79
CA TYR A 22 14.39 -5.31 -5.43
C TYR A 22 13.99 -5.77 -4.03
N VAL A 23 14.30 -7.03 -3.74
CA VAL A 23 13.99 -7.61 -2.45
C VAL A 23 14.67 -6.78 -1.36
N GLY A 24 14.12 -6.88 -0.15
CA GLY A 24 14.66 -6.15 0.98
C GLY A 24 14.76 -4.66 0.68
N GLU A 25 13.60 -4.05 0.46
CA GLU A 25 13.54 -2.63 0.17
C GLU A 25 12.57 -1.93 1.11
N ASN A 26 12.35 -0.65 0.84
CA ASN A 26 11.45 0.14 1.64
C ASN A 26 10.76 1.18 0.77
N LEU A 27 9.45 1.33 0.99
CA LEU A 27 8.66 2.27 0.21
C LEU A 27 7.52 2.80 1.09
N PHE A 28 7.18 4.06 0.86
CA PHE A 28 6.11 4.70 1.61
C PHE A 28 4.78 4.62 0.85
N ILE A 29 3.81 4.00 1.50
CA ILE A 29 2.48 3.87 0.89
C ILE A 29 1.80 5.23 0.84
N CYS A 30 0.78 5.31 0.00
CA CYS A 30 0.04 6.55 -0.16
C CYS A 30 -1.43 6.21 -0.44
N ALA A 31 -1.61 5.28 -1.37
CA ALA A 31 -2.94 4.85 -1.75
C ALA A 31 -3.08 3.35 -1.47
N HIS A 32 -4.33 2.90 -1.50
CA HIS A 32 -4.61 1.49 -1.26
C HIS A 32 -5.94 1.11 -1.92
N HIS A 33 -5.93 -0.01 -2.61
CA HIS A 33 -7.12 -0.50 -3.28
C HIS A 33 -7.14 -2.02 -3.26
N ASN A 34 -8.35 -2.56 -3.24
CA ASN A 34 -8.52 -4.01 -3.23
C ASN A 34 -7.87 -4.58 -1.96
N CYS A 35 -7.61 -3.69 -1.02
CA CYS A 35 -6.98 -4.09 0.23
C CYS A 35 -5.88 -5.11 -0.07
N GLU A 36 -5.34 -4.99 -1.28
CA GLU A 36 -4.27 -5.90 -1.71
C GLU A 36 -3.16 -5.10 -2.41
N TRP A 37 -3.57 -4.09 -3.16
CA TRP A 37 -2.63 -3.27 -3.89
C TRP A 37 -2.47 -1.96 -3.11
N PHE A 38 -1.21 -1.54 -2.99
CA PHE A 38 -0.90 -0.31 -2.27
C PHE A 38 -0.01 0.61 -3.12
N ILE A 39 -0.44 1.85 -3.23
CA ILE A 39 0.31 2.84 -4.00
C ILE A 39 1.32 3.53 -3.09
N ALA A 40 2.57 3.11 -3.22
CA ALA A 40 3.64 3.68 -2.43
C ALA A 40 4.64 4.38 -3.35
N LYS A 41 5.68 4.92 -2.74
CA LYS A 41 6.70 5.62 -3.49
C LYS A 41 8.03 5.56 -2.73
N PRO A 42 9.15 5.75 -3.48
CA PRO A 42 10.47 5.71 -2.88
C PRO A 42 10.74 6.99 -2.08
N ILE A 43 11.88 6.98 -1.40
CA ILE A 43 12.28 8.12 -0.59
C ILE A 43 13.65 8.62 -1.05
N GLY A 44 13.63 9.75 -1.75
CA GLY A 44 14.86 10.32 -2.25
C GLY A 44 14.88 10.36 -3.78
N ARG A 45 15.15 9.21 -4.36
CA ARG A 45 15.19 9.10 -5.81
C ARG A 45 13.94 9.72 -6.43
N LEU A 46 14.01 9.94 -7.74
CA LEU A 46 12.90 10.53 -8.46
C LEU A 46 11.98 9.41 -8.96
N GLY A 47 11.74 8.45 -8.08
CA GLY A 47 10.88 7.32 -8.43
C GLY A 47 9.47 7.51 -7.86
N GLY A 48 8.66 6.48 -8.00
CA GLY A 48 7.30 6.52 -7.51
C GLY A 48 6.60 7.80 -7.96
N PRO A 49 5.32 7.94 -7.51
CA PRO A 49 4.71 6.93 -6.67
C PRO A 49 4.31 5.69 -7.49
N GLY A 50 4.74 4.54 -7.00
CA GLY A 50 4.44 3.29 -7.68
C GLY A 50 3.48 2.44 -6.85
N LEU A 51 3.12 1.29 -7.41
CA LEU A 51 2.21 0.39 -6.74
C LEU A 51 3.00 -0.81 -6.20
N VAL A 52 2.46 -1.39 -5.13
CA VAL A 52 3.10 -2.54 -4.51
C VAL A 52 2.06 -3.33 -3.72
N PRO A 53 2.08 -4.67 -3.93
CA PRO A 53 1.14 -5.55 -3.25
C PRO A 53 1.53 -5.75 -1.79
N VAL A 54 0.64 -6.40 -1.05
CA VAL A 54 0.88 -6.65 0.35
C VAL A 54 1.56 -8.00 0.52
N GLY A 55 1.72 -8.69 -0.60
CA GLY A 55 2.35 -10.00 -0.61
C GLY A 55 3.86 -9.88 -0.81
N PHE A 56 4.25 -8.80 -1.49
CA PHE A 56 5.66 -8.56 -1.76
C PHE A 56 6.21 -7.44 -0.85
N VAL A 57 5.35 -6.99 0.05
CA VAL A 57 5.73 -5.93 0.97
C VAL A 57 5.02 -6.15 2.31
N SER A 58 5.60 -5.57 3.35
CA SER A 58 5.03 -5.70 4.69
C SER A 58 4.92 -4.32 5.34
N ILE A 59 3.74 -4.04 5.87
CA ILE A 59 3.49 -2.77 6.52
C ILE A 59 4.21 -2.75 7.88
N ILE A 60 4.90 -1.65 8.12
CA ILE A 60 5.64 -1.49 9.37
C ILE A 60 6.01 -0.01 9.55
N ASP A 61 6.57 0.28 10.72
CA ASP A 61 6.98 1.64 11.02
C ASP A 61 8.30 1.60 11.80
N ILE A 62 8.28 0.88 12.91
CA ILE A 62 9.46 0.77 13.75
C ILE A 62 9.55 -0.66 14.28
N ALA A 63 8.44 -1.14 14.83
CA ALA A 63 8.39 -2.47 15.39
C ALA A 63 9.04 -3.46 14.40
N THR A 64 9.28 -4.67 14.89
CA THR A 64 9.89 -5.70 14.06
C THR A 64 8.82 -6.42 13.24
N GLY A 65 8.14 -7.35 13.90
CA GLY A 65 7.10 -8.12 13.23
C GLY A 65 6.30 -7.25 12.28
N TYR A 66 5.22 -6.68 12.79
CA TYR A 66 4.36 -5.83 12.00
C TYR A 66 4.29 -4.41 12.59
N ALA A 67 3.60 -3.54 11.87
CA ALA A 67 3.44 -2.17 12.32
C ALA A 67 3.22 -2.14 13.83
N THR A 68 2.05 -2.59 14.24
CA THR A 68 1.71 -2.62 15.65
C THR A 68 1.44 -4.06 16.10
N GLY A 69 1.40 -4.95 15.12
CA GLY A 69 1.15 -6.35 15.40
C GLY A 69 -0.20 -6.79 14.83
N ASN A 70 -0.68 -6.01 13.88
CA ASN A 70 -1.96 -6.31 13.25
C ASN A 70 -1.72 -6.70 11.78
N ASP A 71 -2.78 -7.16 11.15
CA ASP A 71 -2.70 -7.57 9.76
C ASP A 71 -2.75 -6.33 8.86
N VAL A 72 -2.04 -6.41 7.75
CA VAL A 72 -2.01 -5.30 6.80
C VAL A 72 -3.40 -4.69 6.69
N ILE A 73 -4.36 -5.53 6.35
CA ILE A 73 -5.74 -5.09 6.21
C ILE A 73 -6.19 -4.40 7.50
N GLU A 74 -5.83 -5.04 8.62
CA GLU A 74 -6.20 -4.51 9.92
C GLU A 74 -5.39 -3.24 10.22
N ASP A 75 -4.34 -3.04 9.43
CA ASP A 75 -3.49 -1.88 9.61
C ASP A 75 -4.06 -0.71 8.81
N ILE A 76 -4.84 -1.04 7.79
CA ILE A 76 -5.46 -0.03 6.94
C ILE A 76 -6.39 0.83 7.80
N LYS A 77 -7.47 0.22 8.25
CA LYS A 77 -8.44 0.93 9.08
C LYS A 77 -7.73 1.51 10.30
N SER A 78 -6.65 0.85 10.68
CA SER A 78 -5.88 1.29 11.83
C SER A 78 -5.53 2.77 11.70
N VAL A 79 -5.04 3.13 10.52
CA VAL A 79 -4.66 4.51 10.25
C VAL A 79 -5.80 5.20 9.49
N ASN A 80 -6.98 4.61 9.60
CA ASN A 80 -8.16 5.15 8.92
C ASN A 80 -7.76 5.63 7.53
N LEU A 81 -6.79 4.93 6.94
CA LEU A 81 -6.32 5.27 5.61
C LEU A 81 -7.41 4.97 4.59
N PRO A 82 -7.84 6.05 3.88
CA PRO A 82 -8.89 5.91 2.88
C PRO A 82 -8.34 5.25 1.61
N THR A 83 -9.26 4.94 0.70
CA THR A 83 -8.87 4.30 -0.55
C THR A 83 -8.16 5.29 -1.46
N VAL A 84 -7.52 4.76 -2.49
CA VAL A 84 -6.79 5.58 -3.42
C VAL A 84 -7.76 6.55 -4.10
N GLN A 85 -8.98 6.08 -4.29
CA GLN A 85 -10.01 6.90 -4.92
C GLN A 85 -10.64 7.84 -3.90
N GLU A 86 -10.40 7.54 -2.64
CA GLU A 86 -10.93 8.35 -1.55
C GLU A 86 -9.98 9.51 -1.23
N TRP A 87 -8.69 9.20 -1.28
CA TRP A 87 -7.68 10.20 -1.00
C TRP A 87 -7.51 11.07 -2.25
N LYS A 88 -7.12 10.41 -3.34
CA LYS A 88 -6.92 11.11 -4.60
C LYS A 88 -8.18 11.91 -4.94
N SER A 89 -9.29 11.51 -4.33
CA SER A 89 -10.55 12.17 -4.56
C SER A 89 -10.34 13.68 -4.68
N ASN A 90 -9.95 14.28 -3.56
CA ASN A 90 -9.71 15.71 -3.53
C ASN A 90 -8.35 15.98 -2.87
N ILE A 91 -7.48 16.63 -3.63
CA ILE A 91 -6.15 16.94 -3.14
C ILE A 91 -6.25 17.47 -1.70
N ALA A 92 -7.39 18.11 -1.43
CA ALA A 92 -7.62 18.67 -0.10
C ALA A 92 -8.57 17.75 0.67
N ARG A 93 -8.01 16.63 1.14
CA ARG A 93 -8.79 15.66 1.89
C ARG A 93 -8.48 15.78 3.38
N TYR A 94 -7.40 16.49 3.68
CA TYR A 94 -6.98 16.68 5.06
C TYR A 94 -8.14 17.21 5.91
N LYS A 95 -8.54 16.40 6.87
CA LYS A 95 -9.62 16.76 7.76
C LYS A 95 -9.45 16.05 9.11
N ALA A 96 -9.04 16.82 10.10
CA ALA A 96 -8.82 16.29 11.43
C ALA A 96 -10.14 16.32 12.21
N SER A 97 -10.18 15.56 13.29
CA SER A 97 -11.37 15.49 14.12
C SER A 97 -10.98 15.68 15.59
N ASN A 98 -10.67 14.56 16.23
CA ASN A 98 -10.28 14.59 17.64
C ASN A 98 -8.82 14.16 17.77
N ILE A 99 -8.22 13.85 16.63
CA ILE A 99 -6.83 13.42 16.60
C ILE A 99 -6.56 12.50 17.79
N SER A 100 -6.92 11.23 17.62
CA SER A 100 -6.72 10.25 18.67
C SER A 100 -7.41 8.93 18.29
N LEU A 101 -6.65 7.86 18.42
CA LEU A 101 -7.15 6.54 18.09
C LEU A 101 -7.20 5.68 19.36
N GLY A 102 -6.07 5.68 20.07
CA GLY A 102 -5.97 4.90 21.30
C GLY A 102 -5.16 3.63 21.08
N SER A 103 -3.85 3.81 20.92
CA SER A 103 -2.96 2.69 20.70
C SER A 103 -1.68 2.86 21.54
N VAL A 104 -1.24 1.76 22.11
CA VAL A 104 -0.03 1.78 22.92
C VAL A 104 0.61 0.39 22.92
N GLU A 105 1.90 0.36 23.22
CA GLU A 105 2.64 -0.89 23.24
C GLU A 105 4.02 -0.67 23.85
N SER B 1 -19.25 -4.22 -9.01
CA SER B 1 -19.48 -3.03 -8.21
C SER B 1 -18.40 -1.99 -8.48
N SER B 2 -18.35 -1.53 -9.72
CA SER B 2 -17.36 -0.54 -10.12
C SER B 2 -18.06 0.69 -10.71
N SER B 3 -18.06 1.76 -9.93
CA SER B 3 -18.68 3.00 -10.37
C SER B 3 -17.61 4.02 -10.76
N ALA B 4 -16.39 3.74 -10.34
CA ALA B 4 -15.27 4.62 -10.64
C ALA B 4 -13.96 3.90 -10.32
N ASN B 5 -12.92 4.29 -11.04
CA ASN B 5 -11.61 3.70 -10.84
C ASN B 5 -10.55 4.79 -10.84
N GLY B 6 -9.65 4.71 -9.87
CA GLY B 6 -8.59 5.69 -9.74
C GLY B 6 -7.79 5.80 -11.04
N LYS B 7 -6.63 6.42 -10.94
CA LYS B 7 -5.76 6.59 -12.10
C LYS B 7 -4.51 5.73 -11.92
N PHE B 8 -4.30 5.28 -10.68
CA PHE B 8 -3.15 4.46 -10.38
C PHE B 8 -3.58 3.02 -10.04
N ILE B 9 -4.78 2.68 -10.50
CA ILE B 9 -5.32 1.36 -10.25
C ILE B 9 -4.48 0.32 -11.00
N PRO B 10 -4.23 -0.82 -10.31
CA PRO B 10 -3.44 -1.89 -10.89
C PRO B 10 -4.25 -2.66 -11.94
N SER B 11 -3.60 -3.67 -12.51
CA SER B 11 -4.25 -4.48 -13.52
C SER B 11 -4.42 -5.91 -13.01
N ARG B 12 -3.29 -6.55 -12.73
CA ARG B 12 -3.30 -7.91 -12.22
C ARG B 12 -4.05 -7.98 -10.88
N PRO B 13 -4.58 -9.19 -10.58
CA PRO B 13 -5.31 -9.40 -9.34
C PRO B 13 -4.35 -9.48 -8.15
N ALA B 14 -3.20 -10.08 -8.39
CA ALA B 14 -2.19 -10.22 -7.35
C ALA B 14 -1.15 -11.25 -7.79
N PRO B 15 0.14 -10.82 -7.72
CA PRO B 15 1.23 -11.69 -8.12
C PRO B 15 1.50 -12.75 -7.04
N LYS B 16 2.68 -13.35 -7.12
CA LYS B 16 3.07 -14.36 -6.16
C LYS B 16 4.57 -14.25 -5.88
N PRO B 17 4.90 -13.85 -4.62
CA PRO B 17 6.28 -13.71 -4.22
C PRO B 17 6.93 -15.07 -3.99
N PRO B 18 8.28 -15.10 -4.16
CA PRO B 18 9.04 -16.33 -3.97
C PRO B 18 9.17 -16.67 -2.48
N SER B 19 9.53 -17.92 -2.23
CA SER B 19 9.70 -18.38 -0.86
C SER B 19 8.53 -17.91 0.00
N SER B 20 7.33 -18.20 -0.47
CA SER B 20 6.13 -17.81 0.24
C SER B 20 5.38 -19.06 0.73
N ALA B 21 5.09 -19.94 -0.23
CA ALA B 21 4.38 -21.16 0.09
C ALA B 21 4.76 -22.24 -0.95
N SER B 22 5.04 -23.42 -0.44
CA SER B 22 5.41 -24.53 -1.30
C SER B 22 4.39 -25.66 -1.17
N ALA B 23 3.74 -25.98 -2.29
CA ALA B 23 2.74 -27.02 -2.31
C ALA B 23 3.38 -28.32 -2.81
N SER B 24 4.66 -28.47 -2.52
CA SER B 24 5.40 -29.65 -2.93
C SER B 24 4.71 -30.90 -2.39
N GLY A 1 -0.64 7.72 9.85
CA GLY A 1 -0.63 8.11 8.45
C GLY A 1 0.79 8.14 7.88
N SER A 2 1.72 7.68 8.71
CA SER A 2 3.12 7.64 8.31
C SER A 2 3.66 6.21 8.42
N LEU A 3 2.91 5.28 7.85
CA LEU A 3 3.30 3.88 7.87
C LEU A 3 4.33 3.61 6.78
N TYR A 4 5.21 2.66 7.05
CA TYR A 4 6.25 2.31 6.10
C TYR A 4 6.12 0.84 5.66
N ALA A 5 6.46 0.60 4.41
CA ALA A 5 6.39 -0.75 3.86
C ALA A 5 7.79 -1.20 3.46
N ILE A 6 8.06 -2.48 3.68
CA ILE A 6 9.35 -3.05 3.34
C ILE A 6 9.15 -4.18 2.32
N VAL A 7 9.95 -4.12 1.27
CA VAL A 7 9.87 -5.13 0.22
C VAL A 7 10.88 -6.24 0.51
N LEU A 8 10.36 -7.45 0.64
CA LEU A 8 11.19 -8.60 0.93
C LEU A 8 11.47 -9.35 -0.38
N TYR A 9 10.69 -9.01 -1.40
CA TYR A 9 10.83 -9.65 -2.70
C TYR A 9 10.58 -8.64 -3.83
N ASP A 10 11.13 -8.96 -4.99
CA ASP A 10 10.98 -8.11 -6.15
C ASP A 10 9.76 -8.56 -6.95
N PHE A 11 9.18 -7.62 -7.69
CA PHE A 11 8.02 -7.91 -8.50
C PHE A 11 8.08 -7.16 -9.83
N LYS A 12 7.58 -7.82 -10.87
CA LYS A 12 7.58 -7.23 -12.20
C LYS A 12 6.36 -6.31 -12.34
N ALA A 13 6.62 -5.11 -12.82
CA ALA A 13 5.55 -4.13 -13.01
C ALA A 13 5.07 -4.18 -14.46
N GLU A 14 3.77 -4.02 -14.63
CA GLU A 14 3.18 -4.04 -15.95
C GLU A 14 1.82 -3.31 -15.94
N LYS A 15 1.69 -2.40 -14.98
CA LYS A 15 0.46 -1.64 -14.85
C LYS A 15 0.78 -0.15 -14.95
N ALA A 16 -0.25 0.66 -14.74
CA ALA A 16 -0.09 2.11 -14.80
C ALA A 16 0.95 2.54 -13.77
N ASP A 17 0.88 1.91 -12.60
CA ASP A 17 1.80 2.22 -11.52
C ASP A 17 3.07 1.39 -11.69
N GLU A 18 3.18 0.76 -12.86
CA GLU A 18 4.34 -0.07 -13.15
C GLU A 18 5.61 0.57 -12.57
N LEU A 19 5.99 0.09 -11.39
CA LEU A 19 7.16 0.60 -10.72
C LEU A 19 8.02 -0.57 -10.24
N THR A 20 9.00 -0.92 -11.07
CA THR A 20 9.89 -2.02 -10.75
C THR A 20 10.62 -1.75 -9.43
N THR A 21 11.00 -2.83 -8.77
CA THR A 21 11.71 -2.72 -7.50
C THR A 21 12.57 -3.97 -7.26
N TYR A 22 13.32 -3.93 -6.18
CA TYR A 22 14.19 -5.03 -5.82
C TYR A 22 13.86 -5.56 -4.43
N VAL A 23 14.24 -6.81 -4.19
CA VAL A 23 14.00 -7.44 -2.90
C VAL A 23 14.69 -6.63 -1.80
N GLY A 24 14.19 -6.81 -0.59
CA GLY A 24 14.75 -6.11 0.56
C GLY A 24 14.90 -4.62 0.26
N GLU A 25 13.77 -3.95 0.12
CA GLU A 25 13.76 -2.52 -0.16
C GLU A 25 12.85 -1.79 0.82
N ASN A 26 12.96 -0.47 0.81
CA ASN A 26 12.15 0.36 1.69
C ASN A 26 11.27 1.28 0.84
N LEU A 27 9.97 1.22 1.12
CA LEU A 27 9.02 2.04 0.40
C LEU A 27 8.06 2.70 1.40
N PHE A 28 7.75 3.96 1.13
CA PHE A 28 6.86 4.71 1.99
C PHE A 28 5.43 4.74 1.42
N ILE A 29 4.61 3.84 1.94
CA ILE A 29 3.23 3.74 1.49
C ILE A 29 2.58 5.12 1.58
N CYS A 30 1.53 5.29 0.78
CA CYS A 30 0.81 6.55 0.76
C CYS A 30 -0.65 6.26 0.41
N ALA A 31 -0.83 5.37 -0.55
CA ALA A 31 -2.18 5.00 -0.99
C ALA A 31 -2.37 3.49 -0.78
N HIS A 32 -3.62 3.08 -0.91
CA HIS A 32 -3.96 1.67 -0.74
C HIS A 32 -5.27 1.37 -1.46
N HIS A 33 -5.35 0.17 -2.03
CA HIS A 33 -6.53 -0.24 -2.74
C HIS A 33 -6.75 -1.75 -2.54
N ASN A 34 -8.01 -2.11 -2.36
CA ASN A 34 -8.37 -3.50 -2.15
C ASN A 34 -7.48 -4.09 -1.04
N CYS A 35 -6.96 -3.20 -0.21
CA CYS A 35 -6.10 -3.61 0.88
C CYS A 35 -5.16 -4.71 0.37
N GLU A 36 -4.90 -4.66 -0.93
CA GLU A 36 -4.02 -5.64 -1.56
C GLU A 36 -2.88 -4.94 -2.29
N TRP A 37 -3.21 -3.82 -2.90
CA TRP A 37 -2.23 -3.05 -3.65
C TRP A 37 -2.05 -1.71 -2.93
N PHE A 38 -0.79 -1.40 -2.65
CA PHE A 38 -0.46 -0.16 -1.97
C PHE A 38 0.40 0.75 -2.86
N ILE A 39 0.35 2.04 -2.55
CA ILE A 39 1.11 3.01 -3.32
C ILE A 39 2.11 3.71 -2.39
N ALA A 40 3.38 3.31 -2.52
CA ALA A 40 4.43 3.87 -1.71
C ALA A 40 5.30 4.79 -2.58
N LYS A 41 6.18 5.53 -1.91
CA LYS A 41 7.07 6.45 -2.61
C LYS A 41 8.46 6.36 -1.99
N PRO A 42 9.46 6.92 -2.72
CA PRO A 42 10.83 6.92 -2.26
C PRO A 42 11.04 7.95 -1.15
N ILE A 43 12.21 7.89 -0.54
CA ILE A 43 12.54 8.82 0.53
C ILE A 43 13.06 10.12 -0.06
N GLY A 44 14.04 9.99 -0.95
CA GLY A 44 14.63 11.15 -1.59
C GLY A 44 14.98 10.84 -3.05
N ARG A 45 13.98 10.38 -3.79
CA ARG A 45 14.18 10.04 -5.19
C ARG A 45 12.88 10.28 -5.97
N LEU A 46 12.95 9.99 -7.26
CA LEU A 46 11.80 10.16 -8.13
C LEU A 46 11.25 8.79 -8.52
N GLY A 47 11.56 7.81 -7.69
CA GLY A 47 11.10 6.45 -7.94
C GLY A 47 9.74 6.21 -7.28
N GLY A 48 8.76 7.00 -7.70
CA GLY A 48 7.42 6.89 -7.17
C GLY A 48 6.43 7.69 -8.01
N PRO A 49 5.12 7.48 -7.70
CA PRO A 49 4.73 6.57 -6.64
C PRO A 49 4.88 5.12 -7.10
N GLY A 50 5.59 4.35 -6.27
CA GLY A 50 5.81 2.94 -6.58
C GLY A 50 4.74 2.06 -5.94
N LEU A 51 4.06 1.31 -6.78
CA LEU A 51 3.00 0.42 -6.30
C LEU A 51 3.63 -0.85 -5.75
N VAL A 52 2.98 -1.40 -4.73
CA VAL A 52 3.46 -2.61 -4.10
C VAL A 52 2.32 -3.27 -3.33
N PRO A 53 2.12 -4.59 -3.59
CA PRO A 53 1.07 -5.34 -2.93
C PRO A 53 1.45 -5.65 -1.48
N VAL A 54 0.54 -6.34 -0.80
CA VAL A 54 0.77 -6.71 0.58
C VAL A 54 1.27 -8.16 0.65
N GLY A 55 1.48 -8.73 -0.53
CA GLY A 55 1.96 -10.10 -0.62
C GLY A 55 3.43 -10.13 -1.03
N PHE A 56 3.98 -8.95 -1.27
CA PHE A 56 5.37 -8.84 -1.66
C PHE A 56 6.12 -7.85 -0.77
N VAL A 57 5.38 -7.30 0.19
CA VAL A 57 5.95 -6.34 1.12
C VAL A 57 5.36 -6.56 2.51
N SER A 58 5.95 -5.88 3.49
CA SER A 58 5.49 -5.99 4.86
C SER A 58 5.27 -4.60 5.45
N ILE A 59 4.20 -4.49 6.23
CA ILE A 59 3.87 -3.22 6.86
C ILE A 59 4.68 -3.07 8.15
N ILE A 60 5.17 -1.86 8.37
CA ILE A 60 5.97 -1.58 9.55
C ILE A 60 6.08 -0.06 9.72
N ASP A 61 6.41 0.34 10.94
CA ASP A 61 6.55 1.75 11.26
C ASP A 61 7.98 2.02 11.72
N ILE A 62 8.26 1.61 12.95
CA ILE A 62 9.58 1.81 13.52
C ILE A 62 10.16 0.45 13.93
N ALA A 63 9.31 -0.36 14.54
CA ALA A 63 9.72 -1.68 14.98
C ALA A 63 9.96 -2.57 13.76
N THR A 64 11.07 -3.31 13.82
CA THR A 64 11.42 -4.20 12.73
C THR A 64 10.51 -5.44 12.74
N GLY A 65 9.66 -5.50 13.75
CA GLY A 65 8.73 -6.62 13.88
C GLY A 65 7.67 -6.58 12.78
N TYR A 66 6.42 -6.62 13.20
CA TYR A 66 5.30 -6.59 12.27
C TYR A 66 4.43 -5.34 12.49
N ALA A 67 3.31 -5.32 11.79
CA ALA A 67 2.39 -4.20 11.90
C ALA A 67 1.76 -4.20 13.29
N THR A 68 2.57 -3.84 14.27
CA THR A 68 2.11 -3.80 15.65
C THR A 68 1.34 -5.08 15.99
N GLY A 69 1.59 -6.11 15.20
CA GLY A 69 0.93 -7.38 15.41
C GLY A 69 -0.40 -7.45 14.64
N ASN A 70 -1.04 -6.31 14.53
CA ASN A 70 -2.30 -6.22 13.82
C ASN A 70 -2.09 -6.58 12.35
N ASP A 71 -3.19 -6.86 11.68
CA ASP A 71 -3.13 -7.21 10.27
C ASP A 71 -3.17 -5.94 9.42
N VAL A 72 -2.44 -5.99 8.32
CA VAL A 72 -2.38 -4.86 7.41
C VAL A 72 -3.78 -4.29 7.21
N ILE A 73 -4.66 -5.15 6.71
CA ILE A 73 -6.04 -4.75 6.46
C ILE A 73 -6.59 -4.06 7.71
N GLU A 74 -6.36 -4.69 8.85
CA GLU A 74 -6.83 -4.15 10.11
C GLU A 74 -6.11 -2.83 10.43
N ASP A 75 -4.92 -2.70 9.85
CA ASP A 75 -4.11 -1.51 10.06
C ASP A 75 -4.55 -0.42 9.08
N ILE A 76 -5.29 -0.85 8.06
CA ILE A 76 -5.78 0.08 7.06
C ILE A 76 -6.91 0.93 7.65
N LYS A 77 -8.02 0.27 7.91
CA LYS A 77 -9.17 0.96 8.48
C LYS A 77 -8.80 1.54 9.84
N SER A 78 -7.74 0.98 10.41
CA SER A 78 -7.28 1.42 11.71
C SER A 78 -7.09 2.94 11.72
N VAL A 79 -6.33 3.41 10.73
CA VAL A 79 -6.07 4.84 10.60
C VAL A 79 -7.08 5.45 9.63
N ASN A 80 -8.24 4.81 9.55
CA ASN A 80 -9.29 5.28 8.67
C ASN A 80 -8.67 5.74 7.35
N LEU A 81 -7.66 5.01 6.91
CA LEU A 81 -6.98 5.34 5.68
C LEU A 81 -7.88 4.99 4.50
N PRO A 82 -8.21 6.03 3.69
CA PRO A 82 -9.07 5.85 2.53
C PRO A 82 -8.30 5.18 1.39
N THR A 83 -9.06 4.73 0.39
CA THR A 83 -8.46 4.08 -0.76
C THR A 83 -7.66 5.08 -1.60
N VAL A 84 -7.05 4.56 -2.64
CA VAL A 84 -6.25 5.38 -3.53
C VAL A 84 -7.16 6.28 -4.35
N GLN A 85 -8.11 5.64 -5.03
CA GLN A 85 -9.06 6.37 -5.86
C GLN A 85 -10.00 7.21 -4.98
N GLU A 86 -9.99 6.90 -3.70
CA GLU A 86 -10.83 7.61 -2.76
C GLU A 86 -10.05 8.79 -2.14
N TRP A 87 -8.78 8.55 -1.91
CA TRP A 87 -7.92 9.58 -1.33
C TRP A 87 -7.53 10.55 -2.45
N LYS A 88 -6.87 10.00 -3.46
CA LYS A 88 -6.44 10.81 -4.58
C LYS A 88 -7.64 11.55 -5.17
N SER A 89 -8.82 11.04 -4.86
CA SER A 89 -10.05 11.64 -5.35
C SER A 89 -9.94 13.16 -5.30
N ASN A 90 -9.89 13.69 -4.08
CA ASN A 90 -9.79 15.12 -3.88
C ASN A 90 -8.94 15.40 -2.65
N ILE A 91 -7.73 15.90 -2.91
CA ILE A 91 -6.80 16.21 -1.83
C ILE A 91 -7.57 16.85 -0.68
N ALA A 92 -8.27 17.93 -1.00
CA ALA A 92 -9.05 18.64 0.00
C ALA A 92 -10.51 18.19 -0.08
N ARG A 93 -11.00 17.71 1.05
CA ARG A 93 -12.38 17.24 1.11
C ARG A 93 -12.82 17.11 2.58
N TYR A 94 -13.90 17.80 2.90
CA TYR A 94 -14.42 17.77 4.26
C TYR A 94 -14.40 16.34 4.82
N LYS A 95 -13.80 16.22 6.00
CA LYS A 95 -13.70 14.93 6.65
C LYS A 95 -15.08 14.27 6.67
N ALA A 96 -15.08 12.98 6.98
CA ALA A 96 -16.32 12.22 7.03
C ALA A 96 -16.76 12.08 8.49
N SER A 97 -16.11 11.17 9.19
CA SER A 97 -16.42 10.93 10.59
C SER A 97 -15.18 10.40 11.33
N ASN A 98 -15.30 10.31 12.64
CA ASN A 98 -14.21 9.82 13.46
C ASN A 98 -14.75 8.79 14.45
N ILE A 99 -14.32 7.55 14.27
CA ILE A 99 -14.74 6.47 15.14
C ILE A 99 -13.53 5.93 15.90
N SER A 100 -13.82 5.24 16.99
CA SER A 100 -12.77 4.66 17.82
C SER A 100 -12.05 5.76 18.59
N LEU A 101 -12.84 6.73 19.06
CA LEU A 101 -12.29 7.84 19.82
C LEU A 101 -11.51 7.30 21.02
N GLY A 102 -10.63 8.14 21.54
CA GLY A 102 -9.83 7.76 22.69
C GLY A 102 -8.35 7.69 22.32
N SER A 103 -7.85 6.47 22.20
CA SER A 103 -6.46 6.26 21.84
C SER A 103 -6.34 5.92 20.35
N VAL A 104 -5.34 6.52 19.73
CA VAL A 104 -5.11 6.30 18.31
C VAL A 104 -6.26 6.91 17.50
N GLU A 105 -6.54 8.17 17.79
CA GLU A 105 -7.61 8.87 17.10
C GLU A 105 -7.50 8.66 15.60
N SER B 1 -22.99 0.09 -9.41
CA SER B 1 -24.21 0.81 -9.71
C SER B 1 -23.90 2.21 -10.23
N SER B 2 -22.81 2.76 -9.71
CA SER B 2 -22.38 4.09 -10.12
C SER B 2 -21.13 4.00 -10.97
N SER B 3 -20.99 4.96 -11.88
CA SER B 3 -19.83 5.00 -12.77
C SER B 3 -18.55 4.89 -11.95
N ALA B 4 -17.44 4.82 -12.66
CA ALA B 4 -16.14 4.71 -12.02
C ALA B 4 -15.04 4.86 -13.08
N ASN B 5 -13.90 5.38 -12.62
CA ASN B 5 -12.77 5.59 -13.52
C ASN B 5 -11.56 4.84 -12.96
N GLY B 6 -11.35 4.99 -11.66
CA GLY B 6 -10.24 4.34 -11.00
C GLY B 6 -8.90 4.88 -11.52
N LYS B 7 -8.16 5.51 -10.63
CA LYS B 7 -6.87 6.08 -10.97
C LYS B 7 -5.77 5.36 -10.18
N PHE B 8 -4.63 5.21 -10.82
CA PHE B 8 -3.49 4.56 -10.19
C PHE B 8 -3.87 3.15 -9.72
N ILE B 9 -4.81 2.55 -10.44
CA ILE B 9 -5.26 1.21 -10.12
C ILE B 9 -4.38 0.19 -10.83
N PRO B 10 -4.02 -0.89 -10.09
CA PRO B 10 -3.19 -1.94 -10.65
C PRO B 10 -3.99 -2.83 -11.61
N SER B 11 -3.64 -2.74 -12.88
CA SER B 11 -4.32 -3.52 -13.90
C SER B 11 -4.26 -5.00 -13.54
N ARG B 12 -3.09 -5.44 -13.13
CA ARG B 12 -2.89 -6.83 -12.76
C ARG B 12 -3.32 -7.05 -11.30
N PRO B 13 -4.02 -8.20 -11.07
CA PRO B 13 -4.49 -8.53 -9.74
C PRO B 13 -3.33 -9.03 -8.87
N ALA B 14 -3.70 -9.56 -7.71
CA ALA B 14 -2.71 -10.07 -6.78
C ALA B 14 -1.73 -10.98 -7.53
N PRO B 15 -0.42 -10.64 -7.41
CA PRO B 15 0.62 -11.42 -8.07
C PRO B 15 0.86 -12.74 -7.34
N LYS B 16 2.00 -13.34 -7.63
CA LYS B 16 2.36 -14.61 -7.02
C LYS B 16 3.81 -14.55 -6.54
N PRO B 17 3.99 -14.10 -5.27
CA PRO B 17 5.31 -13.99 -4.68
C PRO B 17 5.86 -15.37 -4.31
N PRO B 18 7.21 -15.41 -4.13
CA PRO B 18 7.88 -16.66 -3.77
C PRO B 18 7.63 -17.02 -2.31
N SER B 19 8.50 -16.50 -1.45
CA SER B 19 8.37 -16.75 -0.02
C SER B 19 6.94 -16.52 0.44
N SER B 20 6.55 -15.25 0.44
CA SER B 20 5.20 -14.88 0.85
C SER B 20 4.19 -15.86 0.27
N ALA B 21 3.62 -16.66 1.15
CA ALA B 21 2.63 -17.65 0.75
C ALA B 21 1.26 -17.25 1.27
N SER B 22 0.30 -17.14 0.36
CA SER B 22 -1.05 -16.76 0.73
C SER B 22 -2.03 -17.83 0.24
N ALA B 23 -3.22 -17.79 0.83
CA ALA B 23 -4.26 -18.74 0.47
C ALA B 23 -5.26 -18.07 -0.47
N SER B 24 -5.71 -18.84 -1.45
CA SER B 24 -6.67 -18.33 -2.43
C SER B 24 -8.00 -18.03 -1.74
N GLY A 1 5.08 8.92 14.10
CA GLY A 1 4.31 7.93 13.36
C GLY A 1 4.88 7.73 11.94
N SER A 2 5.56 6.60 11.78
CA SER A 2 6.16 6.28 10.49
C SER A 2 5.66 4.92 10.01
N LEU A 3 4.61 4.97 9.20
CA LEU A 3 4.02 3.75 8.66
C LEU A 3 4.50 3.56 7.23
N TYR A 4 5.24 2.47 7.02
CA TYR A 4 5.75 2.16 5.71
C TYR A 4 5.81 0.64 5.48
N ALA A 5 6.30 0.27 4.31
CA ALA A 5 6.41 -1.13 3.96
C ALA A 5 7.84 -1.43 3.49
N ILE A 6 8.23 -2.68 3.65
CA ILE A 6 9.56 -3.11 3.25
C ILE A 6 9.45 -4.30 2.31
N VAL A 7 9.97 -4.13 1.10
CA VAL A 7 9.94 -5.17 0.11
C VAL A 7 10.91 -6.29 0.51
N LEU A 8 10.37 -7.50 0.59
CA LEU A 8 11.18 -8.65 0.96
C LEU A 8 11.50 -9.48 -0.30
N TYR A 9 10.84 -9.10 -1.38
CA TYR A 9 11.03 -9.80 -2.65
C TYR A 9 10.94 -8.83 -3.83
N ASP A 10 11.26 -9.34 -5.01
CA ASP A 10 11.20 -8.54 -6.22
C ASP A 10 9.79 -8.60 -6.80
N PHE A 11 9.26 -7.43 -7.10
CA PHE A 11 7.92 -7.33 -7.66
C PHE A 11 7.98 -7.05 -9.16
N LYS A 12 7.25 -7.85 -9.92
CA LYS A 12 7.21 -7.69 -11.36
C LYS A 12 5.96 -6.90 -11.75
N ALA A 13 6.20 -5.65 -12.14
CA ALA A 13 5.11 -4.77 -12.54
C ALA A 13 5.24 -4.46 -14.03
N GLU A 14 4.10 -4.22 -14.66
CA GLU A 14 4.06 -3.90 -16.08
C GLU A 14 2.85 -3.05 -16.40
N LYS A 15 2.38 -2.33 -15.39
CA LYS A 15 1.22 -1.47 -15.55
C LYS A 15 1.65 -0.01 -15.40
N ALA A 16 0.66 0.86 -15.39
CA ALA A 16 0.92 2.29 -15.25
C ALA A 16 1.75 2.53 -13.98
N ASP A 17 1.36 1.86 -12.91
CA ASP A 17 2.05 1.98 -11.64
C ASP A 17 3.23 1.00 -11.61
N GLU A 18 3.51 0.43 -12.77
CA GLU A 18 4.60 -0.53 -12.88
C GLU A 18 5.75 -0.13 -11.95
N LEU A 19 5.77 -0.77 -10.79
CA LEU A 19 6.82 -0.51 -9.81
C LEU A 19 7.77 -1.71 -9.73
N THR A 20 8.85 -1.62 -10.49
CA THR A 20 9.83 -2.68 -10.50
C THR A 20 10.97 -2.38 -9.52
N THR A 21 11.00 -3.16 -8.45
CA THR A 21 12.01 -3.00 -7.43
C THR A 21 12.65 -4.34 -7.09
N TYR A 22 13.67 -4.28 -6.25
CA TYR A 22 14.38 -5.47 -5.83
C TYR A 22 14.01 -5.87 -4.41
N VAL A 23 14.44 -7.07 -4.02
CA VAL A 23 14.15 -7.57 -2.69
C VAL A 23 14.88 -6.72 -1.66
N GLY A 24 14.38 -6.77 -0.44
CA GLY A 24 14.97 -6.01 0.65
C GLY A 24 14.99 -4.51 0.33
N GLU A 25 13.80 -3.94 0.23
CA GLU A 25 13.67 -2.53 -0.08
C GLU A 25 12.70 -1.85 0.90
N ASN A 26 12.85 -0.55 1.02
CA ASN A 26 12.01 0.22 1.93
C ASN A 26 11.21 1.25 1.11
N LEU A 27 9.91 1.26 1.33
CA LEU A 27 9.04 2.19 0.63
C LEU A 27 7.96 2.69 1.60
N PHE A 28 7.52 3.92 1.34
CA PHE A 28 6.50 4.53 2.18
C PHE A 28 5.14 4.53 1.47
N ILE A 29 4.22 3.78 2.05
CA ILE A 29 2.88 3.67 1.49
C ILE A 29 2.23 5.05 1.51
N CYS A 30 1.25 5.22 0.62
CA CYS A 30 0.54 6.48 0.52
C CYS A 30 -0.95 6.18 0.31
N ALA A 31 -1.21 5.29 -0.64
CA ALA A 31 -2.57 4.91 -0.96
C ALA A 31 -2.70 3.38 -0.84
N HIS A 32 -3.95 2.92 -0.91
CA HIS A 32 -4.23 1.50 -0.81
C HIS A 32 -5.53 1.18 -1.55
N HIS A 33 -5.54 0.02 -2.19
CA HIS A 33 -6.70 -0.41 -2.94
C HIS A 33 -6.85 -1.93 -2.82
N ASN A 34 -8.10 -2.37 -2.69
CA ASN A 34 -8.38 -3.79 -2.58
C ASN A 34 -7.47 -4.40 -1.51
N CYS A 35 -7.00 -3.54 -0.62
CA CYS A 35 -6.12 -4.00 0.45
C CYS A 35 -5.14 -5.00 -0.13
N GLU A 36 -4.85 -4.84 -1.41
CA GLU A 36 -3.93 -5.73 -2.10
C GLU A 36 -2.82 -4.92 -2.77
N TRP A 37 -3.21 -3.79 -3.33
CA TRP A 37 -2.27 -2.93 -4.01
C TRP A 37 -2.14 -1.64 -3.20
N PHE A 38 -0.90 -1.25 -2.94
CA PHE A 38 -0.62 -0.04 -2.18
C PHE A 38 0.23 0.94 -2.99
N ILE A 39 -0.09 2.21 -2.83
CA ILE A 39 0.64 3.25 -3.53
C ILE A 39 1.65 3.90 -2.58
N ALA A 40 2.88 3.42 -2.65
CA ALA A 40 3.93 3.93 -1.80
C ALA A 40 4.85 4.84 -2.63
N LYS A 41 5.89 5.33 -1.98
CA LYS A 41 6.85 6.21 -2.64
C LYS A 41 8.24 5.99 -2.05
N PRO A 42 9.27 6.40 -2.82
CA PRO A 42 10.65 6.26 -2.38
C PRO A 42 10.99 7.31 -1.32
N ILE A 43 12.21 7.21 -0.80
CA ILE A 43 12.67 8.14 0.22
C ILE A 43 13.82 8.97 -0.34
N GLY A 44 13.48 9.88 -1.24
CA GLY A 44 14.46 10.74 -1.86
C GLY A 44 14.81 10.26 -3.27
N ARG A 45 14.98 8.96 -3.40
CA ARG A 45 15.30 8.36 -4.68
C ARG A 45 14.27 8.76 -5.74
N LEU A 46 14.75 9.45 -6.77
CA LEU A 46 13.88 9.90 -7.83
C LEU A 46 12.92 8.78 -8.21
N GLY A 47 11.65 9.00 -7.92
CA GLY A 47 10.62 8.03 -8.22
C GLY A 47 9.41 8.19 -7.29
N GLY A 48 8.35 7.48 -7.61
CA GLY A 48 7.14 7.54 -6.82
C GLY A 48 6.20 8.63 -7.33
N PRO A 49 4.91 8.52 -6.90
CA PRO A 49 4.49 7.44 -6.03
C PRO A 49 4.38 6.13 -6.80
N GLY A 50 4.99 5.09 -6.23
CA GLY A 50 4.97 3.78 -6.86
C GLY A 50 3.93 2.88 -6.19
N LEU A 51 3.62 1.77 -6.85
CA LEU A 51 2.66 0.82 -6.34
C LEU A 51 3.38 -0.44 -5.89
N VAL A 52 2.81 -1.10 -4.89
CA VAL A 52 3.40 -2.31 -4.36
C VAL A 52 2.31 -3.13 -3.65
N PRO A 53 2.29 -4.45 -3.97
CA PRO A 53 1.31 -5.36 -3.37
C PRO A 53 1.67 -5.67 -1.91
N VAL A 54 0.71 -6.29 -1.24
CA VAL A 54 0.91 -6.65 0.16
C VAL A 54 1.45 -8.08 0.24
N GLY A 55 1.74 -8.64 -0.92
CA GLY A 55 2.26 -9.99 -0.99
C GLY A 55 3.76 -10.00 -1.33
N PHE A 56 4.28 -8.80 -1.55
CA PHE A 56 5.69 -8.65 -1.88
C PHE A 56 6.34 -7.60 -0.99
N VAL A 57 5.57 -7.11 -0.03
CA VAL A 57 6.07 -6.10 0.89
C VAL A 57 5.51 -6.38 2.29
N SER A 58 6.28 -5.98 3.29
CA SER A 58 5.88 -6.18 4.67
C SER A 58 5.56 -4.84 5.33
N ILE A 59 4.43 -4.80 6.02
CA ILE A 59 4.00 -3.59 6.68
C ILE A 59 4.80 -3.42 7.98
N ILE A 60 5.26 -2.19 8.19
CA ILE A 60 6.04 -1.88 9.39
C ILE A 60 5.87 -0.40 9.73
N ASP A 61 5.77 -0.14 11.02
CA ASP A 61 5.60 1.23 11.49
C ASP A 61 6.88 1.67 12.22
N ILE A 62 7.70 0.68 12.53
CA ILE A 62 8.95 0.96 13.22
C ILE A 62 9.81 -0.32 13.25
N ALA A 63 10.97 -0.20 13.89
CA ALA A 63 11.87 -1.33 13.99
C ALA A 63 11.47 -2.20 15.18
N THR A 64 10.40 -2.95 15.00
CA THR A 64 9.89 -3.83 16.03
C THR A 64 8.71 -4.65 15.53
N GLY A 65 8.64 -5.88 15.99
CA GLY A 65 7.57 -6.78 15.59
C GLY A 65 7.24 -6.61 14.10
N TYR A 66 6.03 -7.01 13.76
CA TYR A 66 5.57 -6.90 12.38
C TYR A 66 4.11 -6.43 12.32
N ALA A 67 3.90 -5.38 11.55
CA ALA A 67 2.56 -4.83 11.39
C ALA A 67 1.95 -4.58 12.78
N THR A 68 2.83 -4.35 13.74
CA THR A 68 2.39 -4.10 15.10
C THR A 68 1.32 -5.11 15.51
N GLY A 69 1.36 -6.26 14.87
CA GLY A 69 0.39 -7.32 15.16
C GLY A 69 -0.87 -7.14 14.31
N ASN A 70 -1.30 -5.89 14.20
CA ASN A 70 -2.49 -5.58 13.42
C ASN A 70 -2.24 -5.93 11.95
N ASP A 71 -3.17 -6.70 11.39
CA ASP A 71 -3.06 -7.11 10.00
C ASP A 71 -3.09 -5.87 9.10
N VAL A 72 -2.46 -6.00 7.95
CA VAL A 72 -2.40 -4.90 7.00
C VAL A 72 -3.80 -4.35 6.78
N ILE A 73 -4.75 -5.26 6.60
CA ILE A 73 -6.13 -4.89 6.38
C ILE A 73 -6.66 -4.17 7.63
N GLU A 74 -6.12 -4.56 8.77
CA GLU A 74 -6.53 -3.97 10.04
C GLU A 74 -5.72 -2.70 10.31
N ASP A 75 -4.65 -2.54 9.55
CA ASP A 75 -3.79 -1.38 9.70
C ASP A 75 -4.30 -0.26 8.80
N ILE A 76 -5.16 -0.63 7.86
CA ILE A 76 -5.73 0.34 6.95
C ILE A 76 -6.75 1.21 7.69
N LYS A 77 -7.85 0.59 8.05
CA LYS A 77 -8.91 1.29 8.77
C LYS A 77 -8.33 1.88 10.06
N SER A 78 -7.21 1.31 10.49
CA SER A 78 -6.56 1.77 11.70
C SER A 78 -6.42 3.30 11.67
N VAL A 79 -5.76 3.78 10.64
CA VAL A 79 -5.55 5.21 10.48
C VAL A 79 -6.67 5.80 9.61
N ASN A 80 -7.77 5.06 9.54
CA ASN A 80 -8.91 5.49 8.76
C ASN A 80 -8.44 5.89 7.36
N LEU A 81 -7.36 5.25 6.93
CA LEU A 81 -6.80 5.52 5.62
C LEU A 81 -7.80 5.09 4.54
N PRO A 82 -8.23 6.08 3.73
CA PRO A 82 -9.18 5.83 2.65
C PRO A 82 -8.51 5.11 1.48
N THR A 83 -9.32 4.71 0.53
CA THR A 83 -8.82 4.01 -0.65
C THR A 83 -7.94 4.96 -1.49
N VAL A 84 -7.60 4.48 -2.67
CA VAL A 84 -6.78 5.27 -3.57
C VAL A 84 -7.65 6.29 -4.29
N GLN A 85 -8.88 5.88 -4.59
CA GLN A 85 -9.82 6.76 -5.27
C GLN A 85 -10.54 7.65 -4.26
N GLU A 86 -10.50 7.23 -3.00
CA GLU A 86 -11.14 7.98 -1.94
C GLU A 86 -10.24 9.12 -1.48
N TRP A 87 -8.94 8.84 -1.42
CA TRP A 87 -7.97 9.83 -1.00
C TRP A 87 -7.72 10.77 -2.18
N LYS A 88 -7.23 10.19 -3.27
CA LYS A 88 -6.94 10.97 -4.46
C LYS A 88 -8.22 11.64 -4.95
N SER A 89 -9.34 11.13 -4.45
CA SER A 89 -10.64 11.68 -4.83
C SER A 89 -10.56 13.20 -4.93
N ASN A 90 -10.31 13.83 -3.81
CA ASN A 90 -10.20 15.28 -3.76
C ASN A 90 -9.06 15.68 -2.81
N ILE A 91 -7.96 16.09 -3.42
CA ILE A 91 -6.79 16.49 -2.65
C ILE A 91 -7.17 17.67 -1.74
N ALA A 92 -7.78 18.66 -2.35
CA ALA A 92 -8.20 19.85 -1.61
C ALA A 92 -8.80 19.42 -0.26
N ARG A 93 -8.01 19.60 0.79
CA ARG A 93 -8.45 19.25 2.12
C ARG A 93 -7.48 19.82 3.17
N TYR A 94 -7.99 20.77 3.93
CA TYR A 94 -7.18 21.40 4.97
C TYR A 94 -6.41 20.36 5.77
N LYS A 95 -5.11 20.59 5.89
CA LYS A 95 -4.25 19.68 6.63
C LYS A 95 -4.98 19.21 7.89
N ALA A 96 -5.40 17.96 7.86
CA ALA A 96 -6.11 17.38 8.99
C ALA A 96 -5.10 16.78 9.97
N SER A 97 -5.63 16.13 11.00
CA SER A 97 -4.79 15.51 12.01
C SER A 97 -5.00 14.00 12.01
N ASN A 98 -4.34 13.34 12.95
CA ASN A 98 -4.45 11.90 13.07
C ASN A 98 -4.32 11.50 14.54
N ILE A 99 -4.78 10.29 14.84
CA ILE A 99 -4.72 9.79 16.19
C ILE A 99 -3.90 8.49 16.22
N SER A 100 -3.14 8.33 17.30
CA SER A 100 -2.31 7.15 17.45
C SER A 100 -2.13 6.84 18.94
N LEU A 101 -1.37 5.78 19.20
CA LEU A 101 -1.11 5.36 20.56
C LEU A 101 0.32 5.74 20.94
N GLY A 102 0.68 5.37 22.17
CA GLY A 102 2.01 5.68 22.67
C GLY A 102 3.03 4.63 22.19
N SER A 103 2.75 3.38 22.52
CA SER A 103 3.63 2.29 22.13
C SER A 103 5.06 2.61 22.53
N VAL A 104 5.20 3.30 23.65
CA VAL A 104 6.51 3.67 24.15
C VAL A 104 7.27 2.42 24.60
N GLU A 105 8.56 2.57 24.79
CA GLU A 105 9.40 1.47 25.21
C GLU A 105 9.88 1.67 26.65
N SER B 1 -12.17 -7.61 -16.73
CA SER B 1 -11.54 -6.39 -17.20
C SER B 1 -12.47 -5.19 -16.96
N SER B 2 -12.00 -4.28 -16.12
CA SER B 2 -12.77 -3.09 -15.79
C SER B 2 -12.42 -1.95 -16.76
N SER B 3 -13.20 -0.89 -16.67
CA SER B 3 -12.98 0.26 -17.53
C SER B 3 -11.79 1.08 -17.01
N ALA B 4 -11.36 2.02 -17.85
CA ALA B 4 -10.24 2.88 -17.50
C ALA B 4 -10.75 4.11 -16.77
N ASN B 5 -11.19 3.90 -15.53
CA ASN B 5 -11.71 4.99 -14.73
C ASN B 5 -10.58 5.58 -13.90
N GLY B 6 -9.98 4.74 -13.07
CA GLY B 6 -8.88 5.17 -12.23
C GLY B 6 -7.65 5.53 -13.06
N LYS B 7 -6.53 5.70 -12.36
CA LYS B 7 -5.29 6.03 -13.03
C LYS B 7 -4.14 5.27 -12.37
N PHE B 8 -4.13 5.31 -11.04
CA PHE B 8 -3.10 4.61 -10.28
C PHE B 8 -3.53 3.19 -9.94
N ILE B 9 -4.33 2.61 -10.82
CA ILE B 9 -4.82 1.26 -10.63
C ILE B 9 -3.95 0.28 -11.43
N PRO B 10 -3.63 -0.87 -10.77
CA PRO B 10 -2.82 -1.89 -11.41
C PRO B 10 -3.62 -2.66 -12.46
N SER B 11 -2.97 -2.91 -13.59
CA SER B 11 -3.61 -3.64 -14.67
C SER B 11 -3.91 -5.08 -14.24
N ARG B 12 -2.84 -5.86 -14.13
CA ARG B 12 -2.97 -7.25 -13.74
C ARG B 12 -3.40 -7.34 -12.27
N PRO B 13 -4.01 -8.51 -11.92
CA PRO B 13 -4.47 -8.73 -10.56
C PRO B 13 -3.29 -9.03 -9.63
N ALA B 14 -3.62 -9.50 -8.44
CA ALA B 14 -2.61 -9.82 -7.45
C ALA B 14 -1.63 -10.84 -8.04
N PRO B 15 -0.32 -10.54 -7.89
CA PRO B 15 0.73 -11.41 -8.40
C PRO B 15 0.88 -12.65 -7.52
N LYS B 16 2.00 -13.32 -7.69
CA LYS B 16 2.29 -14.52 -6.92
C LYS B 16 3.73 -14.47 -6.42
N PRO B 17 3.89 -13.91 -5.18
CA PRO B 17 5.20 -13.80 -4.57
C PRO B 17 5.68 -15.16 -4.05
N PRO B 18 7.03 -15.29 -3.97
CA PRO B 18 7.64 -16.52 -3.49
C PRO B 18 7.49 -16.66 -1.98
N SER B 19 8.05 -17.73 -1.45
CA SER B 19 7.99 -17.99 -0.02
C SER B 19 6.55 -17.86 0.47
N SER B 20 5.66 -18.56 -0.21
CA SER B 20 4.25 -18.53 0.15
C SER B 20 3.63 -19.90 -0.09
N ALA B 21 2.81 -20.32 0.87
CA ALA B 21 2.14 -21.61 0.79
C ALA B 21 1.32 -21.66 -0.49
N SER B 22 1.68 -22.60 -1.36
CA SER B 22 0.99 -22.77 -2.63
C SER B 22 0.45 -24.19 -2.74
N ALA B 23 -0.80 -24.36 -2.32
CA ALA B 23 -1.44 -25.65 -2.37
C ALA B 23 -1.93 -25.93 -3.79
N SER B 24 -0.97 -26.18 -4.68
CA SER B 24 -1.28 -26.45 -6.07
C SER B 24 -1.43 -27.97 -6.27
N GLY A 1 8.76 9.25 11.31
CA GLY A 1 8.81 8.05 10.50
C GLY A 1 7.80 7.01 11.00
N SER A 2 6.81 6.74 10.15
CA SER A 2 5.78 5.78 10.48
C SER A 2 5.17 5.19 9.20
N LEU A 3 4.33 4.19 9.39
CA LEU A 3 3.69 3.53 8.26
C LEU A 3 4.71 3.34 7.14
N TYR A 4 5.70 2.50 7.41
CA TYR A 4 6.74 2.22 6.43
C TYR A 4 6.64 0.78 5.93
N ALA A 5 6.76 0.65 4.62
CA ALA A 5 6.69 -0.67 4.00
C ALA A 5 8.11 -1.12 3.60
N ILE A 6 8.31 -2.42 3.65
CA ILE A 6 9.60 -2.99 3.31
C ILE A 6 9.40 -4.15 2.33
N VAL A 7 10.14 -4.09 1.23
CA VAL A 7 10.06 -5.12 0.22
C VAL A 7 10.90 -6.33 0.65
N LEU A 8 10.22 -7.46 0.80
CA LEU A 8 10.90 -8.68 1.19
C LEU A 8 11.28 -9.49 -0.05
N TYR A 9 10.65 -9.12 -1.16
CA TYR A 9 10.92 -9.79 -2.42
C TYR A 9 10.73 -8.84 -3.60
N ASP A 10 11.40 -9.17 -4.71
CA ASP A 10 11.33 -8.35 -5.90
C ASP A 10 10.11 -8.78 -6.73
N PHE A 11 9.65 -7.88 -7.57
CA PHE A 11 8.50 -8.15 -8.42
C PHE A 11 8.53 -7.29 -9.67
N LYS A 12 8.15 -7.90 -10.78
CA LYS A 12 8.13 -7.19 -12.06
C LYS A 12 6.81 -6.42 -12.19
N ALA A 13 6.94 -5.11 -12.23
CA ALA A 13 5.78 -4.25 -12.35
C ALA A 13 5.68 -3.72 -13.79
N GLU A 14 4.49 -3.84 -14.35
CA GLU A 14 4.25 -3.38 -15.71
C GLU A 14 2.90 -2.67 -15.80
N LYS A 15 2.32 -2.40 -14.64
CA LYS A 15 1.04 -1.73 -14.59
C LYS A 15 1.26 -0.22 -14.71
N ALA A 16 0.16 0.52 -14.58
CA ALA A 16 0.21 1.97 -14.67
C ALA A 16 1.06 2.52 -13.52
N ASP A 17 1.12 1.74 -12.46
CA ASP A 17 1.89 2.14 -11.28
C ASP A 17 3.08 1.20 -11.12
N GLU A 18 3.37 0.47 -12.18
CA GLU A 18 4.48 -0.47 -12.17
C GLU A 18 5.62 0.07 -11.31
N LEU A 19 5.81 -0.56 -10.16
CA LEU A 19 6.85 -0.16 -9.24
C LEU A 19 7.87 -1.28 -9.11
N THR A 20 8.94 -1.16 -9.89
CA THR A 20 10.00 -2.16 -9.87
C THR A 20 10.96 -1.90 -8.70
N THR A 21 11.26 -2.97 -7.98
CA THR A 21 12.16 -2.88 -6.84
C THR A 21 12.71 -4.26 -6.48
N TYR A 22 13.94 -4.26 -6.01
CA TYR A 22 14.60 -5.50 -5.63
C TYR A 22 14.18 -5.94 -4.22
N VAL A 23 14.54 -7.16 -3.89
CA VAL A 23 14.21 -7.71 -2.58
C VAL A 23 14.85 -6.85 -1.49
N GLY A 24 14.28 -6.95 -0.30
CA GLY A 24 14.79 -6.18 0.83
C GLY A 24 14.88 -4.70 0.49
N GLU A 25 13.73 -4.13 0.15
CA GLU A 25 13.67 -2.71 -0.20
C GLU A 25 12.78 -1.97 0.79
N ASN A 26 12.67 -0.67 0.56
CA ASN A 26 11.86 0.17 1.43
C ASN A 26 10.94 1.06 0.57
N LEU A 27 9.72 1.21 1.04
CA LEU A 27 8.75 2.03 0.32
C LEU A 27 7.74 2.60 1.32
N PHE A 28 7.23 3.77 1.00
CA PHE A 28 6.26 4.43 1.85
C PHE A 28 4.86 4.42 1.20
N ILE A 29 3.97 3.66 1.82
CA ILE A 29 2.62 3.55 1.32
C ILE A 29 1.88 4.87 1.57
N CYS A 30 0.75 5.03 0.88
CA CYS A 30 -0.05 6.23 1.03
C CYS A 30 -1.47 5.93 0.53
N ALA A 31 -1.53 5.19 -0.58
CA ALA A 31 -2.81 4.83 -1.15
C ALA A 31 -2.98 3.31 -1.07
N HIS A 32 -4.24 2.89 -1.01
CA HIS A 32 -4.55 1.48 -0.94
C HIS A 32 -5.85 1.19 -1.70
N HIS A 33 -5.93 -0.03 -2.22
CA HIS A 33 -7.10 -0.43 -2.97
C HIS A 33 -7.23 -1.95 -2.94
N ASN A 34 -8.48 -2.41 -2.95
CA ASN A 34 -8.75 -3.84 -2.91
C ASN A 34 -7.97 -4.47 -1.76
N CYS A 35 -7.62 -3.64 -0.79
CA CYS A 35 -6.88 -4.11 0.37
C CYS A 35 -5.85 -5.14 -0.11
N GLU A 36 -5.40 -4.95 -1.34
CA GLU A 36 -4.42 -5.85 -1.92
C GLU A 36 -3.31 -5.05 -2.62
N TRP A 37 -3.72 -3.99 -3.29
CA TRP A 37 -2.78 -3.15 -4.01
C TRP A 37 -2.63 -1.84 -3.21
N PHE A 38 -1.38 -1.51 -2.92
CA PHE A 38 -1.08 -0.29 -2.18
C PHE A 38 -0.11 0.60 -2.94
N ILE A 39 -0.48 1.87 -3.05
CA ILE A 39 0.35 2.84 -3.75
C ILE A 39 1.34 3.46 -2.77
N ALA A 40 2.61 3.11 -2.96
CA ALA A 40 3.66 3.63 -2.10
C ALA A 40 4.65 4.44 -2.95
N LYS A 41 5.63 5.00 -2.26
CA LYS A 41 6.64 5.81 -2.94
C LYS A 41 8.03 5.26 -2.59
N PRO A 42 8.91 5.24 -3.63
CA PRO A 42 10.27 4.75 -3.45
C PRO A 42 11.12 5.77 -2.69
N ILE A 43 12.02 5.23 -1.87
CA ILE A 43 12.90 6.07 -1.08
C ILE A 43 13.35 7.26 -1.92
N GLY A 44 13.86 6.95 -3.11
CA GLY A 44 14.34 7.98 -4.02
C GLY A 44 14.61 7.40 -5.41
N ARG A 45 13.55 6.96 -6.06
CA ARG A 45 13.66 6.38 -7.38
C ARG A 45 13.12 7.36 -8.43
N LEU A 46 13.50 7.10 -9.68
CA LEU A 46 13.06 7.94 -10.78
C LEU A 46 11.60 7.66 -11.10
N GLY A 47 10.72 8.14 -10.22
CA GLY A 47 9.30 7.95 -10.39
C GLY A 47 8.55 8.15 -9.07
N GLY A 48 7.70 7.18 -8.75
CA GLY A 48 6.92 7.25 -7.53
C GLY A 48 5.93 8.40 -7.56
N PRO A 49 4.80 8.22 -6.83
CA PRO A 49 4.59 6.99 -6.08
C PRO A 49 4.21 5.84 -7.02
N GLY A 50 4.67 4.65 -6.64
CA GLY A 50 4.39 3.46 -7.43
C GLY A 50 3.40 2.54 -6.72
N LEU A 51 3.05 1.45 -7.38
CA LEU A 51 2.12 0.49 -6.83
C LEU A 51 2.90 -0.67 -6.20
N VAL A 52 2.33 -1.22 -5.13
CA VAL A 52 2.96 -2.33 -4.44
C VAL A 52 1.89 -3.14 -3.71
N PRO A 53 1.87 -4.46 -4.00
CA PRO A 53 0.90 -5.35 -3.38
C PRO A 53 1.28 -5.65 -1.93
N VAL A 54 0.41 -6.39 -1.27
CA VAL A 54 0.65 -6.76 0.12
C VAL A 54 1.28 -8.15 0.19
N GLY A 55 1.59 -8.67 -0.98
CA GLY A 55 2.19 -9.99 -1.08
C GLY A 55 3.67 -9.89 -1.50
N PHE A 56 4.14 -8.66 -1.58
CA PHE A 56 5.52 -8.41 -1.98
C PHE A 56 6.14 -7.29 -1.14
N VAL A 57 5.44 -6.93 -0.07
CA VAL A 57 5.90 -5.88 0.82
C VAL A 57 5.31 -6.11 2.22
N SER A 58 5.98 -5.54 3.21
CA SER A 58 5.53 -5.66 4.59
C SER A 58 5.47 -4.27 5.24
N ILE A 59 4.30 -3.95 5.76
CA ILE A 59 4.10 -2.67 6.42
C ILE A 59 4.71 -2.73 7.82
N ILE A 60 5.15 -1.57 8.28
CA ILE A 60 5.75 -1.47 9.60
C ILE A 60 6.18 -0.03 9.86
N ASP A 61 5.92 0.44 11.07
CA ASP A 61 6.28 1.79 11.45
C ASP A 61 7.79 1.90 11.59
N ILE A 62 8.22 2.87 12.39
CA ILE A 62 9.63 3.08 12.61
C ILE A 62 10.33 1.73 12.83
N ALA A 63 11.62 1.70 12.53
CA ALA A 63 12.40 0.49 12.69
C ALA A 63 11.99 -0.21 13.99
N THR A 64 11.57 0.59 14.94
CA THR A 64 11.15 0.06 16.23
C THR A 64 9.88 -0.79 16.07
N GLY A 65 10.09 -2.09 16.07
CA GLY A 65 8.98 -3.03 15.94
C GLY A 65 8.93 -3.59 14.51
N TYR A 66 8.14 -4.65 14.36
CA TYR A 66 7.98 -5.29 13.06
C TYR A 66 6.50 -5.59 12.77
N ALA A 67 6.16 -5.51 11.50
CA ALA A 67 4.79 -5.78 11.08
C ALA A 67 3.83 -5.02 12.00
N THR A 68 4.34 -3.94 12.59
CA THR A 68 3.54 -3.13 13.48
C THR A 68 2.75 -4.01 14.45
N GLY A 69 3.23 -5.24 14.59
CA GLY A 69 2.60 -6.19 15.49
C GLY A 69 1.16 -6.50 15.03
N ASN A 70 0.81 -5.93 13.90
CA ASN A 70 -0.52 -6.14 13.33
C ASN A 70 -0.39 -6.44 11.85
N ASP A 71 -1.54 -6.71 11.23
CA ASP A 71 -1.57 -7.02 9.81
C ASP A 71 -1.83 -5.74 9.02
N VAL A 72 -1.21 -5.67 7.84
CA VAL A 72 -1.36 -4.52 6.98
C VAL A 72 -2.84 -4.11 6.95
N ILE A 73 -3.70 -5.09 6.81
CA ILE A 73 -5.13 -4.84 6.77
C ILE A 73 -5.56 -4.12 8.04
N GLU A 74 -5.01 -4.59 9.16
CA GLU A 74 -5.32 -4.00 10.45
C GLU A 74 -4.74 -2.59 10.55
N ASP A 75 -3.79 -2.31 9.66
CA ASP A 75 -3.15 -1.01 9.65
C ASP A 75 -3.93 -0.07 8.74
N ILE A 76 -4.80 -0.66 7.92
CA ILE A 76 -5.62 0.11 7.00
C ILE A 76 -6.69 0.86 7.80
N LYS A 77 -7.62 0.09 8.33
CA LYS A 77 -8.71 0.67 9.10
C LYS A 77 -8.13 1.44 10.29
N SER A 78 -6.89 1.09 10.64
CA SER A 78 -6.21 1.73 11.75
C SER A 78 -6.26 3.25 11.59
N VAL A 79 -5.76 3.70 10.44
CA VAL A 79 -5.74 5.13 10.15
C VAL A 79 -6.93 5.47 9.25
N ASN A 80 -7.91 4.58 9.26
CA ASN A 80 -9.11 4.79 8.45
C ASN A 80 -8.71 5.35 7.09
N LEU A 81 -7.52 4.95 6.64
CA LEU A 81 -7.02 5.40 5.36
C LEU A 81 -7.97 4.94 4.25
N PRO A 82 -8.45 5.94 3.46
CA PRO A 82 -9.37 5.65 2.37
C PRO A 82 -8.62 5.02 1.19
N THR A 83 -9.37 4.73 0.13
CA THR A 83 -8.81 4.14 -1.06
C THR A 83 -7.91 5.15 -1.79
N VAL A 84 -7.45 4.74 -2.96
CA VAL A 84 -6.59 5.60 -3.76
C VAL A 84 -7.45 6.64 -4.47
N GLN A 85 -8.62 6.21 -4.91
CA GLN A 85 -9.54 7.10 -5.61
C GLN A 85 -10.33 7.93 -4.60
N GLU A 86 -10.29 7.50 -3.35
CA GLU A 86 -11.00 8.20 -2.29
C GLU A 86 -10.16 9.35 -1.77
N TRP A 87 -8.85 9.11 -1.66
CA TRP A 87 -7.94 10.11 -1.18
C TRP A 87 -7.57 11.03 -2.35
N LYS A 88 -6.92 10.43 -3.34
CA LYS A 88 -6.51 11.16 -4.53
C LYS A 88 -7.71 11.94 -5.08
N SER A 89 -8.89 11.46 -4.73
CA SER A 89 -10.12 12.10 -5.18
C SER A 89 -9.98 13.62 -5.11
N ASN A 90 -9.85 14.11 -3.89
CA ASN A 90 -9.71 15.54 -3.67
C ASN A 90 -8.61 15.78 -2.62
N ILE A 91 -7.44 16.14 -3.13
CA ILE A 91 -6.31 16.40 -2.26
C ILE A 91 -6.71 17.42 -1.19
N ALA A 92 -7.33 18.50 -1.65
CA ALA A 92 -7.77 19.55 -0.75
C ALA A 92 -8.36 18.91 0.52
N ARG A 93 -7.55 18.87 1.56
CA ARG A 93 -7.96 18.30 2.82
C ARG A 93 -8.38 19.40 3.80
N TYR A 94 -9.35 19.08 4.64
CA TYR A 94 -9.84 20.04 5.61
C TYR A 94 -9.00 19.99 6.90
N LYS A 95 -9.03 21.09 7.63
CA LYS A 95 -8.28 21.19 8.87
C LYS A 95 -9.11 20.61 10.01
N ALA A 96 -8.51 20.62 11.20
CA ALA A 96 -9.19 20.10 12.37
C ALA A 96 -9.22 18.57 12.29
N SER A 97 -8.42 18.04 11.39
CA SER A 97 -8.34 16.60 11.20
C SER A 97 -7.14 16.03 11.98
N ASN A 98 -7.39 14.93 12.66
CA ASN A 98 -6.35 14.28 13.44
C ASN A 98 -6.27 12.81 13.04
N ILE A 99 -5.13 12.21 13.34
CA ILE A 99 -4.90 10.80 13.02
C ILE A 99 -4.21 10.13 14.20
N SER A 100 -4.45 8.83 14.31
CA SER A 100 -3.86 8.05 15.39
C SER A 100 -3.69 6.59 14.94
N LEU A 101 -2.89 5.86 15.71
CA LEU A 101 -2.64 4.46 15.41
C LEU A 101 -1.93 3.81 16.60
N GLY A 102 -2.09 2.50 16.71
CA GLY A 102 -1.48 1.75 17.79
C GLY A 102 -0.12 1.18 17.36
N SER A 103 0.49 0.44 18.26
CA SER A 103 1.78 -0.17 18.00
C SER A 103 2.11 -1.19 19.07
N VAL A 104 2.82 -2.23 18.66
CA VAL A 104 3.21 -3.29 19.58
C VAL A 104 4.53 -3.91 19.11
N GLU A 105 5.34 -4.31 20.07
CA GLU A 105 6.62 -4.92 19.77
C GLU A 105 6.50 -5.86 18.57
N SER B 1 -19.77 -2.15 -10.44
CA SER B 1 -20.26 -1.23 -11.46
C SER B 1 -19.52 0.11 -11.34
N SER B 2 -18.50 0.12 -10.50
CA SER B 2 -17.71 1.32 -10.29
C SER B 2 -16.84 1.60 -11.52
N SER B 3 -16.78 2.88 -11.87
CA SER B 3 -15.99 3.29 -13.02
C SER B 3 -14.49 3.19 -12.70
N ALA B 4 -13.69 3.42 -13.73
CA ALA B 4 -12.24 3.35 -13.56
C ALA B 4 -11.66 4.77 -13.67
N ASN B 5 -11.98 5.59 -12.68
CA ASN B 5 -11.51 6.95 -12.65
C ASN B 5 -10.27 7.04 -11.75
N GLY B 6 -9.13 6.68 -12.33
CA GLY B 6 -7.88 6.71 -11.61
C GLY B 6 -6.73 6.19 -12.48
N LYS B 7 -5.56 6.78 -12.27
CA LYS B 7 -4.38 6.39 -13.02
C LYS B 7 -3.51 5.47 -12.17
N PHE B 8 -3.81 5.46 -10.87
CA PHE B 8 -3.06 4.63 -9.95
C PHE B 8 -3.76 3.28 -9.73
N ILE B 9 -4.62 2.94 -10.68
CA ILE B 9 -5.35 1.69 -10.62
C ILE B 9 -4.56 0.60 -11.35
N PRO B 10 -4.61 -0.63 -10.76
CA PRO B 10 -3.91 -1.76 -11.36
C PRO B 10 -4.64 -2.28 -12.60
N SER B 11 -3.88 -2.94 -13.46
CA SER B 11 -4.44 -3.49 -14.68
C SER B 11 -4.72 -4.98 -14.50
N ARG B 12 -3.77 -5.66 -13.90
CA ARG B 12 -3.90 -7.10 -13.67
C ARG B 12 -4.27 -7.36 -12.20
N PRO B 13 -4.67 -8.63 -11.93
CA PRO B 13 -5.06 -9.03 -10.59
C PRO B 13 -3.83 -9.18 -9.69
N ALA B 14 -4.05 -9.77 -8.53
CA ALA B 14 -2.97 -9.99 -7.58
C ALA B 14 -1.89 -10.86 -8.23
N PRO B 15 -0.61 -10.50 -7.93
CA PRO B 15 0.51 -11.22 -8.48
C PRO B 15 0.69 -12.57 -7.77
N LYS B 16 1.88 -13.13 -7.93
CA LYS B 16 2.20 -14.41 -7.31
C LYS B 16 3.63 -14.38 -6.80
N PRO B 17 3.79 -13.90 -5.53
CA PRO B 17 5.10 -13.82 -4.91
C PRO B 17 5.59 -15.20 -4.49
N PRO B 18 6.90 -15.25 -4.11
CA PRO B 18 7.50 -16.51 -3.67
C PRO B 18 7.03 -16.88 -2.26
N SER B 19 7.51 -16.11 -1.30
CA SER B 19 7.16 -16.35 0.09
C SER B 19 5.68 -16.77 0.19
N SER B 20 4.89 -16.24 -0.73
CA SER B 20 3.48 -16.55 -0.76
C SER B 20 3.24 -17.90 -1.46
N ALA B 21 2.49 -18.76 -0.77
CA ALA B 21 2.19 -20.07 -1.30
C ALA B 21 1.08 -19.95 -2.34
N SER B 22 1.49 -19.57 -3.55
CA SER B 22 0.54 -19.42 -4.64
C SER B 22 0.64 -20.61 -5.60
N ALA B 23 0.61 -21.80 -5.01
CA ALA B 23 0.70 -23.02 -5.79
C ALA B 23 0.23 -24.20 -4.94
N SER B 24 -0.92 -24.73 -5.30
CA SER B 24 -1.49 -25.86 -4.58
C SER B 24 -0.72 -27.14 -4.93
N GLY A 1 10.05 5.85 10.74
CA GLY A 1 9.24 5.34 9.65
C GLY A 1 7.79 5.14 10.09
N SER A 2 7.00 6.17 9.90
CA SER A 2 5.59 6.12 10.28
C SER A 2 4.74 5.74 9.06
N LEU A 3 4.12 4.57 9.15
CA LEU A 3 3.28 4.10 8.07
C LEU A 3 4.15 3.83 6.84
N TYR A 4 5.17 3.01 7.04
CA TYR A 4 6.07 2.66 5.96
C TYR A 4 5.95 1.18 5.60
N ALA A 5 6.38 0.86 4.39
CA ALA A 5 6.32 -0.51 3.91
C ALA A 5 7.72 -0.96 3.47
N ILE A 6 7.99 -2.24 3.70
CA ILE A 6 9.27 -2.81 3.33
C ILE A 6 9.07 -3.98 2.39
N VAL A 7 9.76 -3.94 1.27
CA VAL A 7 9.66 -4.99 0.26
C VAL A 7 10.58 -6.15 0.66
N LEU A 8 9.97 -7.30 0.90
CA LEU A 8 10.72 -8.47 1.28
C LEU A 8 11.08 -9.28 0.03
N TYR A 9 10.38 -8.96 -1.05
CA TYR A 9 10.61 -9.64 -2.32
C TYR A 9 10.42 -8.69 -3.50
N ASP A 10 11.01 -9.05 -4.62
CA ASP A 10 10.91 -8.25 -5.82
C ASP A 10 9.80 -8.80 -6.71
N PHE A 11 9.32 -7.94 -7.61
CA PHE A 11 8.26 -8.33 -8.51
C PHE A 11 8.20 -7.39 -9.73
N LYS A 12 8.14 -7.99 -10.90
CA LYS A 12 8.08 -7.23 -12.14
C LYS A 12 6.75 -6.48 -12.21
N ALA A 13 6.84 -5.19 -12.47
CA ALA A 13 5.66 -4.35 -12.56
C ALA A 13 5.40 -4.00 -14.03
N GLU A 14 4.13 -3.98 -14.40
CA GLU A 14 3.75 -3.65 -15.76
C GLU A 14 2.37 -3.00 -15.77
N LYS A 15 2.01 -2.43 -14.63
CA LYS A 15 0.72 -1.77 -14.51
C LYS A 15 0.91 -0.26 -14.63
N ALA A 16 -0.19 0.47 -14.46
CA ALA A 16 -0.14 1.92 -14.55
C ALA A 16 0.84 2.47 -13.53
N ASP A 17 0.99 1.72 -12.44
CA ASP A 17 1.89 2.13 -11.38
C ASP A 17 3.10 1.21 -11.37
N GLU A 18 3.32 0.55 -12.50
CA GLU A 18 4.44 -0.37 -12.64
C GLU A 18 5.67 0.19 -11.92
N LEU A 19 5.97 -0.42 -10.78
CA LEU A 19 7.12 0.00 -9.99
C LEU A 19 8.04 -1.20 -9.76
N THR A 20 9.22 -1.12 -10.35
CA THR A 20 10.21 -2.18 -10.21
C THR A 20 11.08 -1.95 -8.98
N THR A 21 10.91 -2.82 -8.00
CA THR A 21 11.67 -2.73 -6.77
C THR A 21 12.31 -4.07 -6.43
N TYR A 22 13.52 -4.00 -5.91
CA TYR A 22 14.26 -5.19 -5.54
C TYR A 22 13.83 -5.69 -4.15
N VAL A 23 14.16 -6.94 -3.88
CA VAL A 23 13.82 -7.55 -2.60
C VAL A 23 14.50 -6.77 -1.48
N GLY A 24 13.95 -6.90 -0.29
CA GLY A 24 14.49 -6.22 0.87
C GLY A 24 14.62 -4.72 0.61
N GLU A 25 13.53 -4.14 0.09
CA GLU A 25 13.52 -2.72 -0.21
C GLU A 25 12.69 -1.98 0.82
N ASN A 26 12.79 -0.66 0.78
CA ASN A 26 12.05 0.18 1.71
C ASN A 26 11.28 1.25 0.92
N LEU A 27 9.96 1.18 1.03
CA LEU A 27 9.11 2.13 0.35
C LEU A 27 8.02 2.63 1.31
N PHE A 28 7.64 3.88 1.12
CA PHE A 28 6.62 4.49 1.96
C PHE A 28 5.26 4.50 1.26
N ILE A 29 4.32 3.77 1.85
CA ILE A 29 2.98 3.69 1.29
C ILE A 29 2.38 5.09 1.21
N CYS A 30 1.49 5.27 0.23
CA CYS A 30 0.84 6.55 0.03
C CYS A 30 -0.66 6.30 -0.17
N ALA A 31 -0.95 5.33 -1.01
CA ALA A 31 -2.33 4.98 -1.30
C ALA A 31 -2.53 3.48 -1.10
N HIS A 32 -3.79 3.05 -1.21
CA HIS A 32 -4.11 1.65 -1.04
C HIS A 32 -5.44 1.35 -1.75
N HIS A 33 -5.48 0.17 -2.37
CA HIS A 33 -6.68 -0.25 -3.08
C HIS A 33 -6.88 -1.75 -2.90
N ASN A 34 -8.15 -2.12 -2.71
CA ASN A 34 -8.49 -3.52 -2.51
C ASN A 34 -7.60 -4.12 -1.42
N CYS A 35 -7.08 -3.23 -0.57
CA CYS A 35 -6.22 -3.65 0.51
C CYS A 35 -5.28 -4.73 -0.01
N GLU A 36 -4.98 -4.64 -1.31
CA GLU A 36 -4.10 -5.60 -1.94
C GLU A 36 -2.98 -4.87 -2.69
N TRP A 37 -3.35 -3.77 -3.31
CA TRP A 37 -2.39 -2.97 -4.06
C TRP A 37 -2.21 -1.65 -3.33
N PHE A 38 -0.95 -1.34 -3.03
CA PHE A 38 -0.62 -0.11 -2.34
C PHE A 38 0.23 0.81 -3.22
N ILE A 39 0.07 2.10 -2.98
CA ILE A 39 0.82 3.10 -3.74
C ILE A 39 1.83 3.78 -2.83
N ALA A 40 3.03 3.22 -2.79
CA ALA A 40 4.09 3.78 -1.96
C ALA A 40 4.95 4.71 -2.81
N LYS A 41 6.01 5.21 -2.19
CA LYS A 41 6.92 6.11 -2.87
C LYS A 41 8.30 6.06 -2.19
N PRO A 42 9.33 6.47 -2.97
CA PRO A 42 10.69 6.47 -2.44
C PRO A 42 10.91 7.62 -1.48
N ILE A 43 11.94 7.49 -0.65
CA ILE A 43 12.27 8.51 0.32
C ILE A 43 12.32 9.88 -0.37
N GLY A 44 13.08 9.92 -1.46
CA GLY A 44 13.23 11.15 -2.22
C GLY A 44 14.05 10.93 -3.48
N ARG A 45 13.37 10.46 -4.52
CA ARG A 45 14.03 10.20 -5.79
C ARG A 45 12.98 9.99 -6.90
N LEU A 46 13.20 10.68 -8.01
CA LEU A 46 12.30 10.57 -9.14
C LEU A 46 11.92 9.10 -9.36
N GLY A 47 10.72 8.75 -8.92
CA GLY A 47 10.23 7.40 -9.06
C GLY A 47 8.76 7.30 -8.67
N GLY A 48 8.52 7.23 -7.38
CA GLY A 48 7.16 7.13 -6.86
C GLY A 48 6.24 8.14 -7.56
N PRO A 49 4.92 8.00 -7.28
CA PRO A 49 4.45 6.95 -6.38
C PRO A 49 4.48 5.58 -7.05
N GLY A 50 5.13 4.64 -6.39
CA GLY A 50 5.25 3.30 -6.91
C GLY A 50 4.19 2.37 -6.29
N LEU A 51 3.73 1.43 -7.10
CA LEU A 51 2.72 0.50 -6.65
C LEU A 51 3.40 -0.76 -6.10
N VAL A 52 2.77 -1.35 -5.10
CA VAL A 52 3.31 -2.55 -4.47
C VAL A 52 2.20 -3.27 -3.72
N PRO A 53 2.10 -4.61 -3.97
CA PRO A 53 1.08 -5.42 -3.33
C PRO A 53 1.45 -5.69 -1.87
N VAL A 54 0.48 -6.22 -1.13
CA VAL A 54 0.69 -6.53 0.27
C VAL A 54 1.22 -7.96 0.40
N GLY A 55 1.43 -8.57 -0.75
CA GLY A 55 1.94 -9.94 -0.78
C GLY A 55 3.43 -9.95 -1.10
N PHE A 56 3.95 -8.78 -1.42
CA PHE A 56 5.36 -8.65 -1.75
C PHE A 56 6.04 -7.60 -0.86
N VAL A 57 5.25 -7.04 0.04
CA VAL A 57 5.76 -6.02 0.95
C VAL A 57 5.10 -6.20 2.32
N SER A 58 5.74 -5.63 3.33
CA SER A 58 5.23 -5.71 4.69
C SER A 58 5.07 -4.31 5.28
N ILE A 59 3.97 -4.12 5.98
CA ILE A 59 3.69 -2.85 6.60
C ILE A 59 4.50 -2.71 7.89
N ILE A 60 4.89 -1.48 8.18
CA ILE A 60 5.67 -1.20 9.37
C ILE A 60 5.60 0.30 9.69
N ASP A 61 5.19 0.58 10.92
CA ASP A 61 5.07 1.96 11.37
C ASP A 61 5.83 2.14 12.68
N ILE A 62 5.20 1.65 13.75
CA ILE A 62 5.80 1.73 15.07
C ILE A 62 6.02 0.32 15.62
N ALA A 63 6.97 -0.38 15.01
CA ALA A 63 7.30 -1.73 15.43
C ALA A 63 8.53 -2.21 14.66
N THR A 64 9.43 -2.84 15.40
CA THR A 64 10.66 -3.35 14.80
C THR A 64 10.47 -4.81 14.39
N GLY A 65 9.34 -5.07 13.74
CA GLY A 65 9.04 -6.41 13.29
C GLY A 65 7.93 -6.38 12.21
N TYR A 66 6.70 -6.47 12.67
CA TYR A 66 5.56 -6.45 11.78
C TYR A 66 4.68 -5.22 12.02
N ALA A 67 3.53 -5.22 11.35
CA ALA A 67 2.60 -4.11 11.49
C ALA A 67 1.99 -4.14 12.90
N THR A 68 2.82 -3.80 13.86
CA THR A 68 2.38 -3.78 15.26
C THR A 68 1.65 -5.08 15.60
N GLY A 69 1.90 -6.10 14.78
CA GLY A 69 1.28 -7.39 15.00
C GLY A 69 -0.03 -7.51 14.19
N ASN A 70 -0.69 -6.38 14.05
CA ASN A 70 -1.95 -6.34 13.32
C ASN A 70 -1.69 -6.72 11.86
N ASP A 71 -2.78 -6.95 11.14
CA ASP A 71 -2.69 -7.32 9.74
C ASP A 71 -2.62 -6.05 8.88
N VAL A 72 -1.96 -6.18 7.74
CA VAL A 72 -1.82 -5.05 6.83
C VAL A 72 -3.16 -4.32 6.73
N ILE A 73 -4.21 -5.09 6.51
CA ILE A 73 -5.55 -4.54 6.39
C ILE A 73 -5.91 -3.80 7.69
N GLU A 74 -5.87 -4.55 8.78
CA GLU A 74 -6.19 -3.99 10.07
C GLU A 74 -5.48 -2.65 10.27
N ASP A 75 -4.36 -2.51 9.58
CA ASP A 75 -3.58 -1.29 9.66
C ASP A 75 -4.25 -0.20 8.82
N ILE A 76 -4.79 -0.62 7.69
CA ILE A 76 -5.47 0.31 6.80
C ILE A 76 -6.63 0.97 7.54
N LYS A 77 -7.56 0.14 7.99
CA LYS A 77 -8.72 0.63 8.71
C LYS A 77 -8.26 1.31 10.00
N SER A 78 -7.35 0.64 10.68
CA SER A 78 -6.82 1.16 11.93
C SER A 78 -6.59 2.67 11.81
N VAL A 79 -5.74 3.04 10.87
CA VAL A 79 -5.43 4.44 10.64
C VAL A 79 -6.62 5.12 9.96
N ASN A 80 -7.43 4.30 9.32
CA ASN A 80 -8.61 4.81 8.62
C ASN A 80 -8.19 5.41 7.29
N LEU A 81 -7.10 4.88 6.75
CA LEU A 81 -6.58 5.36 5.48
C LEU A 81 -7.58 5.01 4.37
N PRO A 82 -7.97 6.06 3.61
CA PRO A 82 -8.91 5.88 2.52
C PRO A 82 -8.25 5.22 1.32
N THR A 83 -9.08 4.66 0.44
CA THR A 83 -8.58 3.99 -0.75
C THR A 83 -7.79 4.97 -1.62
N VAL A 84 -7.27 4.45 -2.72
CA VAL A 84 -6.48 5.27 -3.64
C VAL A 84 -7.43 6.20 -4.40
N GLN A 85 -8.60 5.68 -4.73
CA GLN A 85 -9.58 6.46 -5.46
C GLN A 85 -10.34 7.38 -4.50
N GLU A 86 -10.32 7.01 -3.23
CA GLU A 86 -11.00 7.79 -2.21
C GLU A 86 -10.10 8.94 -1.74
N TRP A 87 -8.83 8.63 -1.56
CA TRP A 87 -7.87 9.62 -1.12
C TRP A 87 -7.62 10.59 -2.28
N LYS A 88 -7.17 10.03 -3.39
CA LYS A 88 -6.90 10.82 -4.57
C LYS A 88 -8.16 11.60 -4.97
N SER A 89 -9.29 11.12 -4.46
CA SER A 89 -10.57 11.75 -4.76
C SER A 89 -10.40 13.27 -4.76
N ASN A 90 -9.95 13.79 -3.64
CA ASN A 90 -9.75 15.22 -3.50
C ASN A 90 -8.62 15.49 -2.50
N ILE A 91 -7.54 16.07 -3.01
CA ILE A 91 -6.39 16.39 -2.17
C ILE A 91 -6.88 16.96 -0.83
N ALA A 92 -8.03 17.59 -0.89
CA ALA A 92 -8.62 18.18 0.31
C ALA A 92 -9.82 17.35 0.74
N ARG A 93 -9.57 16.07 0.94
CA ARG A 93 -10.62 15.15 1.37
C ARG A 93 -10.86 15.28 2.88
N TYR A 94 -11.86 16.08 3.21
CA TYR A 94 -12.21 16.29 4.61
C TYR A 94 -12.52 14.97 5.31
N LYS A 95 -11.95 14.80 6.48
CA LYS A 95 -12.18 13.58 7.26
C LYS A 95 -13.63 13.54 7.73
N ALA A 96 -14.35 12.56 7.20
CA ALA A 96 -15.75 12.39 7.55
C ALA A 96 -16.21 10.98 7.17
N SER A 97 -17.35 10.60 7.71
CA SER A 97 -17.90 9.29 7.44
C SER A 97 -17.01 8.20 8.05
N ASN A 98 -16.74 8.36 9.35
CA ASN A 98 -15.90 7.41 10.06
C ASN A 98 -16.79 6.36 10.74
N ILE A 99 -16.29 5.14 10.78
CA ILE A 99 -17.02 4.05 11.39
C ILE A 99 -16.61 3.92 12.87
N SER A 100 -17.52 3.39 13.66
CA SER A 100 -17.27 3.21 15.08
C SER A 100 -18.37 2.37 15.71
N LEU A 101 -18.23 2.13 17.00
CA LEU A 101 -19.21 1.34 17.73
C LEU A 101 -19.36 -0.03 17.06
N GLY A 102 -18.28 -0.47 16.45
CA GLY A 102 -18.28 -1.76 15.77
C GLY A 102 -18.88 -2.85 16.66
N SER A 103 -19.11 -4.01 16.04
CA SER A 103 -19.68 -5.13 16.76
C SER A 103 -18.95 -5.33 18.09
N VAL A 104 -19.57 -6.12 18.96
CA VAL A 104 -19.00 -6.39 20.26
C VAL A 104 -18.85 -7.91 20.44
N GLU A 105 -17.72 -8.30 20.99
CA GLU A 105 -17.44 -9.71 21.22
C GLU A 105 -18.59 -10.36 22.00
N SER B 1 -18.91 -0.71 -15.29
CA SER B 1 -17.53 -0.73 -15.72
C SER B 1 -16.82 0.55 -15.28
N SER B 2 -16.54 0.60 -13.99
CA SER B 2 -15.87 1.77 -13.41
C SER B 2 -14.61 1.32 -12.67
N SER B 3 -14.09 0.17 -13.08
CA SER B 3 -12.90 -0.37 -12.45
C SER B 3 -11.70 0.53 -12.76
N ALA B 4 -11.34 0.59 -14.03
CA ALA B 4 -10.22 1.40 -14.46
C ALA B 4 -10.66 2.87 -14.52
N ASN B 5 -10.95 3.42 -13.36
CA ASN B 5 -11.38 4.80 -13.27
C ASN B 5 -10.16 5.70 -13.02
N GLY B 6 -9.36 5.28 -12.06
CA GLY B 6 -8.15 6.03 -11.72
C GLY B 6 -6.99 5.65 -12.65
N LYS B 7 -6.01 6.54 -12.69
CA LYS B 7 -4.83 6.31 -13.52
C LYS B 7 -3.85 5.41 -12.77
N PHE B 8 -3.90 5.50 -11.45
CA PHE B 8 -3.02 4.71 -10.60
C PHE B 8 -3.74 3.46 -10.09
N ILE B 9 -4.34 2.73 -11.02
CA ILE B 9 -5.07 1.52 -10.67
C ILE B 9 -4.37 0.32 -11.32
N PRO B 10 -4.34 -0.81 -10.56
CA PRO B 10 -3.72 -2.03 -11.05
C PRO B 10 -4.60 -2.71 -12.09
N SER B 11 -3.99 -3.00 -13.23
CA SER B 11 -4.70 -3.65 -14.32
C SER B 11 -4.90 -5.13 -13.99
N ARG B 12 -3.80 -5.79 -13.67
CA ARG B 12 -3.83 -7.20 -13.34
C ARG B 12 -4.24 -7.39 -11.87
N PRO B 13 -4.71 -8.63 -11.56
CA PRO B 13 -5.12 -8.96 -10.21
C PRO B 13 -3.92 -9.14 -9.29
N ALA B 14 -4.18 -9.71 -8.13
CA ALA B 14 -3.13 -9.95 -7.15
C ALA B 14 -2.09 -10.89 -7.77
N PRO B 15 -0.80 -10.53 -7.53
CA PRO B 15 0.31 -11.33 -8.04
C PRO B 15 0.48 -12.62 -7.25
N LYS B 16 1.63 -13.24 -7.43
CA LYS B 16 1.93 -14.48 -6.74
C LYS B 16 3.39 -14.48 -6.28
N PRO B 17 3.60 -13.97 -5.04
CA PRO B 17 4.95 -13.90 -4.48
C PRO B 17 5.43 -15.28 -4.05
N PRO B 18 6.77 -15.36 -3.80
CA PRO B 18 7.37 -16.61 -3.37
C PRO B 18 7.03 -16.91 -1.90
N SER B 19 7.88 -16.41 -1.02
CA SER B 19 7.69 -16.61 0.41
C SER B 19 6.43 -15.89 0.87
N SER B 20 5.31 -16.62 0.84
CA SER B 20 4.04 -16.05 1.26
C SER B 20 3.09 -17.18 1.67
N ALA B 21 1.90 -16.78 2.08
CA ALA B 21 0.89 -17.74 2.52
C ALA B 21 0.76 -18.83 1.45
N SER B 22 0.54 -18.41 0.22
CA SER B 22 0.39 -19.34 -0.88
C SER B 22 -0.68 -20.38 -0.54
N ALA B 23 -1.77 -19.90 0.01
CA ALA B 23 -2.87 -20.77 0.39
C ALA B 23 -3.46 -21.40 -0.88
N SER B 24 -3.08 -22.65 -1.12
CA SER B 24 -3.56 -23.37 -2.28
C SER B 24 -4.40 -24.57 -1.85
N GLY A 1 8.25 8.68 14.18
CA GLY A 1 6.98 8.01 14.43
C GLY A 1 6.18 7.86 13.13
N SER A 2 6.89 7.51 12.07
CA SER A 2 6.26 7.34 10.77
C SER A 2 5.92 5.87 10.55
N LEU A 3 5.23 5.62 9.45
CA LEU A 3 4.84 4.25 9.10
C LEU A 3 5.01 4.05 7.60
N TYR A 4 5.58 2.90 7.25
CA TYR A 4 5.79 2.57 5.85
C TYR A 4 5.76 1.06 5.64
N ALA A 5 6.12 0.66 4.42
CA ALA A 5 6.14 -0.75 4.07
C ALA A 5 7.54 -1.15 3.63
N ILE A 6 7.85 -2.42 3.79
CA ILE A 6 9.16 -2.93 3.42
C ILE A 6 8.98 -4.07 2.41
N VAL A 7 9.69 -3.97 1.30
CA VAL A 7 9.62 -4.97 0.27
C VAL A 7 10.58 -6.11 0.59
N LEU A 8 10.03 -7.31 0.68
CA LEU A 8 10.83 -8.49 0.99
C LEU A 8 11.17 -9.22 -0.31
N TYR A 9 10.47 -8.84 -1.37
CA TYR A 9 10.69 -9.45 -2.66
C TYR A 9 10.49 -8.44 -3.79
N ASP A 10 11.03 -8.78 -4.95
CA ASP A 10 10.93 -7.91 -6.11
C ASP A 10 9.83 -8.44 -7.04
N PHE A 11 9.29 -7.52 -7.85
CA PHE A 11 8.24 -7.88 -8.78
C PHE A 11 8.24 -6.96 -9.99
N LYS A 12 8.19 -7.56 -11.17
CA LYS A 12 8.18 -6.80 -12.41
C LYS A 12 6.89 -6.01 -12.51
N ALA A 13 7.03 -4.71 -12.68
CA ALA A 13 5.88 -3.83 -12.80
C ALA A 13 5.52 -3.65 -14.27
N GLU A 14 4.23 -3.74 -14.55
CA GLU A 14 3.74 -3.59 -15.92
C GLU A 14 2.34 -3.00 -15.92
N LYS A 15 1.99 -2.37 -14.81
CA LYS A 15 0.67 -1.76 -14.67
C LYS A 15 0.81 -0.24 -14.79
N ALA A 16 -0.32 0.43 -14.58
CA ALA A 16 -0.34 1.88 -14.66
C ALA A 16 0.68 2.47 -13.68
N ASP A 17 0.72 1.85 -12.50
CA ASP A 17 1.65 2.29 -11.47
C ASP A 17 2.94 1.46 -11.55
N GLU A 18 3.10 0.81 -12.69
CA GLU A 18 4.28 -0.02 -12.91
C GLU A 18 5.51 0.62 -12.26
N LEU A 19 5.82 0.16 -11.06
CA LEU A 19 6.96 0.67 -10.33
C LEU A 19 7.71 -0.49 -9.67
N THR A 20 8.73 -0.96 -10.36
CA THR A 20 9.53 -2.06 -9.85
C THR A 20 10.16 -1.69 -8.51
N THR A 21 10.43 -2.73 -7.71
CA THR A 21 11.02 -2.53 -6.40
C THR A 21 11.83 -3.76 -5.99
N TYR A 22 13.14 -3.59 -5.98
CA TYR A 22 14.04 -4.67 -5.61
C TYR A 22 13.64 -5.28 -4.26
N VAL A 23 14.09 -6.50 -4.04
CA VAL A 23 13.78 -7.21 -2.80
C VAL A 23 14.46 -6.48 -1.64
N GLY A 24 13.92 -6.72 -0.45
CA GLY A 24 14.45 -6.11 0.74
C GLY A 24 14.65 -4.60 0.55
N GLU A 25 13.54 -3.92 0.33
CA GLU A 25 13.57 -2.48 0.12
C GLU A 25 12.57 -1.78 1.06
N ASN A 26 12.63 -0.47 1.04
CA ASN A 26 11.74 0.33 1.90
C ASN A 26 10.93 1.28 1.02
N LEU A 27 9.61 1.17 1.13
CA LEU A 27 8.72 2.01 0.36
C LEU A 27 7.67 2.62 1.30
N PHE A 28 7.45 3.91 1.11
CA PHE A 28 6.48 4.63 1.92
C PHE A 28 5.09 4.57 1.30
N ILE A 29 4.29 3.62 1.79
CA ILE A 29 2.94 3.45 1.29
C ILE A 29 2.11 4.70 1.61
N CYS A 30 1.10 4.92 0.80
CA CYS A 30 0.23 6.08 0.99
C CYS A 30 -1.19 5.68 0.56
N ALA A 31 -1.26 5.01 -0.59
CA ALA A 31 -2.54 4.58 -1.11
C ALA A 31 -2.62 3.05 -1.07
N HIS A 32 -3.80 2.54 -1.36
CA HIS A 32 -4.02 1.11 -1.34
C HIS A 32 -5.23 0.76 -2.22
N HIS A 33 -5.35 -0.51 -2.55
CA HIS A 33 -6.44 -0.98 -3.37
C HIS A 33 -6.89 -2.36 -2.90
N ASN A 34 -8.11 -2.41 -2.38
CA ASN A 34 -8.66 -3.65 -1.88
C ASN A 34 -7.67 -4.31 -0.93
N CYS A 35 -7.06 -3.48 -0.10
CA CYS A 35 -6.08 -3.97 0.86
C CYS A 35 -5.23 -5.05 0.18
N GLU A 36 -5.07 -4.88 -1.13
CA GLU A 36 -4.29 -5.82 -1.91
C GLU A 36 -3.09 -5.12 -2.54
N TRP A 37 -3.35 -3.91 -3.02
CA TRP A 37 -2.31 -3.11 -3.66
C TRP A 37 -2.02 -1.91 -2.77
N PHE A 38 -0.76 -1.49 -2.78
CA PHE A 38 -0.35 -0.36 -1.97
C PHE A 38 0.51 0.61 -2.81
N ILE A 39 0.11 1.87 -2.77
CA ILE A 39 0.83 2.90 -3.50
C ILE A 39 1.83 3.58 -2.57
N ALA A 40 3.08 3.17 -2.69
CA ALA A 40 4.15 3.74 -1.88
C ALA A 40 5.09 4.56 -2.76
N LYS A 41 5.99 5.27 -2.10
CA LYS A 41 6.95 6.10 -2.81
C LYS A 41 8.34 5.89 -2.20
N PRO A 42 9.37 6.01 -3.08
CA PRO A 42 10.75 5.83 -2.65
C PRO A 42 11.24 7.05 -1.86
N ILE A 43 12.47 6.95 -1.38
CA ILE A 43 13.06 8.04 -0.61
C ILE A 43 14.41 8.42 -1.22
N GLY A 44 14.35 8.96 -2.43
CA GLY A 44 15.54 9.37 -3.14
C GLY A 44 15.20 10.21 -4.37
N ARG A 45 14.92 9.52 -5.46
CA ARG A 45 14.57 10.19 -6.70
C ARG A 45 13.24 10.93 -6.55
N LEU A 46 12.81 11.54 -7.65
CA LEU A 46 11.56 12.27 -7.66
C LEU A 46 10.50 11.47 -6.91
N GLY A 47 10.38 10.21 -7.27
CA GLY A 47 9.42 9.33 -6.64
C GLY A 47 8.38 8.83 -7.65
N GLY A 48 7.61 7.84 -7.22
CA GLY A 48 6.58 7.27 -8.08
C GLY A 48 5.29 8.10 -8.02
N PRO A 49 4.42 7.74 -7.04
CA PRO A 49 4.72 6.64 -6.14
C PRO A 49 4.55 5.29 -6.84
N GLY A 50 5.29 4.31 -6.36
CA GLY A 50 5.23 2.97 -6.93
C GLY A 50 4.13 2.15 -6.26
N LEU A 51 3.70 1.11 -6.97
CA LEU A 51 2.66 0.24 -6.46
C LEU A 51 3.29 -1.08 -6.00
N VAL A 52 2.72 -1.61 -4.93
CA VAL A 52 3.21 -2.87 -4.37
C VAL A 52 2.08 -3.56 -3.61
N PRO A 53 1.97 -4.89 -3.85
CA PRO A 53 0.93 -5.68 -3.19
C PRO A 53 1.29 -5.93 -1.73
N VAL A 54 0.33 -6.55 -1.02
CA VAL A 54 0.53 -6.85 0.38
C VAL A 54 1.09 -8.27 0.52
N GLY A 55 1.42 -8.86 -0.63
CA GLY A 55 1.97 -10.21 -0.64
C GLY A 55 3.45 -10.19 -1.00
N PHE A 56 3.93 -9.01 -1.35
CA PHE A 56 5.33 -8.85 -1.70
C PHE A 56 6.02 -7.82 -0.79
N VAL A 57 5.25 -7.31 0.16
CA VAL A 57 5.76 -6.33 1.09
C VAL A 57 5.17 -6.60 2.47
N SER A 58 5.77 -5.97 3.47
CA SER A 58 5.31 -6.11 4.84
C SER A 58 5.23 -4.75 5.53
N ILE A 59 4.13 -4.52 6.22
CA ILE A 59 3.92 -3.27 6.92
C ILE A 59 4.95 -3.14 8.04
N ILE A 60 5.48 -1.94 8.18
CA ILE A 60 6.47 -1.66 9.20
C ILE A 60 6.42 -0.18 9.58
N ASP A 61 6.39 0.06 10.88
CA ASP A 61 6.34 1.42 11.38
C ASP A 61 7.37 1.59 12.50
N ILE A 62 8.33 0.69 12.52
CA ILE A 62 9.38 0.72 13.52
C ILE A 62 10.43 -0.35 13.19
N ALA A 63 11.67 -0.01 13.48
CA ALA A 63 12.78 -0.92 13.23
C ALA A 63 12.41 -2.31 13.73
N THR A 64 12.32 -2.43 15.05
CA THR A 64 11.98 -3.70 15.66
C THR A 64 10.47 -3.83 15.81
N GLY A 65 9.80 -3.97 14.67
CA GLY A 65 8.36 -4.10 14.66
C GLY A 65 7.83 -4.20 13.22
N TYR A 66 6.61 -4.71 13.12
CA TYR A 66 5.98 -4.87 11.81
C TYR A 66 4.45 -4.87 11.94
N ALA A 67 3.82 -4.14 11.02
CA ALA A 67 2.37 -4.05 11.02
C ALA A 67 1.88 -3.84 12.45
N THR A 68 2.74 -3.24 13.27
CA THR A 68 2.40 -2.98 14.65
C THR A 68 1.61 -4.15 15.24
N GLY A 69 1.89 -5.34 14.72
CA GLY A 69 1.21 -6.53 15.18
C GLY A 69 -0.09 -6.75 14.42
N ASN A 70 -0.86 -5.67 14.29
CA ASN A 70 -2.13 -5.73 13.59
C ASN A 70 -1.88 -6.09 12.13
N ASP A 71 -2.83 -6.83 11.57
CA ASP A 71 -2.73 -7.26 10.18
C ASP A 71 -2.68 -6.02 9.28
N VAL A 72 -1.90 -6.15 8.21
CA VAL A 72 -1.75 -5.05 7.27
C VAL A 72 -3.13 -4.44 6.99
N ILE A 73 -4.10 -5.30 6.78
CA ILE A 73 -5.46 -4.86 6.51
C ILE A 73 -6.02 -4.16 7.75
N GLU A 74 -5.71 -4.74 8.90
CA GLU A 74 -6.18 -4.17 10.16
C GLU A 74 -5.43 -2.87 10.48
N ASP A 75 -4.31 -2.70 9.80
CA ASP A 75 -3.49 -1.50 10.00
C ASP A 75 -3.96 -0.42 9.04
N ILE A 76 -4.73 -0.83 8.04
CA ILE A 76 -5.25 0.10 7.05
C ILE A 76 -6.35 0.94 7.68
N LYS A 77 -7.47 0.30 7.97
CA LYS A 77 -8.59 0.98 8.57
C LYS A 77 -8.13 1.70 9.84
N SER A 78 -7.13 1.12 10.49
CA SER A 78 -6.60 1.69 11.71
C SER A 78 -6.48 3.21 11.56
N VAL A 79 -5.67 3.62 10.59
CA VAL A 79 -5.47 5.03 10.33
C VAL A 79 -6.71 5.61 9.64
N ASN A 80 -7.48 4.72 9.04
CA ASN A 80 -8.69 5.11 8.34
C ASN A 80 -8.33 5.64 6.95
N LEU A 81 -7.23 5.11 6.43
CA LEU A 81 -6.77 5.50 5.11
C LEU A 81 -7.69 4.91 4.04
N PRO A 82 -8.31 5.83 3.26
CA PRO A 82 -9.22 5.41 2.20
C PRO A 82 -8.45 4.86 1.00
N THR A 83 -9.19 4.57 -0.06
CA THR A 83 -8.59 4.03 -1.27
C THR A 83 -7.82 5.12 -2.01
N VAL A 84 -7.24 4.74 -3.14
CA VAL A 84 -6.48 5.68 -3.94
C VAL A 84 -7.44 6.68 -4.59
N GLN A 85 -8.46 6.14 -5.23
CA GLN A 85 -9.46 6.96 -5.90
C GLN A 85 -10.30 7.72 -4.87
N GLU A 86 -10.19 7.27 -3.63
CA GLU A 86 -10.94 7.89 -2.54
C GLU A 86 -10.11 9.02 -1.91
N TRP A 87 -8.81 8.77 -1.82
CA TRP A 87 -7.91 9.75 -1.25
C TRP A 87 -7.50 10.72 -2.35
N LYS A 88 -6.84 10.18 -3.36
CA LYS A 88 -6.38 10.98 -4.48
C LYS A 88 -7.55 11.81 -5.01
N SER A 89 -8.75 11.32 -4.75
CA SER A 89 -9.95 12.00 -5.20
C SER A 89 -9.79 13.51 -5.03
N ASN A 90 -9.69 13.93 -3.77
CA ASN A 90 -9.53 15.34 -3.47
C ASN A 90 -8.19 15.55 -2.74
N ILE A 91 -7.24 16.11 -3.47
CA ILE A 91 -5.92 16.36 -2.92
C ILE A 91 -6.07 17.18 -1.63
N ALA A 92 -7.00 18.12 -1.67
CA ALA A 92 -7.25 18.97 -0.52
C ALA A 92 -8.35 18.34 0.35
N ARG A 93 -7.91 17.55 1.32
CA ARG A 93 -8.84 16.89 2.23
C ARG A 93 -9.96 17.85 2.63
N TYR A 94 -11.19 17.39 2.48
CA TYR A 94 -12.35 18.19 2.83
C TYR A 94 -13.11 17.56 4.01
N LYS A 95 -12.36 17.12 4.99
CA LYS A 95 -12.95 16.50 6.17
C LYS A 95 -13.04 17.54 7.29
N ALA A 96 -14.22 17.63 7.87
CA ALA A 96 -14.45 18.57 8.96
C ALA A 96 -13.44 18.31 10.07
N SER A 97 -13.44 17.09 10.55
CA SER A 97 -12.53 16.70 11.62
C SER A 97 -11.19 16.27 11.03
N ASN A 98 -10.12 16.62 11.73
CA ASN A 98 -8.78 16.28 11.30
C ASN A 98 -7.84 16.29 12.49
N ILE A 99 -6.77 15.52 12.37
CA ILE A 99 -5.78 15.44 13.43
C ILE A 99 -4.37 15.54 12.83
N SER A 100 -3.42 15.88 13.69
CA SER A 100 -2.04 16.01 13.26
C SER A 100 -1.14 16.26 14.47
N LEU A 101 0.03 15.64 14.43
CA LEU A 101 0.99 15.80 15.52
C LEU A 101 2.06 16.81 15.11
N GLY A 102 2.77 17.31 16.11
CA GLY A 102 3.82 18.28 15.87
C GLY A 102 5.18 17.61 15.75
N SER A 103 6.01 18.15 14.87
CA SER A 103 7.35 17.61 14.67
C SER A 103 8.29 18.73 14.23
N VAL A 104 9.53 18.62 14.70
CA VAL A 104 10.54 19.62 14.37
C VAL A 104 11.68 18.93 13.59
N GLU A 105 11.45 18.78 12.30
CA GLU A 105 12.44 18.15 11.44
C GLU A 105 13.25 19.21 10.70
N SER B 1 -15.00 0.11 -18.94
CA SER B 1 -14.39 1.13 -18.08
C SER B 1 -13.85 2.27 -18.94
N SER B 2 -14.53 2.51 -20.05
CA SER B 2 -14.13 3.57 -20.96
C SER B 2 -14.87 4.86 -20.63
N SER B 3 -15.59 4.81 -19.52
CA SER B 3 -16.35 5.97 -19.07
C SER B 3 -15.75 6.53 -17.78
N ALA B 4 -15.66 5.67 -16.78
CA ALA B 4 -15.11 6.06 -15.50
C ALA B 4 -13.86 5.23 -15.20
N ASN B 5 -12.77 5.92 -14.92
CA ASN B 5 -11.51 5.26 -14.62
C ASN B 5 -10.86 5.94 -13.41
N GLY B 6 -10.54 5.13 -12.42
CA GLY B 6 -9.91 5.64 -11.22
C GLY B 6 -8.50 6.17 -11.51
N LYS B 7 -7.77 6.44 -10.44
CA LYS B 7 -6.41 6.95 -10.58
C LYS B 7 -5.44 6.00 -9.88
N PHE B 8 -4.26 5.86 -10.47
CA PHE B 8 -3.24 4.99 -9.91
C PHE B 8 -3.78 3.57 -9.73
N ILE B 9 -4.88 3.29 -10.41
CA ILE B 9 -5.50 1.98 -10.34
C ILE B 9 -4.57 0.94 -10.98
N PRO B 10 -4.51 -0.25 -10.33
CA PRO B 10 -3.66 -1.33 -10.83
C PRO B 10 -4.29 -1.98 -12.06
N SER B 11 -3.53 -2.89 -12.66
CA SER B 11 -4.00 -3.60 -13.84
C SER B 11 -4.42 -5.02 -13.46
N ARG B 12 -3.56 -5.67 -12.70
CA ARG B 12 -3.82 -7.04 -12.27
C ARG B 12 -4.51 -7.04 -10.90
N PRO B 13 -5.20 -8.17 -10.59
CA PRO B 13 -5.89 -8.31 -9.33
C PRO B 13 -4.91 -8.55 -8.18
N ALA B 14 -3.88 -9.34 -8.48
CA ALA B 14 -2.87 -9.65 -7.49
C ALA B 14 -1.96 -10.76 -8.04
N PRO B 15 -0.62 -10.47 -7.98
CA PRO B 15 0.36 -11.42 -8.46
C PRO B 15 0.53 -12.60 -7.48
N LYS B 16 1.63 -13.30 -7.63
CA LYS B 16 1.92 -14.44 -6.78
C LYS B 16 3.41 -14.44 -6.42
N PRO B 17 3.68 -14.09 -5.13
CA PRO B 17 5.05 -14.04 -4.64
C PRO B 17 5.59 -15.45 -4.41
N PRO B 18 6.94 -15.54 -4.31
CA PRO B 18 7.60 -16.81 -4.10
C PRO B 18 7.45 -17.27 -2.65
N SER B 19 8.34 -16.78 -1.80
CA SER B 19 8.31 -17.13 -0.39
C SER B 19 6.87 -17.10 0.13
N SER B 20 6.08 -16.21 -0.48
CA SER B 20 4.68 -16.08 -0.09
C SER B 20 3.78 -16.72 -1.14
N ALA B 21 3.61 -18.03 -1.01
CA ALA B 21 2.78 -18.78 -1.94
C ALA B 21 1.58 -19.36 -1.19
N SER B 22 0.65 -19.91 -1.96
CA SER B 22 -0.54 -20.50 -1.38
C SER B 22 -1.29 -21.31 -2.44
N ALA B 23 -1.28 -22.62 -2.25
CA ALA B 23 -1.94 -23.52 -3.18
C ALA B 23 -3.43 -23.58 -2.84
N SER B 24 -4.21 -24.10 -3.79
CA SER B 24 -5.64 -24.22 -3.60
C SER B 24 -6.06 -25.68 -3.71
N GLY A 1 1.78 9.33 13.33
CA GLY A 1 2.93 8.45 13.28
C GLY A 1 3.37 8.20 11.83
N SER A 2 4.26 7.23 11.68
CA SER A 2 4.75 6.87 10.36
C SER A 2 4.50 5.39 10.08
N LEU A 3 4.24 5.09 8.82
CA LEU A 3 3.99 3.73 8.41
C LEU A 3 4.43 3.53 6.96
N TYR A 4 5.32 2.57 6.77
CA TYR A 4 5.83 2.28 5.43
C TYR A 4 5.61 0.81 5.07
N ALA A 5 6.23 0.40 3.97
CA ALA A 5 6.11 -0.96 3.51
C ALA A 5 7.50 -1.50 3.17
N ILE A 6 7.78 -2.68 3.69
CA ILE A 6 9.06 -3.33 3.46
C ILE A 6 8.88 -4.52 2.52
N VAL A 7 9.52 -4.42 1.36
CA VAL A 7 9.43 -5.48 0.36
C VAL A 7 10.45 -6.57 0.70
N LEU A 8 9.93 -7.79 0.85
CA LEU A 8 10.78 -8.92 1.17
C LEU A 8 11.08 -9.70 -0.12
N TYR A 9 10.35 -9.36 -1.16
CA TYR A 9 10.52 -10.02 -2.45
C TYR A 9 10.41 -9.01 -3.60
N ASP A 10 10.92 -9.43 -4.75
CA ASP A 10 10.88 -8.58 -5.93
C ASP A 10 9.62 -8.89 -6.75
N PHE A 11 9.25 -7.95 -7.59
CA PHE A 11 8.07 -8.11 -8.43
C PHE A 11 8.16 -7.21 -9.66
N LYS A 12 7.85 -7.81 -10.81
CA LYS A 12 7.89 -7.08 -12.06
C LYS A 12 6.61 -6.25 -12.20
N ALA A 13 6.80 -4.95 -12.38
CA ALA A 13 5.68 -4.05 -12.54
C ALA A 13 5.42 -3.80 -14.01
N GLU A 14 4.13 -3.72 -14.36
CA GLU A 14 3.74 -3.48 -15.73
C GLU A 14 2.37 -2.80 -15.79
N LYS A 15 2.04 -2.13 -14.69
CA LYS A 15 0.77 -1.43 -14.60
C LYS A 15 1.00 0.07 -14.78
N ALA A 16 -0.07 0.82 -14.64
CA ALA A 16 0.00 2.27 -14.79
C ALA A 16 0.98 2.83 -13.76
N ASP A 17 1.07 2.14 -12.64
CA ASP A 17 1.97 2.55 -11.58
C ASP A 17 3.20 1.64 -11.54
N GLU A 18 3.38 0.91 -12.64
CA GLU A 18 4.50 0.00 -12.76
C GLU A 18 5.74 0.59 -12.07
N LEU A 19 6.05 0.03 -10.91
CA LEU A 19 7.20 0.49 -10.15
C LEU A 19 7.90 -0.71 -9.51
N THR A 20 8.92 -1.20 -10.20
CA THR A 20 9.67 -2.34 -9.72
C THR A 20 10.36 -2.00 -8.39
N THR A 21 10.59 -3.03 -7.60
CA THR A 21 11.25 -2.86 -6.31
C THR A 21 11.98 -4.13 -5.91
N TYR A 22 13.30 -4.05 -5.92
CA TYR A 22 14.13 -5.19 -5.56
C TYR A 22 13.74 -5.75 -4.19
N VAL A 23 14.06 -7.01 -3.99
CA VAL A 23 13.75 -7.68 -2.73
C VAL A 23 14.39 -6.90 -1.58
N GLY A 24 13.84 -7.11 -0.39
CA GLY A 24 14.36 -6.45 0.79
C GLY A 24 14.51 -4.94 0.56
N GLU A 25 13.37 -4.27 0.51
CA GLU A 25 13.36 -2.83 0.29
C GLU A 25 12.34 -2.16 1.22
N ASN A 26 12.43 -0.84 1.29
CA ASN A 26 11.53 -0.07 2.13
C ASN A 26 10.99 1.12 1.35
N LEU A 27 9.67 1.21 1.28
CA LEU A 27 9.03 2.30 0.57
C LEU A 27 7.99 2.96 1.48
N PHE A 28 7.60 4.16 1.09
CA PHE A 28 6.62 4.91 1.87
C PHE A 28 5.25 4.89 1.18
N ILE A 29 4.35 4.11 1.74
CA ILE A 29 3.01 3.99 1.20
C ILE A 29 2.34 5.37 1.19
N CYS A 30 1.27 5.47 0.43
CA CYS A 30 0.54 6.73 0.32
C CYS A 30 -0.94 6.40 0.08
N ALA A 31 -1.15 5.48 -0.84
CA ALA A 31 -2.51 5.06 -1.18
C ALA A 31 -2.65 3.55 -0.98
N HIS A 32 -3.88 3.09 -1.05
CA HIS A 32 -4.17 1.68 -0.88
C HIS A 32 -5.47 1.32 -1.59
N HIS A 33 -5.50 0.13 -2.16
CA HIS A 33 -6.67 -0.35 -2.87
C HIS A 33 -6.83 -1.85 -2.67
N ASN A 34 -8.07 -2.27 -2.46
CA ASN A 34 -8.36 -3.67 -2.25
C ASN A 34 -7.43 -4.22 -1.18
N CYS A 35 -6.92 -3.33 -0.35
CA CYS A 35 -6.01 -3.72 0.72
C CYS A 35 -5.05 -4.77 0.17
N GLU A 36 -4.81 -4.68 -1.13
CA GLU A 36 -3.91 -5.62 -1.79
C GLU A 36 -2.79 -4.86 -2.51
N TRP A 37 -3.15 -3.71 -3.04
CA TRP A 37 -2.20 -2.89 -3.76
C TRP A 37 -2.07 -1.55 -3.02
N PHE A 38 -0.83 -1.13 -2.82
CA PHE A 38 -0.56 0.13 -2.13
C PHE A 38 0.29 1.05 -3.00
N ILE A 39 0.00 2.34 -2.88
CA ILE A 39 0.73 3.34 -3.64
C ILE A 39 1.76 4.02 -2.74
N ALA A 40 2.98 3.52 -2.81
CA ALA A 40 4.06 4.06 -2.00
C ALA A 40 4.96 4.92 -2.88
N LYS A 41 6.00 5.46 -2.26
CA LYS A 41 6.95 6.30 -2.98
C LYS A 41 8.34 6.17 -2.34
N PRO A 42 9.37 6.49 -3.14
CA PRO A 42 10.75 6.42 -2.67
C PRO A 42 11.07 7.59 -1.72
N ILE A 43 12.28 7.57 -1.21
CA ILE A 43 12.73 8.61 -0.29
C ILE A 43 13.53 9.65 -1.08
N GLY A 44 13.59 9.45 -2.39
CA GLY A 44 14.31 10.38 -3.25
C GLY A 44 15.26 9.61 -4.17
N ARG A 45 14.73 8.62 -4.85
CA ARG A 45 15.51 7.81 -5.77
C ARG A 45 14.70 7.48 -7.02
N LEU A 46 13.88 6.45 -6.91
CA LEU A 46 13.05 6.03 -8.01
C LEU A 46 12.14 7.19 -8.44
N GLY A 47 11.27 6.90 -9.40
CA GLY A 47 10.35 7.90 -9.90
C GLY A 47 8.94 7.64 -9.39
N GLY A 48 8.82 7.55 -8.07
CA GLY A 48 7.53 7.31 -7.45
C GLY A 48 6.46 8.25 -8.00
N PRO A 49 5.22 8.07 -7.50
CA PRO A 49 4.96 7.04 -6.50
C PRO A 49 4.93 5.65 -7.13
N GLY A 50 5.45 4.69 -6.39
CA GLY A 50 5.49 3.31 -6.87
C GLY A 50 4.45 2.45 -6.16
N LEU A 51 3.84 1.56 -6.94
CA LEU A 51 2.82 0.68 -6.41
C LEU A 51 3.48 -0.60 -5.91
N VAL A 52 2.92 -1.14 -4.82
CA VAL A 52 3.45 -2.35 -4.23
C VAL A 52 2.32 -3.08 -3.50
N PRO A 53 2.24 -4.42 -3.76
CA PRO A 53 1.22 -5.24 -3.13
C PRO A 53 1.55 -5.51 -1.66
N VAL A 54 0.63 -6.19 -1.00
CA VAL A 54 0.82 -6.53 0.40
C VAL A 54 1.34 -7.96 0.52
N GLY A 55 1.40 -8.62 -0.63
CA GLY A 55 1.87 -10.00 -0.66
C GLY A 55 3.38 -10.06 -0.90
N PHE A 56 3.93 -8.93 -1.30
CA PHE A 56 5.36 -8.83 -1.55
C PHE A 56 6.00 -7.74 -0.70
N VAL A 57 5.24 -7.28 0.29
CA VAL A 57 5.72 -6.25 1.19
C VAL A 57 5.02 -6.40 2.54
N SER A 58 5.64 -5.80 3.56
CA SER A 58 5.09 -5.85 4.91
C SER A 58 4.91 -4.44 5.44
N ILE A 59 3.67 -4.14 5.82
CA ILE A 59 3.34 -2.84 6.36
C ILE A 59 4.12 -2.61 7.66
N ILE A 60 5.16 -1.80 7.57
CA ILE A 60 5.98 -1.50 8.72
C ILE A 60 6.82 -0.26 8.43
N ASP A 61 7.76 0.00 9.33
CA ASP A 61 8.64 1.15 9.19
C ASP A 61 10.09 0.68 9.28
N ILE A 62 10.94 1.60 9.72
CA ILE A 62 12.36 1.30 9.86
C ILE A 62 12.55 0.23 10.93
N ALA A 63 13.75 -0.35 10.95
CA ALA A 63 14.06 -1.39 11.91
C ALA A 63 13.55 -2.73 11.39
N THR A 64 13.03 -2.70 10.17
CA THR A 64 12.52 -3.91 9.55
C THR A 64 11.57 -4.63 10.50
N GLY A 65 11.03 -3.88 11.44
CA GLY A 65 10.11 -4.44 12.42
C GLY A 65 9.19 -3.35 12.98
N TYR A 66 7.89 -3.58 12.81
CA TYR A 66 6.90 -2.64 13.30
C TYR A 66 5.51 -3.28 13.37
N ALA A 67 4.56 -2.51 13.88
CA ALA A 67 3.19 -3.00 14.00
C ALA A 67 3.22 -4.44 14.52
N THR A 68 4.27 -4.75 15.25
CA THR A 68 4.42 -6.08 15.81
C THR A 68 3.92 -7.13 14.83
N GLY A 69 4.06 -6.81 13.55
CA GLY A 69 3.64 -7.72 12.50
C GLY A 69 2.11 -7.84 12.47
N ASN A 70 1.45 -6.68 12.44
CA ASN A 70 0.00 -6.64 12.41
C ASN A 70 -0.48 -7.07 11.02
N ASP A 71 -1.81 -7.13 10.88
CA ASP A 71 -2.40 -7.52 9.61
C ASP A 71 -2.45 -6.31 8.69
N VAL A 72 -1.94 -6.51 7.47
CA VAL A 72 -1.92 -5.45 6.48
C VAL A 72 -3.25 -4.71 6.51
N ILE A 73 -4.33 -5.48 6.49
CA ILE A 73 -5.67 -4.90 6.51
C ILE A 73 -5.86 -4.12 7.81
N GLU A 74 -5.35 -4.70 8.89
CA GLU A 74 -5.46 -4.08 10.20
C GLU A 74 -4.61 -2.80 10.25
N ASP A 75 -3.68 -2.71 9.30
CA ASP A 75 -2.80 -1.55 9.23
C ASP A 75 -3.46 -0.47 8.38
N ILE A 76 -4.48 -0.88 7.63
CA ILE A 76 -5.19 0.04 6.76
C ILE A 76 -6.14 0.89 7.60
N LYS A 77 -7.17 0.24 8.11
CA LYS A 77 -8.16 0.92 8.94
C LYS A 77 -7.48 1.46 10.19
N SER A 78 -6.29 0.95 10.46
CA SER A 78 -5.52 1.37 11.62
C SER A 78 -5.41 2.90 11.65
N VAL A 79 -5.60 3.49 10.47
CA VAL A 79 -5.52 4.94 10.34
C VAL A 79 -6.64 5.42 9.43
N ASN A 80 -7.72 4.66 9.41
CA ASN A 80 -8.86 5.01 8.58
C ASN A 80 -8.37 5.52 7.23
N LEU A 81 -7.40 4.81 6.68
CA LEU A 81 -6.83 5.20 5.40
C LEU A 81 -7.81 4.84 4.28
N PRO A 82 -8.24 5.89 3.54
CA PRO A 82 -9.18 5.69 2.44
C PRO A 82 -8.49 5.07 1.23
N THR A 83 -9.30 4.52 0.34
CA THR A 83 -8.77 3.91 -0.87
C THR A 83 -7.99 4.92 -1.70
N VAL A 84 -7.14 4.40 -2.56
CA VAL A 84 -6.32 5.24 -3.42
C VAL A 84 -7.22 6.24 -4.16
N GLN A 85 -8.16 5.68 -4.92
CA GLN A 85 -9.08 6.51 -5.68
C GLN A 85 -10.00 7.30 -4.73
N GLU A 86 -10.00 6.86 -3.48
CA GLU A 86 -10.82 7.52 -2.47
C GLU A 86 -10.12 8.77 -1.94
N TRP A 87 -8.81 8.66 -1.82
CA TRP A 87 -8.00 9.78 -1.34
C TRP A 87 -7.73 10.70 -2.51
N LYS A 88 -7.12 10.14 -3.55
CA LYS A 88 -6.79 10.89 -4.74
C LYS A 88 -8.07 11.50 -5.32
N SER A 89 -9.20 10.93 -4.91
CA SER A 89 -10.48 11.39 -5.39
C SER A 89 -10.51 12.93 -5.41
N ASN A 90 -10.21 13.51 -4.26
CA ASN A 90 -10.19 14.96 -4.13
C ASN A 90 -9.25 15.35 -2.99
N ILE A 91 -8.48 16.39 -3.24
CA ILE A 91 -7.53 16.88 -2.25
C ILE A 91 -8.29 17.64 -1.16
N ALA A 92 -8.95 18.71 -1.58
CA ALA A 92 -9.72 19.52 -0.65
C ALA A 92 -11.17 19.06 -0.65
N ARG A 93 -11.56 18.42 0.45
CA ARG A 93 -12.91 17.92 0.59
C ARG A 93 -13.59 18.56 1.80
N TYR A 94 -14.76 19.12 1.56
CA TYR A 94 -15.52 19.77 2.62
C TYR A 94 -15.50 18.91 3.90
N LYS A 95 -15.20 19.57 5.01
CA LYS A 95 -15.16 18.88 6.29
C LYS A 95 -15.75 19.78 7.37
N ALA A 96 -16.55 19.18 8.24
CA ALA A 96 -17.19 19.92 9.31
C ALA A 96 -18.25 20.84 8.73
N SER A 97 -18.57 20.61 7.47
CA SER A 97 -19.57 21.41 6.79
C SER A 97 -20.93 20.72 6.85
N ASN A 98 -21.97 21.50 6.59
CA ASN A 98 -23.33 20.98 6.61
C ASN A 98 -23.35 19.61 5.92
N ILE A 99 -24.42 18.88 6.17
CA ILE A 99 -24.57 17.56 5.58
C ILE A 99 -25.97 17.44 4.97
N SER A 100 -26.10 16.49 4.05
CA SER A 100 -27.37 16.26 3.38
C SER A 100 -27.44 14.84 2.85
N LEU A 101 -28.34 14.07 3.44
CA LEU A 101 -28.51 12.68 3.04
C LEU A 101 -29.95 12.48 2.52
N GLY A 102 -30.24 11.24 2.17
CA GLY A 102 -31.57 10.90 1.66
C GLY A 102 -32.03 9.56 2.22
N SER A 103 -33.19 9.13 1.75
CA SER A 103 -33.76 7.86 2.20
C SER A 103 -34.26 7.07 0.99
N VAL A 104 -33.42 7.02 -0.04
CA VAL A 104 -33.76 6.28 -1.25
C VAL A 104 -33.64 4.79 -0.99
N GLU A 105 -34.40 4.02 -1.76
CA GLU A 105 -34.39 2.57 -1.62
C GLU A 105 -33.08 2.00 -2.15
N SER B 1 -19.60 -2.66 -7.84
CA SER B 1 -18.39 -3.32 -8.31
C SER B 1 -17.22 -2.34 -8.26
N SER B 2 -17.51 -1.08 -8.56
CA SER B 2 -16.49 -0.05 -8.55
C SER B 2 -17.15 1.34 -8.46
N SER B 3 -16.32 2.32 -8.16
CA SER B 3 -16.81 3.69 -8.04
C SER B 3 -16.24 4.55 -9.18
N ALA B 4 -14.94 4.79 -9.10
CA ALA B 4 -14.28 5.59 -10.12
C ALA B 4 -13.02 4.85 -10.60
N ASN B 5 -12.35 5.45 -11.56
CA ASN B 5 -11.14 4.87 -12.12
C ASN B 5 -10.02 5.90 -12.09
N GLY B 6 -9.15 5.78 -11.10
CA GLY B 6 -8.03 6.69 -10.95
C GLY B 6 -6.91 6.36 -11.94
N LYS B 7 -5.74 6.91 -11.67
CA LYS B 7 -4.59 6.67 -12.52
C LYS B 7 -3.58 5.80 -11.78
N PHE B 8 -3.79 5.68 -10.47
CA PHE B 8 -2.91 4.87 -9.65
C PHE B 8 -3.44 3.44 -9.53
N ILE B 9 -4.56 3.20 -10.20
CA ILE B 9 -5.17 1.88 -10.17
C ILE B 9 -4.26 0.88 -10.90
N PRO B 10 -4.17 -0.34 -10.32
CA PRO B 10 -3.35 -1.38 -10.89
C PRO B 10 -4.01 -1.99 -12.14
N SER B 11 -3.39 -3.03 -12.66
CA SER B 11 -3.91 -3.70 -13.84
C SER B 11 -3.91 -5.22 -13.62
N ARG B 12 -3.75 -5.60 -12.37
CA ARG B 12 -3.73 -7.01 -12.01
C ARG B 12 -4.42 -7.23 -10.67
N PRO B 13 -4.85 -8.50 -10.44
CA PRO B 13 -5.52 -8.85 -9.19
C PRO B 13 -4.52 -8.94 -8.04
N ALA B 14 -3.49 -9.74 -8.25
CA ALA B 14 -2.46 -9.92 -7.24
C ALA B 14 -1.41 -10.90 -7.76
N PRO B 15 -0.12 -10.59 -7.44
CA PRO B 15 0.99 -11.44 -7.87
C PRO B 15 1.05 -12.72 -7.03
N LYS B 16 2.20 -13.37 -7.09
CA LYS B 16 2.40 -14.59 -6.35
C LYS B 16 3.77 -14.54 -5.64
N PRO B 17 3.74 -14.03 -4.39
CA PRO B 17 4.96 -13.92 -3.60
C PRO B 17 5.40 -15.29 -3.08
N PRO B 18 6.75 -15.48 -3.02
CA PRO B 18 7.30 -16.73 -2.54
C PRO B 18 7.20 -16.83 -1.02
N SER B 19 7.36 -18.06 -0.54
CA SER B 19 7.28 -18.30 0.90
C SER B 19 6.16 -17.46 1.51
N SER B 20 5.06 -17.38 0.80
CA SER B 20 3.91 -16.61 1.26
C SER B 20 3.17 -17.39 2.34
N ALA B 21 2.97 -16.72 3.47
CA ALA B 21 2.27 -17.32 4.59
C ALA B 21 0.77 -17.10 4.44
N SER B 22 0.43 -16.11 3.62
CA SER B 22 -0.96 -15.78 3.39
C SER B 22 -1.47 -16.52 2.15
N ALA B 23 -0.77 -17.59 1.81
CA ALA B 23 -1.14 -18.39 0.65
C ALA B 23 -1.71 -19.73 1.12
N SER B 24 -2.71 -19.63 2.00
CA SER B 24 -3.36 -20.81 2.53
C SER B 24 -4.86 -20.59 2.64
N GLY A 1 1.07 8.02 13.92
CA GLY A 1 1.48 6.63 13.80
C GLY A 1 2.59 6.47 12.77
N SER A 2 3.65 5.80 13.19
CA SER A 2 4.79 5.56 12.31
C SER A 2 4.79 4.11 11.83
N LEU A 3 4.57 3.95 10.53
CA LEU A 3 4.55 2.63 9.93
C LEU A 3 4.87 2.74 8.44
N TYR A 4 5.84 1.94 8.02
CA TYR A 4 6.25 1.94 6.63
C TYR A 4 6.12 0.54 6.02
N ALA A 5 6.54 0.43 4.77
CA ALA A 5 6.48 -0.83 4.06
C ALA A 5 7.89 -1.25 3.64
N ILE A 6 8.10 -2.56 3.58
CA ILE A 6 9.39 -3.10 3.21
C ILE A 6 9.19 -4.21 2.17
N VAL A 7 9.99 -4.15 1.12
CA VAL A 7 9.91 -5.14 0.06
C VAL A 7 10.90 -6.27 0.35
N LEU A 8 10.36 -7.48 0.46
CA LEU A 8 11.17 -8.64 0.73
C LEU A 8 11.47 -9.36 -0.58
N TYR A 9 10.72 -9.01 -1.61
CA TYR A 9 10.89 -9.60 -2.92
C TYR A 9 10.63 -8.59 -4.04
N ASP A 10 11.19 -8.88 -5.20
CA ASP A 10 11.03 -8.00 -6.35
C ASP A 10 9.90 -8.53 -7.23
N PHE A 11 9.36 -7.63 -8.06
CA PHE A 11 8.28 -7.99 -8.95
C PHE A 11 8.19 -7.02 -10.13
N LYS A 12 8.12 -7.59 -11.32
CA LYS A 12 8.03 -6.78 -12.52
C LYS A 12 6.68 -6.06 -12.55
N ALA A 13 6.76 -4.74 -12.66
CA ALA A 13 5.55 -3.93 -12.70
C ALA A 13 5.28 -3.49 -14.14
N GLU A 14 4.00 -3.48 -14.49
CA GLU A 14 3.60 -3.09 -15.83
C GLU A 14 2.19 -2.49 -15.80
N LYS A 15 1.80 -2.04 -14.62
CA LYS A 15 0.48 -1.45 -14.45
C LYS A 15 0.60 0.08 -14.57
N ALA A 16 -0.53 0.74 -14.35
CA ALA A 16 -0.57 2.19 -14.42
C ALA A 16 0.37 2.79 -13.37
N ASP A 17 0.64 1.98 -12.35
CA ASP A 17 1.52 2.40 -11.28
C ASP A 17 2.77 1.52 -11.26
N GLU A 18 3.03 0.88 -12.40
CA GLU A 18 4.17 0.01 -12.53
C GLU A 18 5.37 0.59 -11.78
N LEU A 19 5.72 -0.07 -10.68
CA LEU A 19 6.84 0.37 -9.86
C LEU A 19 7.87 -0.75 -9.78
N THR A 20 8.97 -0.56 -10.48
CA THR A 20 10.04 -1.55 -10.50
C THR A 20 10.92 -1.39 -9.25
N THR A 21 10.77 -2.36 -8.35
CA THR A 21 11.54 -2.34 -7.11
C THR A 21 12.21 -3.70 -6.89
N TYR A 22 13.42 -3.64 -6.37
CA TYR A 22 14.17 -4.86 -6.10
C TYR A 22 13.83 -5.42 -4.72
N VAL A 23 14.27 -6.65 -4.50
CA VAL A 23 14.02 -7.32 -3.23
C VAL A 23 14.71 -6.55 -2.11
N GLY A 24 14.21 -6.75 -0.89
CA GLY A 24 14.77 -6.08 0.26
C GLY A 24 14.84 -4.57 0.06
N GLU A 25 13.67 -3.99 -0.20
CA GLU A 25 13.58 -2.55 -0.43
C GLU A 25 12.78 -1.89 0.69
N ASN A 26 12.81 -0.57 0.69
CA ASN A 26 12.08 0.19 1.69
C ASN A 26 11.17 1.21 0.99
N LEU A 27 9.88 1.09 1.30
CA LEU A 27 8.89 1.98 0.72
C LEU A 27 7.83 2.30 1.76
N PHE A 28 7.40 3.56 1.75
CA PHE A 28 6.38 4.00 2.69
C PHE A 28 5.00 4.06 2.03
N ILE A 29 4.12 3.21 2.50
CA ILE A 29 2.76 3.15 1.95
C ILE A 29 1.99 4.38 2.42
N CYS A 30 1.11 4.85 1.55
CA CYS A 30 0.29 6.01 1.86
C CYS A 30 -1.14 5.73 1.42
N ALA A 31 -1.26 5.09 0.27
CA ALA A 31 -2.56 4.75 -0.27
C ALA A 31 -2.73 3.24 -0.27
N HIS A 32 -3.97 2.81 -0.50
CA HIS A 32 -4.27 1.38 -0.52
C HIS A 32 -5.55 1.15 -1.32
N HIS A 33 -5.67 -0.06 -1.85
CA HIS A 33 -6.83 -0.43 -2.65
C HIS A 33 -6.98 -1.94 -2.67
N ASN A 34 -8.23 -2.39 -2.62
CA ASN A 34 -8.51 -3.82 -2.64
C ASN A 34 -7.71 -4.50 -1.54
N CYS A 35 -7.32 -3.72 -0.55
CA CYS A 35 -6.55 -4.24 0.57
C CYS A 35 -5.53 -5.25 0.01
N GLU A 36 -5.12 -5.01 -1.22
CA GLU A 36 -4.15 -5.89 -1.87
C GLU A 36 -3.04 -5.06 -2.52
N TRP A 37 -3.44 -3.94 -3.10
CA TRP A 37 -2.48 -3.06 -3.75
C TRP A 37 -2.34 -1.80 -2.89
N PHE A 38 -1.09 -1.47 -2.61
CA PHE A 38 -0.80 -0.29 -1.79
C PHE A 38 0.09 0.69 -2.56
N ILE A 39 -0.16 1.98 -2.30
CA ILE A 39 0.60 3.03 -2.96
C ILE A 39 1.63 3.59 -1.98
N ALA A 40 2.87 3.16 -2.17
CA ALA A 40 3.95 3.60 -1.31
C ALA A 40 4.92 4.48 -2.13
N LYS A 41 5.82 5.13 -1.41
CA LYS A 41 6.80 5.99 -2.06
C LYS A 41 8.18 5.71 -1.48
N PRO A 42 9.22 5.91 -2.34
CA PRO A 42 10.59 5.68 -1.91
C PRO A 42 11.08 6.82 -1.00
N ILE A 43 12.32 6.66 -0.54
CA ILE A 43 12.91 7.66 0.33
C ILE A 43 14.32 8.00 -0.18
N GLY A 44 14.37 9.02 -1.01
CA GLY A 44 15.64 9.46 -1.58
C GLY A 44 15.46 9.99 -3.00
N ARG A 45 15.00 9.11 -3.87
CA ARG A 45 14.78 9.48 -5.26
C ARG A 45 13.33 9.93 -5.46
N LEU A 46 13.08 10.49 -6.64
CA LEU A 46 11.74 10.96 -6.97
C LEU A 46 11.08 9.97 -7.94
N GLY A 47 10.81 8.78 -7.42
CA GLY A 47 10.19 7.74 -8.22
C GLY A 47 8.71 7.61 -7.88
N GLY A 48 8.46 7.34 -6.60
CA GLY A 48 7.08 7.18 -6.13
C GLY A 48 6.20 8.34 -6.60
N PRO A 49 4.90 8.26 -6.21
CA PRO A 49 4.43 7.15 -5.39
C PRO A 49 4.28 5.88 -6.23
N GLY A 50 4.97 4.84 -5.79
CA GLY A 50 4.93 3.56 -6.49
C GLY A 50 3.92 2.61 -5.84
N LEU A 51 3.46 1.66 -6.63
CA LEU A 51 2.49 0.68 -6.15
C LEU A 51 3.23 -0.55 -5.64
N VAL A 52 2.63 -1.19 -4.64
CA VAL A 52 3.23 -2.38 -4.05
C VAL A 52 2.13 -3.20 -3.36
N PRO A 53 2.05 -4.50 -3.76
CA PRO A 53 1.05 -5.39 -3.19
C PRO A 53 1.45 -5.82 -1.78
N VAL A 54 0.54 -6.53 -1.14
CA VAL A 54 0.77 -7.00 0.22
C VAL A 54 1.34 -8.42 0.17
N GLY A 55 1.62 -8.87 -1.05
CA GLY A 55 2.16 -10.20 -1.25
C GLY A 55 3.65 -10.14 -1.59
N PHE A 56 4.13 -8.93 -1.81
CA PHE A 56 5.52 -8.72 -2.15
C PHE A 56 6.17 -7.70 -1.22
N VAL A 57 5.39 -7.23 -0.26
CA VAL A 57 5.86 -6.24 0.69
C VAL A 57 5.25 -6.53 2.07
N SER A 58 5.87 -5.96 3.09
CA SER A 58 5.40 -6.14 4.45
C SER A 58 5.32 -4.80 5.17
N ILE A 59 4.29 -4.65 5.99
CA ILE A 59 4.09 -3.43 6.73
C ILE A 59 4.90 -3.49 8.04
N ILE A 60 5.89 -2.62 8.12
CA ILE A 60 6.74 -2.56 9.30
C ILE A 60 7.37 -1.18 9.40
N ASP A 61 8.16 -1.00 10.45
CA ASP A 61 8.83 0.28 10.68
C ASP A 61 10.20 0.02 11.31
N ILE A 62 10.85 1.11 11.67
CA ILE A 62 12.17 1.02 12.29
C ILE A 62 12.07 0.20 13.58
N ALA A 63 10.85 0.05 14.05
CA ALA A 63 10.61 -0.70 15.27
C ALA A 63 10.84 -2.19 15.00
N THR A 64 10.87 -2.95 16.08
CA THR A 64 11.09 -4.39 15.97
C THR A 64 9.81 -5.08 15.50
N GLY A 65 9.83 -6.41 15.56
CA GLY A 65 8.69 -7.20 15.15
C GLY A 65 8.07 -6.64 13.86
N TYR A 66 6.79 -6.35 13.93
CA TYR A 66 6.07 -5.81 12.78
C TYR A 66 5.74 -4.33 12.99
N ALA A 67 5.05 -3.77 12.00
CA ALA A 67 4.67 -2.37 12.06
C ALA A 67 4.17 -2.03 13.47
N THR A 68 2.98 -2.55 13.77
CA THR A 68 2.39 -2.32 15.08
C THR A 68 1.80 -3.62 15.63
N GLY A 69 2.12 -4.72 14.96
CA GLY A 69 1.64 -6.02 15.37
C GLY A 69 0.24 -6.29 14.83
N ASN A 70 -0.37 -5.23 14.30
CA ASN A 70 -1.71 -5.34 13.75
C ASN A 70 -1.63 -5.88 12.32
N ASP A 71 -2.78 -6.26 11.80
CA ASP A 71 -2.85 -6.79 10.45
C ASP A 71 -2.82 -5.63 9.45
N VAL A 72 -2.29 -5.93 8.27
CA VAL A 72 -2.20 -4.93 7.22
C VAL A 72 -3.57 -4.28 7.01
N ILE A 73 -4.60 -5.11 7.09
CA ILE A 73 -5.96 -4.62 6.91
C ILE A 73 -6.37 -3.81 8.14
N GLU A 74 -5.95 -4.30 9.30
CA GLU A 74 -6.27 -3.62 10.54
C GLU A 74 -5.43 -2.35 10.68
N ASP A 75 -4.40 -2.26 9.87
CA ASP A 75 -3.52 -1.11 9.88
C ASP A 75 -4.06 -0.04 8.93
N ILE A 76 -4.98 -0.46 8.08
CA ILE A 76 -5.59 0.44 7.12
C ILE A 76 -6.55 1.38 7.84
N LYS A 77 -7.64 0.81 8.32
CA LYS A 77 -8.64 1.58 9.03
C LYS A 77 -8.01 2.20 10.28
N SER A 78 -6.86 1.65 10.65
CA SER A 78 -6.14 2.14 11.82
C SER A 78 -5.87 3.64 11.69
N VAL A 79 -5.73 4.07 10.44
CA VAL A 79 -5.47 5.47 10.16
C VAL A 79 -6.59 6.02 9.27
N ASN A 80 -7.72 5.35 9.31
CA ASN A 80 -8.86 5.76 8.52
C ASN A 80 -8.40 6.07 7.09
N LEU A 81 -7.32 5.43 6.71
CA LEU A 81 -6.76 5.64 5.38
C LEU A 81 -7.77 5.19 4.33
N PRO A 82 -8.12 6.14 3.42
CA PRO A 82 -9.08 5.86 2.37
C PRO A 82 -8.47 5.00 1.27
N THR A 83 -9.26 4.74 0.25
CA THR A 83 -8.79 3.93 -0.86
C THR A 83 -7.84 4.73 -1.75
N VAL A 84 -7.50 4.15 -2.89
CA VAL A 84 -6.60 4.81 -3.83
C VAL A 84 -7.37 5.86 -4.62
N GLN A 85 -8.41 5.40 -5.31
CA GLN A 85 -9.24 6.30 -6.10
C GLN A 85 -10.09 7.19 -5.20
N GLU A 86 -10.10 6.83 -3.92
CA GLU A 86 -10.88 7.58 -2.94
C GLU A 86 -10.14 8.87 -2.57
N TRP A 87 -8.84 8.73 -2.34
CA TRP A 87 -8.03 9.87 -1.97
C TRP A 87 -7.55 10.55 -3.27
N LYS A 88 -6.67 9.84 -3.97
CA LYS A 88 -6.13 10.35 -5.22
C LYS A 88 -7.25 11.03 -6.01
N SER A 89 -8.47 10.55 -5.81
CA SER A 89 -9.62 11.11 -6.48
C SER A 89 -9.49 12.62 -6.59
N ASN A 90 -9.37 13.26 -5.45
CA ASN A 90 -9.23 14.70 -5.40
C ASN A 90 -8.27 15.09 -4.27
N ILE A 91 -7.27 15.89 -4.63
CA ILE A 91 -6.28 16.33 -3.65
C ILE A 91 -6.83 17.54 -2.91
N ALA A 92 -7.64 18.32 -3.61
CA ALA A 92 -8.23 19.52 -3.02
C ALA A 92 -9.58 19.16 -2.40
N ARG A 93 -9.55 18.22 -1.48
CA ARG A 93 -10.75 17.78 -0.80
C ARG A 93 -10.45 17.41 0.65
N TYR A 94 -11.38 17.80 1.52
CA TYR A 94 -11.22 17.52 2.94
C TYR A 94 -10.91 16.04 3.18
N LYS A 95 -10.74 15.70 4.44
CA LYS A 95 -10.45 14.32 4.82
C LYS A 95 -11.75 13.54 4.92
N ALA A 96 -11.65 12.25 4.61
CA ALA A 96 -12.82 11.37 4.67
C ALA A 96 -12.36 9.93 4.85
N SER A 97 -13.33 9.04 4.93
CA SER A 97 -13.03 7.62 5.11
C SER A 97 -14.32 6.80 5.00
N ASN A 98 -14.15 5.50 4.82
CA ASN A 98 -15.28 4.60 4.70
C ASN A 98 -14.87 3.20 5.16
N ILE A 99 -15.81 2.53 5.80
CA ILE A 99 -15.56 1.18 6.31
C ILE A 99 -16.30 0.18 5.41
N SER A 100 -15.53 -0.79 4.91
CA SER A 100 -16.09 -1.81 4.06
C SER A 100 -15.33 -3.13 4.24
N LEU A 101 -15.80 -4.16 3.56
CA LEU A 101 -15.17 -5.47 3.64
C LEU A 101 -15.77 -6.38 2.57
N GLY A 102 -14.96 -7.36 2.16
CA GLY A 102 -15.40 -8.29 1.14
C GLY A 102 -14.20 -9.01 0.51
N SER A 103 -14.01 -10.25 0.90
CA SER A 103 -12.91 -11.04 0.38
C SER A 103 -13.45 -12.32 -0.28
N VAL A 104 -12.58 -12.95 -1.05
CA VAL A 104 -12.95 -14.17 -1.74
C VAL A 104 -11.70 -15.00 -2.03
N GLU A 105 -11.73 -16.24 -1.59
CA GLU A 105 -10.60 -17.14 -1.81
C GLU A 105 -10.99 -18.58 -1.45
N SER B 1 -17.51 5.51 -4.05
CA SER B 1 -17.88 6.03 -5.34
C SER B 1 -17.30 5.17 -6.46
N SER B 2 -18.10 4.23 -6.92
CA SER B 2 -17.68 3.33 -7.98
C SER B 2 -17.92 3.98 -9.35
N SER B 3 -18.73 5.04 -9.32
CA SER B 3 -19.06 5.74 -10.55
C SER B 3 -17.84 6.52 -11.04
N ALA B 4 -16.94 6.79 -10.11
CA ALA B 4 -15.72 7.53 -10.44
C ALA B 4 -14.62 6.54 -10.84
N ASN B 5 -13.48 7.09 -11.20
CA ASN B 5 -12.34 6.27 -11.60
C ASN B 5 -11.09 6.77 -10.89
N GLY B 6 -10.02 6.00 -11.03
CA GLY B 6 -8.76 6.35 -10.42
C GLY B 6 -7.61 6.31 -11.44
N LYS B 7 -6.47 6.86 -11.03
CA LYS B 7 -5.31 6.90 -11.89
C LYS B 7 -4.24 5.96 -11.33
N PHE B 8 -4.23 5.84 -10.01
CA PHE B 8 -3.27 4.98 -9.35
C PHE B 8 -3.86 3.60 -9.07
N ILE B 9 -4.62 3.11 -10.04
CA ILE B 9 -5.25 1.81 -9.92
C ILE B 9 -4.41 0.77 -10.66
N PRO B 10 -4.32 -0.45 -10.05
CA PRO B 10 -3.56 -1.53 -10.64
C PRO B 10 -4.30 -2.14 -11.84
N SER B 11 -3.58 -2.99 -12.57
CA SER B 11 -4.15 -3.63 -13.73
C SER B 11 -4.53 -5.08 -13.40
N ARG B 12 -3.64 -5.73 -12.67
CA ARG B 12 -3.87 -7.12 -12.27
C ARG B 12 -4.46 -7.18 -10.86
N PRO B 13 -5.08 -8.34 -10.55
CA PRO B 13 -5.69 -8.54 -9.25
C PRO B 13 -4.62 -8.78 -8.18
N ALA B 14 -3.55 -9.45 -8.58
CA ALA B 14 -2.47 -9.74 -7.67
C ALA B 14 -1.50 -10.73 -8.34
N PRO B 15 -0.18 -10.42 -8.21
CA PRO B 15 0.84 -11.27 -8.80
C PRO B 15 1.02 -12.55 -7.98
N LYS B 16 2.16 -13.21 -8.21
CA LYS B 16 2.46 -14.44 -7.50
C LYS B 16 3.91 -14.39 -7.01
N PRO B 17 4.06 -13.89 -5.75
CA PRO B 17 5.39 -13.79 -5.15
C PRO B 17 5.90 -15.16 -4.71
N PRO B 18 7.25 -15.22 -4.49
CA PRO B 18 7.87 -16.46 -4.06
C PRO B 18 7.57 -16.75 -2.59
N SER B 19 8.43 -16.22 -1.74
CA SER B 19 8.27 -16.42 -0.30
C SER B 19 7.25 -15.42 0.25
N SER B 20 6.46 -15.90 1.20
CA SER B 20 5.44 -15.07 1.82
C SER B 20 4.73 -15.84 2.94
N ALA B 21 3.83 -15.15 3.61
CA ALA B 21 3.08 -15.75 4.70
C ALA B 21 1.94 -16.58 4.11
N SER B 22 1.50 -16.19 2.93
CA SER B 22 0.41 -16.88 2.26
C SER B 22 0.33 -16.45 0.80
N ALA B 23 0.39 -17.44 -0.07
CA ALA B 23 0.34 -17.18 -1.51
C ALA B 23 -0.90 -17.86 -2.09
N SER B 24 -1.29 -17.39 -3.28
CA SER B 24 -2.45 -17.96 -3.96
C SER B 24 -2.01 -18.72 -5.20
N GLY A 1 1.84 10.60 6.03
CA GLY A 1 1.52 9.60 7.04
C GLY A 1 2.79 9.01 7.66
N SER A 2 2.62 8.44 8.85
CA SER A 2 3.74 7.84 9.55
C SER A 2 3.97 6.40 9.05
N LEU A 3 2.87 5.79 8.63
CA LEU A 3 2.92 4.42 8.13
C LEU A 3 4.15 4.26 7.24
N TYR A 4 4.68 3.04 7.23
CA TYR A 4 5.85 2.74 6.43
C TYR A 4 5.80 1.31 5.89
N ALA A 5 6.06 1.19 4.60
CA ALA A 5 6.03 -0.11 3.95
C ALA A 5 7.47 -0.51 3.60
N ILE A 6 7.73 -1.81 3.69
CA ILE A 6 9.05 -2.34 3.39
C ILE A 6 8.90 -3.54 2.44
N VAL A 7 9.76 -3.55 1.43
CA VAL A 7 9.75 -4.62 0.46
C VAL A 7 10.73 -5.72 0.88
N LEU A 8 10.27 -6.95 0.77
CA LEU A 8 11.10 -8.09 1.14
C LEU A 8 11.39 -8.94 -0.11
N TYR A 9 10.71 -8.58 -1.19
CA TYR A 9 10.89 -9.29 -2.45
C TYR A 9 10.73 -8.34 -3.64
N ASP A 10 11.41 -8.69 -4.72
CA ASP A 10 11.35 -7.88 -5.93
C ASP A 10 10.59 -8.66 -7.02
N PHE A 11 10.01 -7.89 -7.94
CA PHE A 11 9.26 -8.48 -9.03
C PHE A 11 9.10 -7.50 -10.19
N LYS A 12 8.64 -8.03 -11.32
CA LYS A 12 8.44 -7.21 -12.50
C LYS A 12 7.00 -6.70 -12.52
N ALA A 13 6.86 -5.41 -12.80
CA ALA A 13 5.55 -4.79 -12.85
C ALA A 13 5.18 -4.52 -14.32
N GLU A 14 3.89 -4.55 -14.58
CA GLU A 14 3.38 -4.31 -15.93
C GLU A 14 1.95 -3.78 -15.87
N LYS A 15 1.64 -3.12 -14.78
CA LYS A 15 0.31 -2.56 -14.59
C LYS A 15 0.35 -1.05 -14.87
N ALA A 16 -0.79 -0.41 -14.67
CA ALA A 16 -0.90 1.02 -14.90
C ALA A 16 0.13 1.74 -14.03
N ASP A 17 0.41 1.16 -12.88
CA ASP A 17 1.36 1.74 -11.95
C ASP A 17 2.61 0.85 -11.89
N GLU A 18 2.80 0.08 -12.95
CA GLU A 18 3.94 -0.81 -13.03
C GLU A 18 5.17 -0.16 -12.38
N LEU A 19 5.58 -0.74 -11.26
CA LEU A 19 6.74 -0.22 -10.54
C LEU A 19 7.66 -1.38 -10.17
N THR A 20 8.87 -1.32 -10.69
CA THR A 20 9.86 -2.36 -10.42
C THR A 20 10.61 -2.06 -9.11
N THR A 21 10.31 -2.85 -8.10
CA THR A 21 10.94 -2.69 -6.81
C THR A 21 12.05 -3.74 -6.61
N TYR A 22 12.70 -3.66 -5.47
CA TYR A 22 13.78 -4.58 -5.15
C TYR A 22 13.60 -5.15 -3.74
N VAL A 23 14.16 -6.34 -3.54
CA VAL A 23 14.08 -7.00 -2.26
C VAL A 23 14.64 -6.07 -1.17
N GLY A 24 14.17 -6.29 0.05
CA GLY A 24 14.61 -5.48 1.17
C GLY A 24 14.73 -4.01 0.77
N GLU A 25 13.59 -3.38 0.59
CA GLU A 25 13.55 -1.98 0.21
C GLU A 25 12.59 -1.21 1.12
N ASN A 26 12.67 0.11 1.04
CA ASN A 26 11.82 0.97 1.84
C ASN A 26 10.87 1.74 0.92
N LEU A 27 9.63 1.85 1.37
CA LEU A 27 8.62 2.56 0.60
C LEU A 27 7.54 3.10 1.54
N PHE A 28 6.98 4.23 1.16
CA PHE A 28 5.94 4.86 1.97
C PHE A 28 4.56 4.68 1.32
N ILE A 29 3.78 3.79 1.91
CA ILE A 29 2.44 3.53 1.41
C ILE A 29 1.47 4.57 1.96
N CYS A 30 0.84 5.29 1.04
CA CYS A 30 -0.11 6.32 1.42
C CYS A 30 -1.43 6.04 0.71
N ALA A 31 -1.38 5.08 -0.20
CA ALA A 31 -2.57 4.71 -0.95
C ALA A 31 -2.75 3.18 -0.89
N HIS A 32 -4.00 2.76 -0.95
CA HIS A 32 -4.32 1.35 -0.91
C HIS A 32 -5.64 1.09 -1.63
N HIS A 33 -5.73 -0.08 -2.23
CA HIS A 33 -6.94 -0.46 -2.95
C HIS A 33 -7.08 -1.99 -2.95
N ASN A 34 -8.33 -2.43 -2.88
CA ASN A 34 -8.62 -3.85 -2.86
C ASN A 34 -7.82 -4.52 -1.74
N CYS A 35 -7.39 -3.70 -0.80
CA CYS A 35 -6.61 -4.20 0.33
C CYS A 35 -5.62 -5.23 -0.19
N GLU A 36 -5.25 -5.06 -1.46
CA GLU A 36 -4.30 -5.98 -2.08
C GLU A 36 -3.18 -5.19 -2.77
N TRP A 37 -3.57 -4.10 -3.40
CA TRP A 37 -2.61 -3.25 -4.10
C TRP A 37 -2.44 -1.96 -3.29
N PHE A 38 -1.20 -1.66 -2.97
CA PHE A 38 -0.89 -0.46 -2.21
C PHE A 38 0.02 0.48 -3.00
N ILE A 39 -0.34 1.76 -2.98
CA ILE A 39 0.44 2.75 -3.69
C ILE A 39 1.35 3.49 -2.69
N ALA A 40 2.64 3.25 -2.83
CA ALA A 40 3.62 3.87 -1.96
C ALA A 40 4.54 4.76 -2.79
N LYS A 41 5.40 5.48 -2.09
CA LYS A 41 6.34 6.38 -2.75
C LYS A 41 7.77 6.06 -2.28
N PRO A 42 8.71 6.09 -3.25
CA PRO A 42 10.10 5.80 -2.95
C PRO A 42 10.76 6.98 -2.23
N ILE A 43 11.99 6.76 -1.80
CA ILE A 43 12.74 7.80 -1.10
C ILE A 43 14.01 8.13 -1.90
N GLY A 44 14.76 7.09 -2.22
CA GLY A 44 15.99 7.26 -2.97
C GLY A 44 15.73 7.16 -4.48
N ARG A 45 15.13 6.04 -4.86
CA ARG A 45 14.84 5.80 -6.27
C ARG A 45 13.92 6.91 -6.80
N LEU A 46 14.42 7.60 -7.82
CA LEU A 46 13.67 8.67 -8.43
C LEU A 46 12.40 8.11 -9.07
N GLY A 47 11.29 8.79 -8.82
CA GLY A 47 10.01 8.37 -9.35
C GLY A 47 8.95 8.31 -8.25
N GLY A 48 7.94 7.49 -8.50
CA GLY A 48 6.86 7.33 -7.54
C GLY A 48 5.71 8.29 -7.85
N PRO A 49 4.53 8.00 -7.22
CA PRO A 49 4.43 6.87 -6.31
C PRO A 49 4.36 5.57 -7.09
N GLY A 50 4.92 4.52 -6.48
CA GLY A 50 4.92 3.21 -7.10
C GLY A 50 3.88 2.29 -6.45
N LEU A 51 3.48 1.29 -7.22
CA LEU A 51 2.49 0.33 -6.73
C LEU A 51 3.21 -0.88 -6.14
N VAL A 52 2.60 -1.44 -5.10
CA VAL A 52 3.17 -2.60 -4.44
C VAL A 52 2.06 -3.35 -3.70
N PRO A 53 2.00 -4.69 -3.95
CA PRO A 53 1.01 -5.53 -3.32
C PRO A 53 1.35 -5.78 -1.85
N VAL A 54 0.44 -6.48 -1.17
CA VAL A 54 0.64 -6.79 0.24
C VAL A 54 1.29 -8.18 0.35
N GLY A 55 1.62 -8.74 -0.80
CA GLY A 55 2.25 -10.05 -0.83
C GLY A 55 3.75 -9.94 -1.12
N PHE A 56 4.14 -8.74 -1.55
CA PHE A 56 5.54 -8.49 -1.85
C PHE A 56 6.11 -7.38 -0.96
N VAL A 57 5.24 -6.85 -0.11
CA VAL A 57 5.64 -5.79 0.79
C VAL A 57 4.97 -6.00 2.16
N SER A 58 5.55 -5.37 3.17
CA SER A 58 5.01 -5.49 4.52
C SER A 58 4.81 -4.09 5.12
N ILE A 59 3.74 -3.98 5.90
CA ILE A 59 3.43 -2.71 6.54
C ILE A 59 4.16 -2.63 7.89
N ILE A 60 4.55 -1.41 8.23
CA ILE A 60 5.26 -1.18 9.48
C ILE A 60 5.23 0.31 9.81
N ASP A 61 5.30 0.61 11.10
CA ASP A 61 5.29 1.98 11.55
C ASP A 61 6.31 2.15 12.69
N ILE A 62 7.19 1.17 12.80
CA ILE A 62 8.21 1.20 13.83
C ILE A 62 7.57 0.92 15.19
N ALA A 63 6.94 -0.23 15.29
CA ALA A 63 6.28 -0.63 16.53
C ALA A 63 6.95 -1.89 17.08
N THR A 64 8.13 -2.17 16.55
CA THR A 64 8.88 -3.34 16.97
C THR A 64 8.11 -4.62 16.65
N GLY A 65 7.78 -4.77 15.37
CA GLY A 65 7.05 -5.94 14.92
C GLY A 65 6.65 -5.81 13.45
N TYR A 66 5.39 -6.11 13.17
CA TYR A 66 4.88 -6.02 11.82
C TYR A 66 3.36 -5.82 11.82
N ALA A 67 2.94 -4.74 11.16
CA ALA A 67 1.53 -4.43 11.07
C ALA A 67 0.98 -4.14 12.48
N THR A 68 1.92 -3.90 13.39
CA THR A 68 1.55 -3.61 14.77
C THR A 68 0.47 -4.58 15.24
N GLY A 69 0.74 -5.86 15.06
CA GLY A 69 -0.21 -6.89 15.46
C GLY A 69 -1.35 -7.01 14.46
N ASN A 70 -1.98 -5.87 14.20
CA ASN A 70 -3.10 -5.83 13.27
C ASN A 70 -2.59 -6.13 11.86
N ASP A 71 -3.14 -7.19 11.28
CA ASP A 71 -2.74 -7.60 9.94
C ASP A 71 -2.79 -6.39 9.00
N VAL A 72 -2.06 -6.49 7.90
CA VAL A 72 -2.02 -5.42 6.94
C VAL A 72 -3.40 -4.80 6.80
N ILE A 73 -4.36 -5.64 6.43
CA ILE A 73 -5.73 -5.19 6.25
C ILE A 73 -6.20 -4.49 7.54
N GLU A 74 -5.91 -5.14 8.66
CA GLU A 74 -6.29 -4.60 9.95
C GLU A 74 -5.51 -3.31 10.24
N ASP A 75 -4.46 -3.11 9.46
CA ASP A 75 -3.62 -1.92 9.62
C ASP A 75 -4.19 -0.78 8.77
N ILE A 76 -5.00 -1.17 7.80
CA ILE A 76 -5.61 -0.21 6.90
C ILE A 76 -6.64 0.63 7.69
N LYS A 77 -7.72 -0.03 8.06
CA LYS A 77 -8.78 0.62 8.80
C LYS A 77 -8.22 1.16 10.13
N SER A 78 -7.13 0.54 10.56
CA SER A 78 -6.48 0.94 11.79
C SER A 78 -6.28 2.46 11.81
N VAL A 79 -5.54 2.94 10.83
CA VAL A 79 -5.27 4.36 10.72
C VAL A 79 -6.23 4.98 9.70
N ASN A 80 -7.35 4.32 9.51
CA ASN A 80 -8.36 4.80 8.57
C ASN A 80 -7.67 5.18 7.26
N LEU A 81 -6.72 4.36 6.86
CA LEU A 81 -5.99 4.60 5.63
C LEU A 81 -6.98 4.75 4.46
N PRO A 82 -6.88 5.91 3.76
CA PRO A 82 -7.75 6.18 2.64
C PRO A 82 -7.34 5.37 1.41
N THR A 83 -8.31 5.10 0.56
CA THR A 83 -8.06 4.34 -0.65
C THR A 83 -7.05 5.06 -1.54
N VAL A 84 -6.90 4.56 -2.76
CA VAL A 84 -5.98 5.14 -3.71
C VAL A 84 -6.63 6.37 -4.36
N GLN A 85 -7.86 6.17 -4.82
CA GLN A 85 -8.60 7.24 -5.46
C GLN A 85 -9.36 8.06 -4.40
N GLU A 86 -9.41 7.52 -3.21
CA GLU A 86 -10.10 8.18 -2.11
C GLU A 86 -9.24 9.31 -1.56
N TRP A 87 -7.93 9.07 -1.54
CA TRP A 87 -7.00 10.06 -1.04
C TRP A 87 -6.62 10.99 -2.21
N LYS A 88 -6.05 10.39 -3.24
CA LYS A 88 -5.65 11.14 -4.41
C LYS A 88 -6.84 11.96 -4.93
N SER A 89 -8.03 11.52 -4.53
CA SER A 89 -9.24 12.20 -4.94
C SER A 89 -9.02 13.72 -4.94
N ASN A 90 -8.83 14.26 -3.75
CA ASN A 90 -8.62 15.69 -3.60
C ASN A 90 -7.61 15.93 -2.48
N ILE A 91 -6.50 16.55 -2.84
CA ILE A 91 -5.45 16.84 -1.88
C ILE A 91 -6.03 17.70 -0.75
N ALA A 92 -7.10 18.41 -1.08
CA ALA A 92 -7.77 19.26 -0.10
C ALA A 92 -9.08 18.62 0.33
N ARG A 93 -9.00 17.89 1.44
CA ARG A 93 -10.18 17.21 1.97
C ARG A 93 -10.91 18.13 2.95
N TYR A 94 -12.21 17.89 3.07
CA TYR A 94 -13.04 18.68 3.96
C TYR A 94 -12.28 19.04 5.24
N LYS A 95 -11.77 18.02 5.91
CA LYS A 95 -11.02 18.21 7.13
C LYS A 95 -9.57 17.78 6.91
N ALA A 96 -8.68 18.37 7.69
CA ALA A 96 -7.26 18.06 7.60
C ALA A 96 -6.78 17.46 8.92
N SER A 97 -6.97 18.23 9.98
CA SER A 97 -6.57 17.80 11.31
C SER A 97 -7.25 16.47 11.65
N ASN A 98 -6.62 15.73 12.54
CA ASN A 98 -7.14 14.44 12.96
C ASN A 98 -6.17 13.80 13.95
N ILE A 99 -6.69 13.50 15.14
CA ILE A 99 -5.88 12.88 16.18
C ILE A 99 -6.48 11.50 16.52
N SER A 100 -5.62 10.66 17.07
CA SER A 100 -6.03 9.31 17.44
C SER A 100 -5.11 8.76 18.53
N LEU A 101 -5.68 8.53 19.70
CA LEU A 101 -4.92 8.01 20.82
C LEU A 101 -3.97 6.91 20.32
N GLY A 102 -2.77 6.92 20.86
CA GLY A 102 -1.76 5.95 20.49
C GLY A 102 -1.44 5.01 21.65
N SER A 103 -0.91 3.85 21.31
CA SER A 103 -0.55 2.86 22.30
C SER A 103 0.69 2.08 21.86
N VAL A 104 1.44 1.59 22.84
CA VAL A 104 2.64 0.83 22.56
C VAL A 104 2.53 -0.54 23.23
N GLU A 105 1.35 -1.12 23.13
CA GLU A 105 1.10 -2.43 23.71
C GLU A 105 2.00 -3.49 23.05
N SER B 1 -20.98 -1.33 -15.35
CA SER B 1 -19.59 -1.62 -15.00
C SER B 1 -18.75 -0.35 -15.12
N SER B 2 -18.08 -0.01 -14.04
CA SER B 2 -17.24 1.18 -14.00
C SER B 2 -15.84 0.82 -14.52
N SER B 3 -15.20 1.82 -15.12
CA SER B 3 -13.87 1.64 -15.65
C SER B 3 -12.97 2.80 -15.23
N ALA B 4 -13.48 4.00 -15.42
CA ALA B 4 -12.74 5.21 -15.06
C ALA B 4 -12.77 5.38 -13.54
N ASN B 5 -11.82 4.72 -12.89
CA ASN B 5 -11.72 4.79 -11.43
C ASN B 5 -10.47 5.58 -11.05
N GLY B 6 -9.40 5.33 -11.79
CA GLY B 6 -8.14 6.01 -11.54
C GLY B 6 -7.05 5.50 -12.48
N LYS B 7 -5.84 5.98 -12.25
CA LYS B 7 -4.71 5.59 -13.07
C LYS B 7 -3.79 4.67 -12.26
N PHE B 8 -4.02 4.65 -10.96
CA PHE B 8 -3.23 3.83 -10.06
C PHE B 8 -3.89 2.46 -9.86
N ILE B 9 -5.01 2.28 -10.54
CA ILE B 9 -5.74 1.02 -10.45
C ILE B 9 -4.96 -0.07 -11.17
N PRO B 10 -4.88 -1.26 -10.51
CA PRO B 10 -4.17 -2.39 -11.09
C PRO B 10 -4.98 -3.04 -12.20
N SER B 11 -4.33 -3.95 -12.91
CA SER B 11 -4.99 -4.65 -14.01
C SER B 11 -5.08 -6.15 -13.69
N ARG B 12 -4.42 -6.54 -12.62
CA ARG B 12 -4.43 -7.93 -12.20
C ARG B 12 -4.95 -8.05 -10.77
N PRO B 13 -5.31 -9.31 -10.40
CA PRO B 13 -5.83 -9.58 -9.07
C PRO B 13 -4.71 -9.55 -8.03
N ALA B 14 -3.56 -10.08 -8.43
CA ALA B 14 -2.41 -10.12 -7.54
C ALA B 14 -1.41 -11.15 -8.07
N PRO B 15 -0.10 -10.77 -7.97
CA PRO B 15 0.97 -11.64 -8.45
C PRO B 15 1.20 -12.79 -7.47
N LYS B 16 2.37 -13.40 -7.59
CA LYS B 16 2.73 -14.52 -6.73
C LYS B 16 4.21 -14.40 -6.34
N PRO B 17 4.43 -13.95 -5.08
CA PRO B 17 5.79 -13.79 -4.57
C PRO B 17 6.40 -15.16 -4.23
N PRO B 18 7.75 -15.14 -4.04
CA PRO B 18 8.48 -16.35 -3.72
C PRO B 18 8.23 -16.77 -2.27
N SER B 19 9.07 -16.23 -1.38
CA SER B 19 8.95 -16.53 0.03
C SER B 19 7.82 -15.72 0.64
N SER B 20 6.61 -16.26 0.53
CA SER B 20 5.44 -15.59 1.07
C SER B 20 4.50 -16.62 1.70
N ALA B 21 3.68 -16.14 2.61
CA ALA B 21 2.73 -17.01 3.30
C ALA B 21 1.40 -16.27 3.45
N SER B 22 0.32 -17.04 3.33
CA SER B 22 -1.02 -16.47 3.45
C SER B 22 -2.02 -17.58 3.74
N ALA B 23 -3.01 -17.24 4.55
CA ALA B 23 -4.05 -18.20 4.92
C ALA B 23 -5.13 -18.20 3.84
N SER B 24 -5.66 -19.39 3.59
CA SER B 24 -6.70 -19.55 2.58
C SER B 24 -6.21 -19.02 1.23
N GLY A 1 0.15 8.64 8.15
CA GLY A 1 1.18 9.20 7.30
C GLY A 1 2.57 8.70 7.74
N SER A 2 2.61 8.09 8.90
CA SER A 2 3.85 7.57 9.43
C SER A 2 3.91 6.05 9.25
N LEU A 3 3.59 5.62 8.03
CA LEU A 3 3.60 4.21 7.71
C LEU A 3 4.78 3.91 6.77
N TYR A 4 5.51 2.86 7.10
CA TYR A 4 6.65 2.46 6.30
C TYR A 4 6.55 1.00 5.89
N ALA A 5 6.70 0.76 4.59
CA ALA A 5 6.63 -0.59 4.07
C ALA A 5 8.03 -1.04 3.60
N ILE A 6 8.30 -2.32 3.79
CA ILE A 6 9.59 -2.87 3.41
C ILE A 6 9.36 -4.04 2.45
N VAL A 7 9.98 -3.93 1.28
CA VAL A 7 9.85 -4.98 0.27
C VAL A 7 10.79 -6.12 0.62
N LEU A 8 10.20 -7.30 0.77
CA LEU A 8 10.97 -8.49 1.10
C LEU A 8 11.27 -9.27 -0.18
N TYR A 9 10.55 -8.93 -1.24
CA TYR A 9 10.72 -9.58 -2.52
C TYR A 9 10.51 -8.60 -3.67
N ASP A 10 11.03 -8.98 -4.83
CA ASP A 10 10.92 -8.14 -6.01
C ASP A 10 9.75 -8.64 -6.87
N PHE A 11 9.22 -7.73 -7.69
CA PHE A 11 8.11 -8.06 -8.56
C PHE A 11 8.16 -7.22 -9.84
N LYS A 12 7.92 -7.91 -10.96
CA LYS A 12 7.92 -7.25 -12.25
C LYS A 12 6.64 -6.44 -12.41
N ALA A 13 6.81 -5.16 -12.71
CA ALA A 13 5.67 -4.28 -12.90
C ALA A 13 5.23 -4.32 -14.37
N GLU A 14 3.95 -4.05 -14.58
CA GLU A 14 3.40 -4.05 -15.92
C GLU A 14 2.02 -3.38 -15.93
N LYS A 15 1.85 -2.44 -15.01
CA LYS A 15 0.60 -1.73 -14.90
C LYS A 15 0.87 -0.22 -14.88
N ALA A 16 -0.19 0.55 -14.69
CA ALA A 16 -0.07 2.00 -14.65
C ALA A 16 0.90 2.39 -13.54
N ASP A 17 0.80 1.68 -12.42
CA ASP A 17 1.66 1.95 -11.29
C ASP A 17 2.93 1.11 -11.41
N GLU A 18 3.16 0.63 -12.62
CA GLU A 18 4.33 -0.19 -12.89
C GLU A 18 5.54 0.35 -12.12
N LEU A 19 5.77 -0.26 -10.95
CA LEU A 19 6.88 0.15 -10.12
C LEU A 19 7.84 -1.02 -9.95
N THR A 20 8.99 -0.92 -10.60
CA THR A 20 9.99 -1.96 -10.52
C THR A 20 10.91 -1.74 -9.32
N THR A 21 10.86 -2.68 -8.39
CA THR A 21 11.67 -2.60 -7.19
C THR A 21 12.33 -3.95 -6.90
N TYR A 22 13.45 -3.89 -6.20
CA TYR A 22 14.18 -5.09 -5.85
C TYR A 22 13.78 -5.60 -4.46
N VAL A 23 14.20 -6.82 -4.16
CA VAL A 23 13.89 -7.42 -2.87
C VAL A 23 14.63 -6.65 -1.77
N GLY A 24 14.11 -6.79 -0.55
CA GLY A 24 14.71 -6.12 0.59
C GLY A 24 14.78 -4.61 0.36
N GLU A 25 13.64 -4.04 -0.02
CA GLU A 25 13.56 -2.62 -0.27
C GLU A 25 12.71 -1.94 0.81
N ASN A 26 12.68 -0.61 0.75
CA ASN A 26 11.92 0.16 1.70
C ASN A 26 11.16 1.27 0.97
N LEU A 27 9.84 1.20 1.04
CA LEU A 27 9.01 2.20 0.39
C LEU A 27 7.98 2.73 1.39
N PHE A 28 7.51 3.94 1.13
CA PHE A 28 6.52 4.57 2.01
C PHE A 28 5.14 4.54 1.37
N ILE A 29 4.24 3.81 2.00
CA ILE A 29 2.88 3.69 1.51
C ILE A 29 2.19 5.06 1.58
N CYS A 30 1.12 5.19 0.81
CA CYS A 30 0.38 6.43 0.78
C CYS A 30 -1.09 6.11 0.45
N ALA A 31 -1.26 5.25 -0.54
CA ALA A 31 -2.59 4.85 -0.95
C ALA A 31 -2.73 3.32 -0.80
N HIS A 32 -3.98 2.87 -0.86
CA HIS A 32 -4.26 1.46 -0.72
C HIS A 32 -5.56 1.13 -1.47
N HIS A 33 -5.59 -0.08 -2.02
CA HIS A 33 -6.75 -0.53 -2.77
C HIS A 33 -6.94 -2.03 -2.57
N ASN A 34 -8.18 -2.43 -2.38
CA ASN A 34 -8.50 -3.83 -2.18
C ASN A 34 -7.59 -4.41 -1.10
N CYS A 35 -7.12 -3.53 -0.23
CA CYS A 35 -6.24 -3.94 0.85
C CYS A 35 -5.28 -5.00 0.32
N GLU A 36 -4.97 -4.88 -0.96
CA GLU A 36 -4.07 -5.81 -1.61
C GLU A 36 -2.94 -5.06 -2.33
N TRP A 37 -3.31 -3.95 -2.94
CA TRP A 37 -2.35 -3.14 -3.66
C TRP A 37 -2.22 -1.81 -2.93
N PHE A 38 -0.98 -1.41 -2.70
CA PHE A 38 -0.70 -0.15 -2.02
C PHE A 38 0.15 0.77 -2.88
N ILE A 39 -0.14 2.06 -2.77
CA ILE A 39 0.60 3.05 -3.54
C ILE A 39 1.60 3.76 -2.63
N ALA A 40 2.84 3.28 -2.67
CA ALA A 40 3.89 3.86 -1.85
C ALA A 40 4.73 4.81 -2.71
N LYS A 41 5.78 5.34 -2.09
CA LYS A 41 6.66 6.27 -2.78
C LYS A 41 8.06 6.16 -2.18
N PRO A 42 9.06 6.64 -2.97
CA PRO A 42 10.45 6.60 -2.53
C PRO A 42 10.72 7.68 -1.49
N ILE A 43 11.95 7.69 -0.98
CA ILE A 43 12.34 8.67 0.01
C ILE A 43 12.97 9.87 -0.68
N GLY A 44 13.12 9.75 -1.99
CA GLY A 44 13.71 10.83 -2.78
C GLY A 44 12.69 11.40 -3.77
N ARG A 45 11.61 10.65 -3.96
CA ARG A 45 10.56 11.06 -4.87
C ARG A 45 11.11 11.17 -6.30
N LEU A 46 11.72 10.08 -6.76
CA LEU A 46 12.29 10.05 -8.09
C LEU A 46 11.73 8.84 -8.85
N GLY A 47 10.45 8.58 -8.61
CA GLY A 47 9.79 7.46 -9.25
C GLY A 47 8.33 7.36 -8.82
N GLY A 48 8.14 7.34 -7.50
CA GLY A 48 6.80 7.25 -6.94
C GLY A 48 5.84 8.19 -7.66
N PRO A 49 4.52 8.02 -7.35
CA PRO A 49 4.11 7.01 -6.40
C PRO A 49 4.18 5.61 -7.01
N GLY A 50 4.87 4.72 -6.30
CA GLY A 50 5.02 3.35 -6.77
C GLY A 50 3.97 2.44 -6.14
N LEU A 51 3.64 1.39 -6.87
CA LEU A 51 2.65 0.43 -6.40
C LEU A 51 3.36 -0.79 -5.80
N VAL A 52 2.74 -1.34 -4.77
CA VAL A 52 3.30 -2.51 -4.11
C VAL A 52 2.19 -3.24 -3.34
N PRO A 53 2.09 -4.57 -3.60
CA PRO A 53 1.09 -5.38 -2.95
C PRO A 53 1.48 -5.66 -1.50
N VAL A 54 0.58 -6.35 -0.79
CA VAL A 54 0.82 -6.69 0.60
C VAL A 54 1.36 -8.12 0.68
N GLY A 55 1.60 -8.69 -0.49
CA GLY A 55 2.13 -10.05 -0.54
C GLY A 55 3.61 -10.05 -0.88
N PHE A 56 4.10 -8.89 -1.29
CA PHE A 56 5.50 -8.73 -1.64
C PHE A 56 6.16 -7.63 -0.80
N VAL A 57 5.38 -7.08 0.12
CA VAL A 57 5.87 -6.03 0.98
C VAL A 57 5.31 -6.23 2.39
N SER A 58 6.05 -5.70 3.37
CA SER A 58 5.66 -5.83 4.76
C SER A 58 5.47 -4.44 5.37
N ILE A 59 4.27 -4.22 5.91
CA ILE A 59 3.96 -2.94 6.53
C ILE A 59 4.61 -2.88 7.91
N ILE A 60 5.15 -1.71 8.22
CA ILE A 60 5.81 -1.50 9.51
C ILE A 60 5.98 0.00 9.74
N ASP A 61 6.59 0.32 10.88
CA ASP A 61 6.82 1.70 11.25
C ASP A 61 8.13 1.82 12.01
N ILE A 62 8.10 1.33 13.24
CA ILE A 62 9.29 1.36 14.10
C ILE A 62 9.39 0.05 14.88
N ALA A 63 9.52 -1.04 14.12
CA ALA A 63 9.63 -2.36 14.73
C ALA A 63 9.81 -3.40 13.63
N THR A 64 10.11 -4.62 14.06
CA THR A 64 10.31 -5.72 13.12
C THR A 64 8.97 -6.37 12.77
N GLY A 65 9.07 -7.58 12.23
CA GLY A 65 7.88 -8.32 11.84
C GLY A 65 6.84 -7.39 11.22
N TYR A 66 5.89 -6.99 12.05
CA TYR A 66 4.82 -6.10 11.60
C TYR A 66 4.83 -4.78 12.37
N ALA A 67 4.00 -3.86 11.94
CA ALA A 67 3.90 -2.56 12.58
C ALA A 67 4.01 -2.75 14.09
N THR A 68 2.96 -3.32 14.66
CA THR A 68 2.91 -3.55 16.10
C THR A 68 2.44 -4.97 16.39
N GLY A 69 2.32 -5.76 15.33
CA GLY A 69 1.88 -7.14 15.46
C GLY A 69 0.47 -7.32 14.87
N ASN A 70 0.00 -6.27 14.23
CA ASN A 70 -1.33 -6.29 13.62
C ASN A 70 -1.20 -6.73 12.15
N ASP A 71 -2.35 -6.88 11.52
CA ASP A 71 -2.38 -7.28 10.12
C ASP A 71 -2.45 -6.05 9.24
N VAL A 72 -1.78 -6.13 8.10
CA VAL A 72 -1.75 -5.02 7.15
C VAL A 72 -3.16 -4.42 7.05
N ILE A 73 -4.12 -5.28 6.80
CA ILE A 73 -5.50 -4.84 6.67
C ILE A 73 -5.92 -4.13 7.96
N GLU A 74 -5.82 -4.85 9.07
CA GLU A 74 -6.19 -4.30 10.35
C GLU A 74 -5.57 -2.91 10.53
N ASP A 75 -4.44 -2.72 9.88
CA ASP A 75 -3.73 -1.45 9.95
C ASP A 75 -4.49 -0.40 9.13
N ILE A 76 -5.02 -0.86 8.01
CA ILE A 76 -5.78 0.02 7.13
C ILE A 76 -7.00 0.56 7.87
N LYS A 77 -7.94 -0.34 8.13
CA LYS A 77 -9.15 0.04 8.83
C LYS A 77 -8.79 0.78 10.12
N SER A 78 -7.67 0.40 10.68
CA SER A 78 -7.19 1.01 11.90
C SER A 78 -7.19 2.54 11.76
N VAL A 79 -6.41 3.01 10.80
CA VAL A 79 -6.31 4.43 10.54
C VAL A 79 -7.34 4.83 9.49
N ASN A 80 -8.29 3.93 9.26
CA ASN A 80 -9.34 4.17 8.29
C ASN A 80 -8.74 4.85 7.05
N LEU A 81 -7.51 4.44 6.72
CA LEU A 81 -6.82 4.99 5.57
C LEU A 81 -7.75 4.96 4.36
N PRO A 82 -7.77 6.10 3.63
CA PRO A 82 -8.60 6.22 2.44
C PRO A 82 -8.01 5.44 1.27
N THR A 83 -8.84 5.22 0.26
CA THR A 83 -8.41 4.48 -0.91
C THR A 83 -7.52 5.37 -1.79
N VAL A 84 -7.16 4.83 -2.95
CA VAL A 84 -6.32 5.55 -3.88
C VAL A 84 -7.17 6.56 -4.65
N GLN A 85 -8.28 6.07 -5.19
CA GLN A 85 -9.18 6.90 -5.95
C GLN A 85 -10.01 7.79 -5.00
N GLU A 86 -9.98 7.43 -3.73
CA GLU A 86 -10.72 8.17 -2.72
C GLU A 86 -9.91 9.38 -2.25
N TRP A 87 -8.66 9.11 -1.90
CA TRP A 87 -7.76 10.15 -1.43
C TRP A 87 -7.42 11.04 -2.62
N LYS A 88 -6.77 10.44 -3.61
CA LYS A 88 -6.37 11.16 -4.80
C LYS A 88 -7.57 11.94 -5.33
N SER A 89 -8.76 11.46 -4.99
CA SER A 89 -9.98 12.10 -5.43
C SER A 89 -9.83 13.61 -5.39
N ASN A 90 -9.19 14.08 -4.33
CA ASN A 90 -8.97 15.50 -4.16
C ASN A 90 -8.00 15.74 -3.00
N ILE A 91 -6.78 16.13 -3.37
CA ILE A 91 -5.75 16.39 -2.38
C ILE A 91 -6.37 17.09 -1.17
N ALA A 92 -7.29 18.00 -1.47
CA ALA A 92 -7.96 18.76 -0.42
C ALA A 92 -9.41 19.00 -0.82
N ARG A 93 -10.31 18.76 0.13
CA ARG A 93 -11.72 18.95 -0.12
C ARG A 93 -12.48 19.05 1.21
N TYR A 94 -13.69 19.60 1.12
CA TYR A 94 -14.52 19.75 2.31
C TYR A 94 -14.65 18.44 3.06
N LYS A 95 -14.32 18.49 4.35
CA LYS A 95 -14.39 17.32 5.19
C LYS A 95 -15.83 17.13 5.67
N ALA A 96 -16.41 16.01 5.30
CA ALA A 96 -17.77 15.69 5.69
C ALA A 96 -17.78 15.14 7.12
N SER A 97 -17.36 13.89 7.23
CA SER A 97 -17.32 13.23 8.53
C SER A 97 -16.13 12.28 8.58
N ASN A 98 -15.94 11.68 9.75
CA ASN A 98 -14.85 10.75 9.95
C ASN A 98 -15.26 9.71 11.00
N ILE A 99 -15.30 8.46 10.56
CA ILE A 99 -15.67 7.37 11.44
C ILE A 99 -14.54 6.34 11.49
N SER A 100 -14.48 5.61 12.60
CA SER A 100 -13.45 4.60 12.78
C SER A 100 -13.93 3.56 13.80
N LEU A 101 -13.81 2.31 13.39
CA LEU A 101 -14.21 1.20 14.26
C LEU A 101 -12.97 0.57 14.89
N GLY A 102 -13.11 0.23 16.16
CA GLY A 102 -12.02 -0.38 16.89
C GLY A 102 -11.51 -1.63 16.18
N SER A 103 -10.23 -1.92 16.41
CA SER A 103 -9.61 -3.08 15.78
C SER A 103 -9.92 -4.34 16.61
N VAL A 104 -10.15 -5.43 15.89
CA VAL A 104 -10.45 -6.70 16.53
C VAL A 104 -9.16 -7.44 16.82
N GLU A 105 -9.28 -8.48 17.64
CA GLU A 105 -8.13 -9.28 18.01
C GLU A 105 -6.91 -8.39 18.24
N SER B 1 -19.64 -2.83 -10.98
CA SER B 1 -18.98 -1.94 -11.93
C SER B 1 -18.67 -0.59 -11.26
N SER B 2 -17.41 -0.21 -11.36
CA SER B 2 -16.98 1.05 -10.78
C SER B 2 -17.38 2.21 -11.68
N SER B 3 -17.82 3.28 -11.04
CA SER B 3 -18.25 4.47 -11.78
C SER B 3 -17.04 5.14 -12.42
N ALA B 4 -16.25 5.80 -11.59
CA ALA B 4 -15.05 6.48 -12.07
C ALA B 4 -13.96 5.46 -12.35
N ASN B 5 -12.90 5.93 -13.00
CA ASN B 5 -11.78 5.07 -13.33
C ASN B 5 -10.49 5.69 -12.82
N GLY B 6 -9.90 5.05 -11.83
CA GLY B 6 -8.66 5.53 -11.24
C GLY B 6 -7.49 5.32 -12.19
N LYS B 7 -6.37 5.96 -11.87
CA LYS B 7 -5.18 5.84 -12.69
C LYS B 7 -4.14 5.02 -11.93
N PHE B 8 -4.27 5.02 -10.61
CA PHE B 8 -3.34 4.28 -9.77
C PHE B 8 -3.91 2.89 -9.44
N ILE B 9 -4.71 2.37 -10.36
CA ILE B 9 -5.31 1.07 -10.17
C ILE B 9 -4.47 0.02 -10.92
N PRO B 10 -4.32 -1.16 -10.26
CA PRO B 10 -3.55 -2.25 -10.85
C PRO B 10 -4.34 -2.94 -11.95
N SER B 11 -3.61 -3.40 -12.96
CA SER B 11 -4.23 -4.08 -14.08
C SER B 11 -4.56 -5.52 -13.70
N ARG B 12 -3.52 -6.26 -13.35
CA ARG B 12 -3.68 -7.66 -12.96
C ARG B 12 -4.06 -7.76 -11.48
N PRO B 13 -4.57 -8.96 -11.10
CA PRO B 13 -4.98 -9.20 -9.73
C PRO B 13 -3.76 -9.39 -8.82
N ALA B 14 -4.02 -9.89 -7.62
CA ALA B 14 -2.95 -10.13 -6.66
C ALA B 14 -1.90 -11.04 -7.29
N PRO B 15 -0.61 -10.69 -7.04
CA PRO B 15 0.49 -11.47 -7.58
C PRO B 15 0.67 -12.77 -6.80
N LYS B 16 1.84 -13.37 -6.96
CA LYS B 16 2.14 -14.62 -6.29
C LYS B 16 3.59 -14.57 -5.77
N PRO B 17 3.73 -14.07 -4.52
CA PRO B 17 5.04 -13.98 -3.90
C PRO B 17 5.55 -15.35 -3.45
N PRO B 18 6.88 -15.43 -3.24
CA PRO B 18 7.51 -16.67 -2.80
C PRO B 18 7.22 -16.95 -1.33
N SER B 19 7.38 -15.90 -0.53
CA SER B 19 7.14 -16.02 0.91
C SER B 19 6.18 -14.93 1.37
N SER B 20 4.97 -15.36 1.70
CA SER B 20 3.94 -14.44 2.14
C SER B 20 3.64 -14.68 3.63
N ALA B 21 4.02 -15.85 4.10
CA ALA B 21 3.79 -16.22 5.48
C ALA B 21 4.82 -17.28 5.90
N SER B 22 4.70 -17.71 7.15
CA SER B 22 5.61 -18.72 7.67
C SER B 22 4.85 -20.01 7.98
N ALA B 23 3.69 -20.14 7.32
CA ALA B 23 2.87 -21.32 7.52
C ALA B 23 2.64 -22.01 6.17
N SER B 24 2.41 -23.31 6.23
CA SER B 24 2.19 -24.10 5.03
C SER B 24 3.34 -23.89 4.05
#